data_6J8J
#
_entry.id   6J8J
#
_cell.length_a   1
_cell.length_b   1
_cell.length_c   1
_cell.angle_alpha   90.00
_cell.angle_beta   90.00
_cell.angle_gamma   90.00
#
_symmetry.space_group_name_H-M   'P 1'
#
loop_
_entity.id
_entity.type
_entity.pdbx_description
1 polymer 'Sodium channel subunit beta-2'
2 polymer 'Sodium channel protein type 9 subunit alpha'
3 polymer 'Sodium channel subunit beta-1'
4 branched 2-acetamido-2-deoxy-beta-D-glucopyranose-(1-4)-2-acetamido-2-deoxy-beta-D-glucopyranose
5 non-polymer 2-acetamido-2-deoxy-beta-D-glucopyranose
6 non-polymer '(1R,5R,6R,7R,9S,11S,12S,13S,14S)-3-amino-14-(hydroxymethyl)-8,10-dioxa-2,4-diazatetracyclo[7.3.1.1~7,11~.0~1,6~]tetradec-3-ene-5,9,12,13,14-pentol (non-preferred name)'
#
loop_
_entity_poly.entity_id
_entity_poly.type
_entity_poly.pdbx_seq_one_letter_code
_entity_poly.pdbx_strand_id
1 'polypeptide(L)'
;MHRDAWLPRPAFSLTGLSLFFSLVPPGRSMEVTVPATLNVLNGSDARLPCTFNSCYTVNHKQFSLNWTYQECNNCSEEMF
LQFRMKIINLKLERFQDRVEFSGNPSKYDVSVMLRNVQPEDEGIYNCYIMNPPDRHRGHGKIHLQVLMEEPPERDSTVAV
IVGASVGGFLAVVILVLMVVKCVRRKKEQKLSTDDLKTEEEGKTDGEGNPDDGAK
;
C
2 'polypeptide(L)'
;MASWSHPQFEKGGGARGGSGGGSWSHPQFEKGFDYKDDDDKGTMAMLPPPGPQSFVHFTKQSLALIEQRIAERKSKEPKE
EKKDDDEEAPKPSSDLEAGKQLPFIYGDIPPGMVSEPLEDLDPYYADKKTFIVLNKGKTIFRFNATPALYMLSPFSPLRR
ISIKILVHSLFSMLIMCTILTNCIFMTMNNPPDWTKNVEYTFTGIYTFESLVKILARGFCVGEFTFLRDPWNWLDFVVIV
FAYLTEFVNLGNVSALRTFRVLRALKTISVIPGLKTIVGALIQSVKKLSDVMILTVFCLSVFALIGLQLFMGNLKHKCFR
NSLENNETLESIMNTLESEEDFRKYFYYLEGSKDALLCGFSTDSGQCPEGYTCVKIGRNPDYGYTSFDTFSWAFLALFRL
MTQDYWENLYQQTLRAAGKTYMIFFVVVIFLGSFYLINLILAVVAMAYKEQNQANIEEAKQKELEFQQMLDRLKKEQEEA
EAIAAAAAEYTSIRRSRIMGLSESSSETSKLSSKSAKERRNRRKKKNQKKLSSGEEKGDAEKLSKSESEDSIRRKSFHLG
VEGHRRAHEKRLSTPNQSPLSIRGSLFSARRSSRTSLFSFKGRGRDIGSETEFADDEHSIFGDNESRRGSLFVPHRPQER
RSSNISQASRSPPMLPVNGKMHSAVDCNGVVSLVDGRSALMLPNGQLLPEVIIDKATSDDSGTTNQIHKKRRCSSYLLSE
DMLNDPNLRQRAMSRASILTNTVEELEESRQKCPPWWYRFAHKFLIWNCSPYWIKFKKCIYFIVMDPFVDLAITICIVLN
TLFMAMEHHPMTEEFKNVLAIGNLVFTGIFAAEMVLKLIAMDPYEYFQVGWNIFDSLIVTLSLVELFLADVEGLSVLRSF
RLLRVFKLAKSWPTLNMLIKIIGNSVGALGNLTLVLAIIVFIFAVVGMQLFGKSYKECVCKINDDCTLPRWHMNDFFHSF
LIVFRVLCGEWIETMWDCMEVAGQAMCLIVYMMVMVIGNLVVLNLFLALLLSSFSSDNLTAIEEDPDANNLQIAVTRIKK
GINYVKQTLREFILKAFSKKPKISREIRQAEDLNTKKENYISNHTLAEMSKGHNFLKEKDKISGFGSSVDKHLMEDSDGQ
SFIHNPSLTVTVPIAPGESDLENMNAEELSSDSDSEYSKVRLNRSSSSECSTVDNPLPGEGEEAEAEPMNSDEPEACFTD
GCVWRFSCCQVNIESGKGKIWWNIRKTCYKIVEHSWFESFIVLMILLSSGALAFEDIYIERKKTIKIILEYADKIFTYIF
ILEMLLKWIAYGYKTYFTNAWCWLDFLIVDVSLVTLVANTLGYSDLGPIKSLRTLRALRPLRALSRFEGMRVVVNALIGA
IPSIMNVLLVCLIFWLIFSIMGVNLFAGKFYECINTTDGSRFPASQVPNRSECFALMNVSQNVRWKNLKVNFDNVGLGYL
SLLQVATFKGWTIIMYAAVDSVNVDKQPKYEYSLYMYIYFVVFIIFGSFFTLNLFIGVIIDNFNQQKKKLGGQDIFMTEE
QKKYYNAMKKLGSKKPQKPIPRPGNKIQGCIFDLVTNQAFDISIMVLICLNMVTMMVEKEGQSQHMTEVLYWINVVFIIL
FTGECVLKLISLRHYYFTVGWNIFDFVVVIISIVGMFLADLIETYFVSPTLFRVIRLARIGRILRLVKGAKGIRTLLFAL
MMSLPALFNIGLLLFLVMFIYAIFGMSNFAYVKKEDGINDMFNFETFGNSMICLFQITTSAGWDGLLAPILNSKPPDCDP
KKVHPGSSVEGDCGNPSVGIFYFVSYIIISFLVVVNMYIAVILENFSVATEESTEPLSEDDFEMFYEVWEKFDPDATQFI
EFSKLSDFAAALDPPLLIAKPNKVQLIAMDLPMVSGDRIHCLDILFAFTKRVLGESGEMDSLRSQMEERFMSANPSKVSY
EPITTTLKRKQEDVSATVIQRAYRRYRLRQNVKNISSIYIKDGDRDDDLLNKKDMAFDNVNENSSPEKTDATSSTTSPPS
YDSVTKPDKEKYEQDRTEKEDKGKDSKESKK
;
A
3 'polypeptide(L)'
;MGRLLALVVGAALVSSACGGCVEVDSETEAVYGMTFKILCISCKRRSETNAETFTEWTFRQKGTEEFVKILRYENEVLQL
EEDERFEGRVVWNGSRGTKDLQDLSIFITNVTYNHSGDYECHVYRLLFFENYEHNTSVVKKIHIEVVDKANRDMASIVSE
IMMYVLIVVLTIWLVAEMIYCYKKIAAATETAAQENASEYLAITSESKENCTGVQVAE
;
B
#
loop_
_chem_comp.id
_chem_comp.type
_chem_comp.name
_chem_comp.formula
9SR non-polymer '(1R,5R,6R,7R,9S,11S,12S,13S,14S)-3-amino-14-(hydroxymethyl)-8,10-dioxa-2,4-diazatetracyclo[7.3.1.1~7,11~.0~1,6~]tetradec-3-ene-5,9,12,13,14-pentol (non-preferred name)' 'C11 H17 N3 O8'
NAG D-saccharide, beta linking 2-acetamido-2-deoxy-beta-D-glucopyranose 'C8 H15 N O6'
#
# COMPACT_ATOMS: atom_id res chain seq x y z
N SER A 29 -31.20 28.11 3.65
CA SER A 29 -30.66 29.39 4.10
C SER A 29 -29.40 29.19 4.94
N MET A 30 -28.57 30.22 5.01
CA MET A 30 -27.35 30.13 5.80
C MET A 30 -27.66 30.07 7.29
N GLU A 31 -26.83 29.34 8.03
CA GLU A 31 -27.01 29.20 9.46
C GLU A 31 -26.49 30.42 10.20
N VAL A 32 -27.37 31.39 10.50
CA VAL A 32 -26.91 32.57 11.22
C VAL A 32 -27.70 32.65 12.51
N THR A 33 -26.99 32.73 13.63
CA THR A 33 -27.61 32.71 14.95
C THR A 33 -27.56 34.11 15.54
N VAL A 34 -28.74 34.68 15.77
CA VAL A 34 -28.90 35.97 16.41
C VAL A 34 -30.13 35.91 17.31
N PRO A 35 -30.22 36.79 18.29
CA PRO A 35 -31.48 36.93 19.04
C PRO A 35 -32.49 37.69 18.20
N ALA A 36 -33.68 37.13 18.05
CA ALA A 36 -34.70 37.81 17.27
C ALA A 36 -35.08 39.15 17.90
N THR A 37 -35.12 39.21 19.24
CA THR A 37 -35.41 40.42 19.98
C THR A 37 -34.28 40.60 20.99
N LEU A 38 -33.78 41.83 21.10
CA LEU A 38 -32.76 42.16 22.07
C LEU A 38 -33.21 43.40 22.82
N ASN A 39 -33.42 43.25 24.12
CA ASN A 39 -33.93 44.32 24.98
C ASN A 39 -32.79 44.83 25.83
N VAL A 40 -32.50 46.12 25.73
CA VAL A 40 -31.36 46.74 26.39
C VAL A 40 -31.79 48.02 27.06
N LEU A 41 -31.26 48.26 28.26
CA LEU A 41 -31.57 49.48 28.99
C LEU A 41 -30.90 50.69 28.35
N ASN A 42 -31.62 51.80 28.30
CA ASN A 42 -31.05 53.05 27.84
C ASN A 42 -29.80 53.39 28.64
N GLY A 43 -28.71 53.68 27.93
CA GLY A 43 -27.45 54.02 28.54
C GLY A 43 -26.49 52.87 28.71
N SER A 44 -26.97 51.63 28.64
CA SER A 44 -26.08 50.48 28.73
C SER A 44 -25.46 50.18 27.36
N ASP A 45 -24.52 49.25 27.37
CA ASP A 45 -23.89 48.79 26.14
C ASP A 45 -24.68 47.59 25.62
N ALA A 46 -24.93 47.58 24.32
CA ALA A 46 -25.69 46.52 23.68
C ALA A 46 -24.76 45.76 22.74
N ARG A 47 -24.44 44.52 23.09
CA ARG A 47 -23.76 43.64 22.14
C ARG A 47 -24.82 42.97 21.30
N LEU A 48 -24.70 43.13 20.00
CA LEU A 48 -25.58 42.47 19.04
C LEU A 48 -24.89 41.19 18.61
N PRO A 49 -25.28 40.07 19.22
CA PRO A 49 -24.63 38.77 18.94
C PRO A 49 -25.30 37.88 17.91
N CYS A 50 -24.53 37.56 16.88
CA CYS A 50 -24.98 36.73 15.77
C CYS A 50 -23.95 35.64 15.46
N THR A 51 -24.44 34.46 15.11
CA THR A 51 -23.55 33.36 14.78
C THR A 51 -23.74 32.97 13.31
N PHE A 52 -22.65 32.94 12.57
CA PHE A 52 -22.70 32.56 11.17
C PHE A 52 -21.91 31.27 11.08
N ASN A 53 -22.47 30.27 10.41
CA ASN A 53 -21.78 29.01 10.31
C ASN A 53 -21.79 28.48 8.88
N SER A 54 -20.62 28.15 8.36
CA SER A 54 -20.61 27.60 7.02
C SER A 54 -19.36 26.73 6.96
N CYS A 55 -19.31 25.80 6.01
CA CYS A 55 -18.17 24.91 5.86
C CYS A 55 -16.98 25.70 5.31
N TYR A 56 -15.81 25.09 5.33
CA TYR A 56 -14.57 25.71 4.84
C TYR A 56 -13.93 26.57 5.91
N THR A 57 -12.86 27.25 5.52
CA THR A 57 -12.11 28.15 6.39
C THR A 57 -12.21 29.56 5.83
N VAL A 58 -12.49 30.54 6.68
CA VAL A 58 -12.65 31.92 6.23
C VAL A 58 -11.41 32.51 5.57
N ASN A 59 -11.64 33.28 4.51
CA ASN A 59 -10.59 33.95 3.76
C ASN A 59 -10.76 35.46 3.90
N HIS A 60 -9.66 36.16 4.19
CA HIS A 60 -9.77 37.60 4.39
C HIS A 60 -10.29 38.35 3.17
N LYS A 61 -9.73 38.08 2.00
CA LYS A 61 -10.22 38.72 0.80
C LYS A 61 -11.61 38.18 0.53
N GLN A 62 -11.71 36.87 0.72
CA GLN A 62 -12.94 36.12 0.51
C GLN A 62 -14.10 36.43 1.45
N PHE A 63 -13.83 36.62 2.74
CA PHE A 63 -14.92 36.87 3.68
C PHE A 63 -15.36 38.32 3.76
N SER A 64 -16.67 38.53 3.53
CA SER A 64 -17.26 39.87 3.58
C SER A 64 -18.49 39.90 4.50
N LEU A 65 -18.52 40.87 5.42
CA LEU A 65 -19.63 41.02 6.36
C LEU A 65 -20.21 42.44 6.34
N ASN A 66 -21.53 42.54 6.24
CA ASN A 66 -22.20 43.83 6.22
C ASN A 66 -23.30 43.98 7.28
N TRP A 67 -23.34 45.14 7.95
CA TRP A 67 -24.33 45.41 8.97
C TRP A 67 -25.13 46.64 8.57
N THR A 68 -26.47 46.54 8.65
CA THR A 68 -27.34 47.66 8.33
C THR A 68 -28.37 47.87 9.43
N TYR A 69 -28.84 49.11 9.52
CA TYR A 69 -29.82 49.54 10.51
C TYR A 69 -31.04 50.10 9.81
N GLN A 70 -32.20 49.89 10.43
CA GLN A 70 -33.45 50.48 9.97
C GLN A 70 -34.21 51.00 11.18
N GLU A 71 -34.82 52.18 11.03
CA GLU A 71 -35.61 52.72 12.12
C GLU A 71 -36.90 51.94 12.33
N CYS A 72 -37.35 51.20 11.32
CA CYS A 72 -38.63 50.51 11.37
C CYS A 72 -38.63 49.40 10.32
N ASN A 73 -39.69 48.61 10.32
CA ASN A 73 -39.76 47.42 9.48
C ASN A 73 -39.64 47.75 8.00
N ASN A 74 -40.43 48.72 7.53
CA ASN A 74 -40.42 49.11 6.13
C ASN A 74 -39.35 50.15 5.82
N CYS A 75 -38.62 50.62 6.82
CA CYS A 75 -37.69 51.71 6.63
C CYS A 75 -36.46 51.27 5.84
N SER A 76 -36.05 52.10 4.89
CA SER A 76 -34.74 52.06 4.24
C SER A 76 -33.62 51.54 5.13
N GLU A 77 -32.74 50.71 4.56
CA GLU A 77 -31.60 50.20 5.29
C GLU A 77 -30.41 51.13 5.15
N GLU A 78 -29.71 51.37 6.27
CA GLU A 78 -28.51 52.20 6.31
C GLU A 78 -27.34 51.31 6.73
N MET A 79 -26.39 51.08 5.82
CA MET A 79 -25.20 50.31 6.17
C MET A 79 -24.36 51.12 7.14
N PHE A 80 -23.93 50.48 8.24
CA PHE A 80 -23.12 51.18 9.22
C PHE A 80 -21.76 50.56 9.49
N LEU A 81 -21.54 49.30 9.10
CA LEU A 81 -20.25 48.67 9.26
C LEU A 81 -20.13 47.60 8.19
N GLN A 82 -18.92 47.45 7.63
CA GLN A 82 -18.64 46.45 6.63
C GLN A 82 -17.32 45.78 6.99
N PHE A 83 -17.16 44.52 6.56
CA PHE A 83 -15.85 43.87 6.49
C PHE A 83 -15.53 43.63 5.02
N ARG A 84 -14.48 44.29 4.55
CA ARG A 84 -13.92 44.09 3.21
C ARG A 84 -12.41 44.19 3.39
N MET A 85 -11.75 43.03 3.53
CA MET A 85 -10.32 42.93 3.86
C MET A 85 -10.05 43.26 5.33
N LYS A 86 -10.78 44.24 5.85
CA LYS A 86 -10.68 44.69 7.23
C LYS A 86 -12.03 45.31 7.59
N ILE A 87 -12.17 45.67 8.87
CA ILE A 87 -13.39 46.36 9.30
C ILE A 87 -13.40 47.77 8.77
N ILE A 88 -14.54 48.18 8.20
CA ILE A 88 -14.79 49.56 7.79
C ILE A 88 -16.00 50.02 8.59
N ASN A 89 -15.78 50.99 9.47
CA ASN A 89 -16.86 51.60 10.24
C ASN A 89 -17.27 52.88 9.50
N LEU A 90 -18.52 52.92 9.04
CA LEU A 90 -18.97 54.04 8.21
C LEU A 90 -19.23 55.30 9.03
N LYS A 91 -19.23 55.20 10.34
CA LYS A 91 -19.39 56.38 11.21
C LYS A 91 -20.65 57.17 10.88
N LEU A 92 -21.78 56.47 10.76
CA LEU A 92 -23.04 57.14 10.47
C LEU A 92 -23.35 58.16 11.55
N GLU A 93 -23.85 59.32 11.13
CA GLU A 93 -24.17 60.37 12.09
C GLU A 93 -25.15 59.88 13.14
N ARG A 94 -26.09 59.00 12.76
CA ARG A 94 -27.11 58.57 13.70
C ARG A 94 -26.54 57.79 14.88
N PHE A 95 -25.35 57.24 14.74
CA PHE A 95 -24.75 56.48 15.84
C PHE A 95 -23.61 57.22 16.54
N GLN A 96 -23.25 58.40 16.05
CA GLN A 96 -22.07 59.11 16.57
C GLN A 96 -20.88 58.18 16.39
N ASP A 97 -20.08 57.95 17.43
CA ASP A 97 -18.96 57.02 17.39
C ASP A 97 -19.20 55.88 18.35
N ARG A 98 -20.47 55.47 18.49
CA ARG A 98 -20.85 54.46 19.46
C ARG A 98 -20.81 53.03 18.91
N VAL A 99 -20.69 52.86 17.59
CA VAL A 99 -20.59 51.53 17.00
C VAL A 99 -19.16 51.02 17.08
N GLU A 100 -19.01 49.76 17.46
CA GLU A 100 -17.73 49.06 17.42
C GLU A 100 -17.96 47.64 16.90
N PHE A 101 -17.00 47.14 16.15
CA PHE A 101 -17.00 45.71 15.88
C PHE A 101 -16.66 44.96 17.18
N SER A 102 -17.30 43.82 17.36
CA SER A 102 -17.17 43.05 18.60
C SER A 102 -17.04 41.57 18.29
N GLY A 103 -16.57 41.21 17.11
CA GLY A 103 -16.46 39.79 16.82
C GLY A 103 -15.27 39.35 16.00
N ASN A 104 -14.83 38.13 16.24
CA ASN A 104 -13.72 37.56 15.48
C ASN A 104 -14.39 36.69 14.44
N PRO A 105 -14.44 37.16 13.20
CA PRO A 105 -15.10 36.44 12.12
C PRO A 105 -14.53 35.05 11.82
N SER A 106 -13.24 34.84 12.06
CA SER A 106 -12.61 33.55 11.81
C SER A 106 -13.31 32.51 12.67
N LYS A 107 -13.92 32.96 13.74
CA LYS A 107 -14.65 32.10 14.68
C LYS A 107 -16.12 31.97 14.26
N TYR A 108 -16.48 32.55 13.12
CA TYR A 108 -17.86 32.53 12.60
C TYR A 108 -18.65 33.62 13.30
N ASP A 109 -17.92 34.44 14.03
CA ASP A 109 -18.42 35.55 14.82
C ASP A 109 -18.31 36.88 14.09
N VAL A 110 -19.41 37.61 14.07
CA VAL A 110 -19.46 38.92 13.41
C VAL A 110 -20.26 39.92 14.24
N SER A 111 -20.26 39.74 15.55
CA SER A 111 -21.04 40.59 16.43
C SER A 111 -20.56 42.04 16.41
N VAL A 112 -21.48 42.95 16.74
CA VAL A 112 -21.16 44.35 16.89
C VAL A 112 -21.59 44.81 18.28
N MET A 113 -21.05 45.95 18.68
CA MET A 113 -21.32 46.56 19.98
C MET A 113 -21.83 47.97 19.74
N LEU A 114 -22.91 48.32 20.40
CA LEU A 114 -23.43 49.68 20.37
C LEU A 114 -23.29 50.21 21.79
N ARG A 115 -22.33 51.10 22.00
CA ARG A 115 -22.09 51.64 23.33
C ARG A 115 -23.16 52.64 23.72
N ASN A 116 -23.45 52.70 25.01
CA ASN A 116 -24.26 53.76 25.60
C ASN A 116 -25.54 53.98 24.78
N VAL A 117 -26.33 52.92 24.70
CA VAL A 117 -27.47 52.89 23.78
C VAL A 117 -28.46 54.01 24.12
N GLN A 118 -29.00 54.62 23.08
CA GLN A 118 -29.95 55.71 23.16
C GLN A 118 -31.31 55.27 22.63
N PRO A 119 -32.40 55.96 23.01
CA PRO A 119 -33.72 55.52 22.55
C PRO A 119 -33.85 55.47 21.04
N GLU A 120 -33.18 56.36 20.31
CA GLU A 120 -33.28 56.38 18.86
C GLU A 120 -32.62 55.16 18.21
N ASP A 121 -31.83 54.38 18.96
CA ASP A 121 -31.21 53.18 18.43
C ASP A 121 -32.21 52.05 18.24
N GLU A 122 -33.40 52.15 18.83
CA GLU A 122 -34.42 51.14 18.61
C GLU A 122 -34.66 50.95 17.11
N GLY A 123 -34.76 49.69 16.70
CA GLY A 123 -35.03 49.38 15.31
C GLY A 123 -34.52 47.99 14.95
N ILE A 124 -34.29 47.80 13.66
CA ILE A 124 -33.91 46.50 13.10
C ILE A 124 -32.46 46.56 12.65
N TYR A 125 -31.67 45.59 13.10
CA TYR A 125 -30.26 45.47 12.72
C TYR A 125 -30.09 44.19 11.92
N ASN A 126 -29.54 44.31 10.71
CA ASN A 126 -29.34 43.19 9.80
C ASN A 126 -27.86 42.91 9.63
N CYS A 127 -27.48 41.63 9.72
CA CYS A 127 -26.13 41.13 9.42
C CYS A 127 -26.22 40.30 8.15
N TYR A 128 -25.43 40.65 7.12
CA TYR A 128 -25.36 39.89 5.88
C TYR A 128 -23.94 39.36 5.72
N ILE A 129 -23.83 38.05 5.54
CA ILE A 129 -22.52 37.45 5.38
C ILE A 129 -22.48 36.66 4.09
N MET A 130 -21.50 36.98 3.25
CA MET A 130 -21.32 36.27 2.01
C MET A 130 -19.92 35.71 2.17
N ASN A 131 -19.76 34.41 2.08
CA ASN A 131 -18.42 33.84 2.26
C ASN A 131 -17.95 32.94 1.13
N PRO A 132 -16.88 33.42 0.39
CA PRO A 132 -16.41 32.51 -0.66
C PRO A 132 -15.66 31.35 -0.01
N PRO A 133 -15.74 30.14 -0.54
CA PRO A 133 -16.45 29.86 -1.78
C PRO A 133 -17.95 29.64 -1.63
N ASP A 134 -18.50 29.73 -0.42
CA ASP A 134 -19.93 29.51 -0.26
C ASP A 134 -20.71 30.52 -1.09
N ARG A 135 -21.54 30.03 -1.99
CA ARG A 135 -22.38 30.89 -2.81
C ARG A 135 -23.47 31.61 -2.00
N HIS A 136 -24.08 30.88 -1.06
CA HIS A 136 -25.17 31.39 -0.24
C HIS A 136 -24.80 32.56 0.66
N ARG A 137 -25.76 33.45 0.89
CA ARG A 137 -25.51 34.58 1.76
C ARG A 137 -26.36 34.50 3.01
N GLY A 138 -25.70 34.51 4.16
CA GLY A 138 -26.39 34.47 5.43
C GLY A 138 -27.01 35.81 5.78
N HIS A 139 -28.08 35.76 6.56
CA HIS A 139 -28.77 36.97 6.98
C HIS A 139 -29.32 36.76 8.38
N GLY A 140 -28.87 37.58 9.33
CA GLY A 140 -29.43 37.62 10.67
C GLY A 140 -30.14 38.95 10.87
N LYS A 141 -31.26 38.92 11.59
CA LYS A 141 -32.06 40.12 11.84
C LYS A 141 -32.38 40.21 13.32
N ILE A 142 -32.01 41.32 13.94
CA ILE A 142 -32.24 41.56 15.37
C ILE A 142 -33.14 42.77 15.51
N HIS A 143 -34.18 42.63 16.34
CA HIS A 143 -35.03 43.75 16.72
C HIS A 143 -34.53 44.26 18.06
N LEU A 144 -33.90 45.43 18.06
CA LEU A 144 -33.37 46.03 19.26
C LEU A 144 -34.42 46.94 19.87
N GLN A 145 -34.76 46.70 21.13
CA GLN A 145 -35.70 47.53 21.86
C GLN A 145 -34.98 48.19 23.03
N VAL A 146 -35.26 49.47 23.26
CA VAL A 146 -34.56 50.25 24.27
C VAL A 146 -35.52 50.49 25.43
N LEU A 147 -35.16 49.98 26.60
CA LEU A 147 -35.97 50.13 27.81
C LEU A 147 -36.01 51.59 28.23
N MET A 148 -36.43 51.82 29.46
CA MET A 148 -36.53 53.18 29.99
C MET A 148 -35.87 53.27 31.36
N PRO B 157 -62.32 -13.64 22.23
CA PRO B 157 -62.75 -13.71 20.84
C PRO B 157 -61.80 -12.93 19.95
N LEU B 158 -61.61 -11.65 20.28
CA LEU B 158 -60.72 -10.81 19.51
C LEU B 158 -59.30 -11.34 19.59
N ARG B 159 -58.92 -11.81 20.77
CA ARG B 159 -57.59 -12.36 20.94
C ARG B 159 -57.42 -13.57 20.04
N ARG B 160 -58.46 -14.38 19.93
CA ARG B 160 -58.39 -15.55 19.06
C ARG B 160 -58.21 -15.11 17.61
N ILE B 161 -58.95 -14.09 17.20
CA ILE B 161 -58.83 -13.60 15.83
C ILE B 161 -57.44 -13.02 15.59
N SER B 162 -56.96 -12.22 16.53
CA SER B 162 -55.63 -11.62 16.40
C SER B 162 -54.58 -12.72 16.43
N ILE B 163 -54.75 -13.65 17.37
CA ILE B 163 -53.82 -14.75 17.50
C ILE B 163 -53.92 -15.55 16.22
N LYS B 164 -55.13 -15.68 15.70
CA LYS B 164 -55.32 -16.40 14.45
C LYS B 164 -54.55 -15.68 13.36
N ILE B 165 -54.62 -14.36 13.37
CA ILE B 165 -53.92 -13.52 12.40
C ILE B 165 -52.38 -13.56 12.52
N LEU B 166 -51.92 -13.62 13.76
CA LEU B 166 -50.49 -13.60 14.08
C LEU B 166 -49.70 -14.77 13.50
N VAL B 167 -50.24 -15.97 13.61
CA VAL B 167 -49.54 -17.12 13.06
C VAL B 167 -50.28 -17.49 11.78
N HIS B 168 -49.71 -17.11 10.65
CA HIS B 168 -50.32 -17.42 9.37
C HIS B 168 -49.21 -17.45 8.34
N SER B 169 -49.39 -18.23 7.29
CA SER B 169 -48.36 -18.31 6.26
C SER B 169 -48.19 -16.98 5.54
N LEU B 170 -49.33 -16.40 5.16
CA LEU B 170 -49.38 -15.13 4.43
C LEU B 170 -48.87 -13.91 5.19
N PHE B 171 -49.16 -13.83 6.49
CA PHE B 171 -48.73 -12.67 7.26
C PHE B 171 -47.23 -12.47 7.32
N SER B 172 -46.47 -13.54 7.50
CA SER B 172 -45.02 -13.38 7.54
C SER B 172 -44.57 -12.87 6.17
N MET B 173 -45.16 -13.41 5.12
CA MET B 173 -44.85 -13.01 3.75
C MET B 173 -45.25 -11.56 3.51
N LEU B 174 -46.42 -11.18 4.00
CA LEU B 174 -46.90 -9.82 3.82
C LEU B 174 -46.01 -8.79 4.52
N ILE B 175 -45.59 -9.09 5.74
CA ILE B 175 -44.74 -8.15 6.48
C ILE B 175 -43.43 -8.00 5.73
N MET B 176 -42.89 -9.10 5.25
CA MET B 176 -41.64 -9.09 4.52
C MET B 176 -41.68 -8.37 3.16
N CYS B 177 -42.74 -8.55 2.41
CA CYS B 177 -42.84 -7.92 1.10
C CYS B 177 -42.82 -6.41 1.18
N THR B 178 -43.52 -5.85 2.16
CA THR B 178 -43.55 -4.41 2.35
C THR B 178 -42.18 -3.88 2.70
N ILE B 179 -41.47 -4.60 3.56
CA ILE B 179 -40.14 -4.17 4.00
C ILE B 179 -39.15 -4.09 2.84
N LEU B 180 -39.18 -5.07 1.95
CA LEU B 180 -38.26 -5.07 0.82
C LEU B 180 -38.54 -3.87 -0.06
N THR B 181 -39.81 -3.54 -0.23
CA THR B 181 -40.23 -2.41 -1.04
C THR B 181 -39.74 -1.07 -0.48
N ASN B 182 -39.74 -0.97 0.84
CA ASN B 182 -39.29 0.25 1.50
C ASN B 182 -37.84 0.54 1.20
N CYS B 183 -37.03 -0.52 1.12
CA CYS B 183 -35.61 -0.36 0.87
C CYS B 183 -35.37 0.34 -0.44
N ILE B 184 -36.16 0.04 -1.45
CA ILE B 184 -35.99 0.68 -2.73
C ILE B 184 -36.18 2.18 -2.54
N PHE B 185 -37.14 2.54 -1.70
CA PHE B 185 -37.41 3.95 -1.43
C PHE B 185 -36.29 4.73 -0.75
N MET B 186 -35.62 4.12 0.20
CA MET B 186 -34.54 4.78 0.93
C MET B 186 -33.49 5.30 -0.03
N THR B 187 -33.35 4.57 -1.12
CA THR B 187 -32.39 4.83 -2.17
C THR B 187 -32.64 6.09 -3.01
N MET B 188 -33.77 6.74 -2.78
CA MET B 188 -34.16 7.92 -3.54
C MET B 188 -33.26 9.14 -3.46
N ASN B 189 -32.79 9.51 -2.27
CA ASN B 189 -31.88 10.65 -2.09
C ASN B 189 -32.42 12.05 -2.42
N ASN B 190 -33.74 12.19 -2.49
CA ASN B 190 -34.43 13.44 -2.80
C ASN B 190 -35.72 12.98 -3.43
N PRO B 191 -36.47 12.20 -2.67
CA PRO B 191 -37.72 11.65 -3.15
C PRO B 191 -38.74 12.74 -3.49
N PRO B 192 -39.62 12.44 -4.51
CA PRO B 192 -40.58 13.51 -4.82
C PRO B 192 -41.55 13.71 -3.68
N ASP B 193 -42.24 14.85 -3.68
CA ASP B 193 -43.20 15.17 -2.62
C ASP B 193 -44.32 14.15 -2.54
N TRP B 194 -44.73 13.65 -3.70
CA TRP B 194 -45.80 12.66 -3.78
C TRP B 194 -45.48 11.36 -3.05
N THR B 195 -44.20 11.03 -2.99
CA THR B 195 -43.72 9.82 -2.33
C THR B 195 -44.01 9.86 -0.84
N LYS B 196 -44.27 11.05 -0.30
CA LYS B 196 -44.52 11.19 1.13
C LYS B 196 -45.70 10.35 1.56
N ASN B 197 -46.75 10.31 0.75
CA ASN B 197 -47.92 9.53 1.10
C ASN B 197 -47.53 8.07 1.18
N VAL B 198 -46.64 7.66 0.28
CA VAL B 198 -46.17 6.29 0.24
C VAL B 198 -45.47 6.03 1.57
N GLU B 199 -44.77 7.05 2.06
CA GLU B 199 -44.06 6.93 3.32
C GLU B 199 -45.09 6.67 4.41
N TYR B 200 -46.23 7.33 4.31
CA TYR B 200 -47.29 7.15 5.30
C TYR B 200 -47.80 5.71 5.33
N THR B 201 -47.93 5.12 4.14
CA THR B 201 -48.42 3.75 4.01
C THR B 201 -47.49 2.75 4.69
N PHE B 202 -46.19 2.95 4.52
CA PHE B 202 -45.22 2.07 5.12
C PHE B 202 -45.32 2.14 6.63
N THR B 203 -45.54 3.35 7.14
CA THR B 203 -45.64 3.55 8.56
C THR B 203 -46.83 2.81 9.13
N GLY B 204 -47.95 2.86 8.42
CA GLY B 204 -49.15 2.19 8.87
C GLY B 204 -49.04 0.69 8.99
N ILE B 205 -48.45 0.06 7.99
CA ILE B 205 -48.32 -1.39 7.99
C ILE B 205 -47.49 -1.88 9.17
N TYR B 206 -46.47 -1.09 9.50
CA TYR B 206 -45.59 -1.42 10.61
C TYR B 206 -46.36 -1.42 11.92
N THR B 207 -47.20 -0.40 12.10
CA THR B 207 -48.00 -0.29 13.31
C THR B 207 -49.00 -1.43 13.40
N PHE B 208 -49.59 -1.77 12.26
CA PHE B 208 -50.59 -2.82 12.21
C PHE B 208 -49.98 -4.18 12.59
N GLU B 209 -48.80 -4.47 12.07
CA GLU B 209 -48.12 -5.72 12.39
C GLU B 209 -47.76 -5.77 13.88
N SER B 210 -47.31 -4.63 14.39
CA SER B 210 -46.92 -4.49 15.79
C SER B 210 -48.09 -4.64 16.72
N LEU B 211 -49.23 -4.06 16.34
CA LEU B 211 -50.41 -4.13 17.16
C LEU B 211 -50.89 -5.57 17.39
N VAL B 212 -50.92 -6.37 16.33
CA VAL B 212 -51.36 -7.74 16.49
C VAL B 212 -50.41 -8.50 17.39
N LYS B 213 -49.11 -8.28 17.20
CA LYS B 213 -48.12 -8.96 18.03
C LYS B 213 -48.27 -8.56 19.49
N ILE B 214 -48.51 -7.27 19.70
CA ILE B 214 -48.65 -6.70 21.05
C ILE B 214 -50.02 -6.96 21.66
N LEU B 215 -51.06 -6.90 20.83
CA LEU B 215 -52.40 -7.15 21.33
C LEU B 215 -52.61 -8.60 21.78
N ALA B 216 -52.21 -9.54 20.94
CA ALA B 216 -52.36 -10.96 21.27
C ALA B 216 -51.45 -11.49 22.38
N ARG B 217 -50.18 -11.13 22.31
CA ARG B 217 -49.19 -11.58 23.29
C ARG B 217 -49.37 -11.05 24.71
N GLY B 218 -49.65 -9.75 24.80
CA GLY B 218 -49.85 -9.07 26.06
C GLY B 218 -51.07 -9.46 26.88
N PHE B 219 -52.20 -9.64 26.21
CA PHE B 219 -53.44 -9.98 26.89
C PHE B 219 -53.71 -8.87 27.88
N CYS B 220 -53.26 -7.66 27.54
CA CYS B 220 -53.42 -6.51 28.40
C CYS B 220 -52.79 -6.89 29.74
N VAL B 221 -51.68 -7.61 29.63
CA VAL B 221 -50.92 -8.08 30.79
C VAL B 221 -49.54 -7.44 30.83
N GLY B 222 -49.42 -6.27 30.21
CA GLY B 222 -48.15 -5.56 30.18
C GLY B 222 -47.30 -5.97 29.00
N GLU B 223 -47.92 -6.67 28.05
CA GLU B 223 -47.22 -7.10 26.86
C GLU B 223 -46.03 -7.95 27.27
N PHE B 224 -46.25 -8.85 28.22
CA PHE B 224 -45.18 -9.71 28.72
C PHE B 224 -44.64 -10.60 27.61
N THR B 225 -45.54 -11.20 26.84
CA THR B 225 -45.17 -12.04 25.72
C THR B 225 -44.44 -11.24 24.64
N PHE B 226 -44.93 -10.02 24.39
CA PHE B 226 -44.37 -9.15 23.37
C PHE B 226 -42.98 -8.60 23.59
N LEU B 227 -42.69 -8.09 24.77
CA LEU B 227 -41.37 -7.51 25.01
C LEU B 227 -40.31 -8.45 25.52
N ARG B 228 -40.70 -9.69 25.81
CA ARG B 228 -39.74 -10.65 26.32
C ARG B 228 -38.64 -10.94 25.30
N ASP B 229 -39.01 -11.08 24.03
CA ASP B 229 -38.02 -11.34 22.98
C ASP B 229 -37.18 -10.11 22.67
N PRO B 230 -35.87 -10.31 22.53
CA PRO B 230 -34.94 -9.22 22.25
C PRO B 230 -35.14 -8.52 20.90
N TRP B 231 -35.48 -9.28 19.88
CA TRP B 231 -35.64 -8.71 18.54
C TRP B 231 -36.73 -7.65 18.39
N ASN B 232 -37.83 -7.81 19.09
CA ASN B 232 -38.93 -6.86 19.02
C ASN B 232 -38.62 -5.45 19.50
N TRP B 233 -37.65 -5.31 20.39
CA TRP B 233 -37.34 -3.99 20.91
C TRP B 233 -37.00 -3.10 19.74
N LEU B 234 -36.23 -3.65 18.80
CA LEU B 234 -35.86 -2.88 17.62
C LEU B 234 -37.11 -2.51 16.84
N ASP B 235 -38.03 -3.47 16.74
CA ASP B 235 -39.28 -3.27 16.01
C ASP B 235 -40.16 -2.20 16.64
N PHE B 236 -40.21 -2.17 17.97
CA PHE B 236 -41.04 -1.21 18.69
C PHE B 236 -40.60 0.23 18.45
N VAL B 237 -39.29 0.45 18.46
CA VAL B 237 -38.72 1.76 18.27
C VAL B 237 -38.99 2.41 16.91
N VAL B 238 -38.96 1.62 15.84
CA VAL B 238 -39.16 2.18 14.51
C VAL B 238 -40.52 2.83 14.29
N ILE B 239 -41.59 2.21 14.79
CA ILE B 239 -42.92 2.80 14.63
C ILE B 239 -43.00 4.12 15.36
N VAL B 240 -42.45 4.14 16.57
CA VAL B 240 -42.48 5.29 17.46
C VAL B 240 -41.80 6.54 16.94
N PHE B 241 -40.64 6.38 16.31
CA PHE B 241 -39.94 7.53 15.80
C PHE B 241 -40.82 8.23 14.77
N ALA B 242 -41.50 7.45 13.96
CA ALA B 242 -42.37 8.03 12.94
C ALA B 242 -43.48 8.81 13.65
N TYR B 243 -44.04 8.25 14.70
CA TYR B 243 -45.07 8.97 15.44
C TYR B 243 -44.41 10.19 16.06
N LEU B 244 -43.21 9.97 16.62
CA LEU B 244 -42.44 11.04 17.24
C LEU B 244 -42.00 12.07 16.22
N THR B 245 -41.61 11.61 15.03
CA THR B 245 -41.15 12.53 13.98
C THR B 245 -42.31 13.46 13.66
N GLU B 246 -43.51 12.89 13.64
CA GLU B 246 -44.68 13.71 13.39
C GLU B 246 -44.83 14.61 14.61
N PHE B 247 -44.56 14.02 15.77
CA PHE B 247 -44.62 14.74 17.03
C PHE B 247 -43.41 15.66 17.05
N VAL B 248 -43.36 16.60 17.98
CA VAL B 248 -42.23 17.50 18.02
C VAL B 248 -40.96 16.67 17.98
N ASN B 249 -40.04 17.11 17.14
CA ASN B 249 -38.78 16.41 16.87
C ASN B 249 -37.49 17.20 17.04
N LEU B 250 -36.39 16.47 17.10
CA LEU B 250 -35.05 17.02 17.24
C LEU B 250 -34.66 17.79 15.98
N GLY B 251 -33.73 18.72 16.10
CA GLY B 251 -33.29 19.57 15.01
C GLY B 251 -32.65 18.95 13.77
N ASN B 252 -31.91 17.86 13.94
CA ASN B 252 -31.21 17.25 12.81
C ASN B 252 -32.03 16.35 11.89
N VAL B 253 -32.47 16.93 10.78
CA VAL B 253 -33.25 16.20 9.77
C VAL B 253 -32.44 15.09 9.09
N SER B 254 -31.17 15.38 8.77
CA SER B 254 -30.33 14.39 8.13
C SER B 254 -30.17 13.23 9.10
N ALA B 255 -29.98 13.59 10.37
CA ALA B 255 -29.83 12.64 11.46
C ALA B 255 -31.10 11.83 11.66
N LEU B 256 -32.24 12.49 11.46
CA LEU B 256 -33.55 11.87 11.62
C LEU B 256 -33.81 10.68 10.70
N ARG B 257 -33.41 10.81 9.44
CA ARG B 257 -33.61 9.77 8.45
C ARG B 257 -32.88 8.46 8.75
N THR B 258 -31.68 8.56 9.29
CA THR B 258 -30.87 7.39 9.56
C THR B 258 -31.59 6.43 10.49
N PHE B 259 -32.35 6.97 11.44
CA PHE B 259 -33.07 6.13 12.38
C PHE B 259 -34.03 5.20 11.64
N ARG B 260 -34.67 5.70 10.60
CA ARG B 260 -35.61 4.92 9.82
C ARG B 260 -34.92 3.75 9.12
N VAL B 261 -33.62 3.88 8.94
CA VAL B 261 -32.81 2.89 8.25
C VAL B 261 -32.92 1.52 8.87
N LEU B 262 -33.22 1.51 10.16
CA LEU B 262 -33.37 0.28 10.92
C LEU B 262 -34.53 -0.58 10.42
N ARG B 263 -35.47 0.03 9.71
CA ARG B 263 -36.61 -0.72 9.20
C ARG B 263 -36.04 -1.81 8.32
N ALA B 264 -34.98 -1.48 7.60
CA ALA B 264 -34.33 -2.43 6.71
C ALA B 264 -33.81 -3.58 7.55
N LEU B 265 -33.34 -3.27 8.75
CA LEU B 265 -32.82 -4.28 9.64
C LEU B 265 -33.92 -5.28 9.97
N LYS B 266 -35.14 -4.78 10.15
CA LYS B 266 -36.26 -5.63 10.49
C LYS B 266 -36.22 -6.88 9.63
N THR B 267 -35.63 -6.76 8.45
CA THR B 267 -35.56 -7.85 7.50
C THR B 267 -34.86 -9.06 8.08
N ILE B 268 -33.92 -8.85 8.98
CA ILE B 268 -33.19 -9.98 9.54
C ILE B 268 -34.17 -10.95 10.18
N SER B 269 -35.11 -10.43 10.97
CA SER B 269 -36.13 -11.25 11.62
C SER B 269 -37.13 -11.95 10.69
N VAL B 270 -37.59 -11.25 9.65
CA VAL B 270 -38.57 -11.78 8.71
C VAL B 270 -38.10 -12.97 7.89
N ILE B 271 -36.87 -12.92 7.40
CA ILE B 271 -36.35 -14.03 6.61
C ILE B 271 -36.09 -15.24 7.49
N PRO B 272 -36.31 -16.48 6.90
CA PRO B 272 -36.05 -17.62 7.80
C PRO B 272 -34.57 -17.94 7.93
N GLY B 273 -34.13 -18.08 9.18
CA GLY B 273 -32.76 -18.42 9.51
C GLY B 273 -31.75 -17.29 9.62
N LEU B 274 -32.15 -16.09 9.24
CA LEU B 274 -31.24 -14.94 9.35
C LEU B 274 -30.95 -14.70 10.83
N LYS B 275 -31.97 -14.93 11.66
CA LYS B 275 -31.84 -14.75 13.10
C LYS B 275 -30.79 -15.73 13.60
N THR B 276 -30.81 -16.95 13.11
CA THR B 276 -29.78 -17.90 13.51
C THR B 276 -28.40 -17.49 13.04
N ILE B 277 -28.28 -17.02 11.81
CA ILE B 277 -26.97 -16.64 11.28
C ILE B 277 -26.29 -15.46 11.97
N VAL B 278 -27.03 -14.40 12.26
CA VAL B 278 -26.45 -13.23 12.91
C VAL B 278 -25.97 -13.53 14.32
N GLY B 279 -26.72 -14.35 15.04
CA GLY B 279 -26.37 -14.70 16.40
C GLY B 279 -25.03 -15.41 16.38
N ALA B 280 -24.84 -16.26 15.39
CA ALA B 280 -23.59 -17.00 15.26
C ALA B 280 -22.41 -16.06 15.05
N LEU B 281 -22.60 -15.02 14.25
CA LEU B 281 -21.52 -14.06 14.01
C LEU B 281 -21.15 -13.35 15.29
N ILE B 282 -22.14 -12.94 16.07
CA ILE B 282 -21.92 -12.27 17.34
C ILE B 282 -21.22 -13.20 18.33
N GLN B 283 -21.57 -14.48 18.29
CA GLN B 283 -20.96 -15.45 19.18
C GLN B 283 -19.48 -15.46 18.88
N SER B 284 -19.15 -15.20 17.62
CA SER B 284 -17.78 -15.17 17.13
C SER B 284 -16.92 -14.10 17.77
N VAL B 285 -17.51 -12.93 17.98
CA VAL B 285 -16.79 -11.80 18.58
C VAL B 285 -16.28 -12.06 19.99
N LYS B 286 -17.01 -12.86 20.77
CA LYS B 286 -16.57 -13.12 22.14
C LYS B 286 -15.19 -13.74 22.12
N LYS B 287 -14.93 -14.64 21.18
CA LYS B 287 -13.62 -15.27 21.06
C LYS B 287 -12.55 -14.23 20.67
N LEU B 288 -12.94 -13.30 19.83
CA LEU B 288 -12.08 -12.26 19.31
C LEU B 288 -11.67 -11.21 20.31
N SER B 289 -12.28 -11.22 21.49
CA SER B 289 -11.99 -10.19 22.49
C SER B 289 -10.55 -10.12 22.94
N ASP B 290 -9.94 -11.27 23.22
CA ASP B 290 -8.56 -11.26 23.67
C ASP B 290 -7.57 -10.72 22.65
N VAL B 291 -7.74 -11.09 21.39
CA VAL B 291 -6.87 -10.61 20.34
C VAL B 291 -7.02 -9.10 20.28
N MET B 292 -8.23 -8.62 20.48
CA MET B 292 -8.49 -7.19 20.43
C MET B 292 -7.69 -6.40 21.47
N ILE B 293 -7.57 -6.93 22.68
CA ILE B 293 -6.79 -6.23 23.70
C ILE B 293 -5.34 -6.13 23.25
N LEU B 294 -4.83 -7.26 22.75
CA LEU B 294 -3.46 -7.34 22.27
C LEU B 294 -3.21 -6.40 21.09
N THR B 295 -4.18 -6.30 20.18
CA THR B 295 -4.01 -5.43 19.04
C THR B 295 -3.92 -4.02 19.56
N VAL B 296 -4.77 -3.68 20.52
CA VAL B 296 -4.78 -2.36 21.11
C VAL B 296 -3.48 -2.13 21.87
N PHE B 297 -3.02 -3.14 22.60
CA PHE B 297 -1.75 -2.99 23.31
C PHE B 297 -0.60 -2.89 22.33
N CYS B 298 -0.59 -3.75 21.33
CA CYS B 298 0.47 -3.75 20.33
C CYS B 298 0.48 -2.48 19.52
N LEU B 299 -0.68 -2.03 19.10
CA LEU B 299 -0.79 -0.82 18.33
C LEU B 299 -0.34 0.32 19.20
N SER B 300 -0.69 0.23 20.48
CA SER B 300 -0.33 1.26 21.45
C SER B 300 1.16 1.39 21.67
N VAL B 301 1.87 0.27 21.81
CA VAL B 301 3.30 0.34 22.02
C VAL B 301 4.03 0.94 20.84
N PHE B 302 3.65 0.51 19.64
CA PHE B 302 4.25 1.03 18.43
C PHE B 302 3.94 2.50 18.28
N ALA B 303 2.74 2.88 18.69
CA ALA B 303 2.33 4.27 18.60
C ALA B 303 3.24 5.11 19.48
N LEU B 304 3.59 4.60 20.66
CA LEU B 304 4.48 5.31 21.58
C LEU B 304 5.89 5.41 20.99
N ILE B 305 6.37 4.33 20.41
CA ILE B 305 7.69 4.31 19.79
C ILE B 305 7.70 5.24 18.60
N GLY B 306 6.63 5.19 17.81
CA GLY B 306 6.54 6.03 16.64
C GLY B 306 6.50 7.49 16.99
N LEU B 307 5.74 7.82 18.03
CA LEU B 307 5.60 9.20 18.48
C LEU B 307 6.90 9.77 18.99
N GLN B 308 7.64 9.01 19.80
CA GLN B 308 8.92 9.47 20.36
C GLN B 308 9.99 9.68 19.28
N LEU B 309 10.08 8.73 18.35
CA LEU B 309 11.01 8.74 17.24
C LEU B 309 10.73 9.72 16.11
N PHE B 310 9.47 9.84 15.71
CA PHE B 310 9.08 10.71 14.60
C PHE B 310 8.26 11.94 14.85
N MET B 311 8.04 12.35 16.09
CA MET B 311 7.18 13.51 16.31
C MET B 311 7.73 14.80 15.72
N GLY B 312 6.89 15.48 14.95
CA GLY B 312 7.22 16.74 14.32
C GLY B 312 7.97 16.62 13.01
N ASN B 313 8.32 15.40 12.63
CA ASN B 313 9.04 15.13 11.38
C ASN B 313 8.31 15.42 10.08
N LEU B 314 7.02 15.15 10.04
CA LEU B 314 6.25 15.37 8.82
C LEU B 314 6.13 16.84 8.51
N LYS B 315 6.48 17.69 9.47
CA LYS B 315 6.42 19.13 9.30
C LYS B 315 7.41 19.78 8.32
N HIS B 316 8.56 19.14 8.11
CA HIS B 316 9.63 19.74 7.30
C HIS B 316 9.20 20.18 5.90
N LYS B 317 9.62 21.34 5.47
CA LYS B 317 9.28 21.78 4.14
C LYS B 317 10.44 22.62 3.72
N CYS B 318 10.75 22.67 2.44
CA CYS B 318 11.83 23.49 1.99
C CYS B 318 11.35 24.92 2.11
N PHE B 319 12.16 25.80 2.65
CA PHE B 319 11.75 27.17 2.79
C PHE B 319 12.76 28.04 2.07
N ARG B 320 12.30 28.98 1.26
CA ARG B 320 13.24 29.81 0.50
C ARG B 320 14.24 30.63 1.31
N ASN B 321 15.49 30.60 0.87
CA ASN B 321 16.57 31.32 1.53
C ASN B 321 16.53 32.84 1.51
N SER B 322 16.22 33.46 0.37
CA SER B 322 16.18 34.91 0.33
C SER B 322 14.79 35.52 0.31
N LEU B 323 14.49 36.35 1.30
CA LEU B 323 13.17 36.96 1.38
C LEU B 323 13.17 38.47 1.28
N GLU B 324 12.28 38.97 0.42
CA GLU B 324 12.10 40.40 0.21
C GLU B 324 11.37 41.09 1.36
N ASN B 325 11.73 42.33 1.64
CA ASN B 325 11.08 43.12 2.68
C ASN B 325 11.47 42.85 4.14
N ASN B 326 12.51 42.06 4.35
CA ASN B 326 12.97 41.76 5.70
C ASN B 326 12.05 40.79 6.44
N GLU B 327 11.20 40.09 5.69
CA GLU B 327 10.27 39.16 6.29
C GLU B 327 10.98 37.98 6.95
N THR B 328 10.39 37.47 8.03
CA THR B 328 10.95 36.33 8.74
C THR B 328 9.98 35.17 8.58
N LEU B 329 10.43 33.95 8.87
CA LEU B 329 9.54 32.81 8.69
C LEU B 329 8.31 33.00 9.53
N GLU B 330 8.46 33.46 10.77
CA GLU B 330 7.28 33.65 11.61
C GLU B 330 6.34 34.70 11.06
N SER B 331 6.88 35.79 10.53
CA SER B 331 6.07 36.85 9.97
C SER B 331 5.26 36.39 8.78
N ILE B 332 5.89 35.58 7.93
CA ILE B 332 5.23 35.07 6.72
C ILE B 332 4.03 34.18 7.02
N MET B 333 4.12 33.37 8.07
CA MET B 333 3.07 32.42 8.41
C MET B 333 1.67 32.93 8.72
N ASN B 334 1.55 33.95 9.56
CA ASN B 334 0.22 34.46 9.86
C ASN B 334 -0.45 35.15 8.68
N THR B 335 0.36 35.84 7.89
CA THR B 335 -0.11 36.54 6.70
C THR B 335 -0.73 35.71 5.58
N LEU B 336 -0.21 34.52 5.29
CA LEU B 336 -0.76 33.74 4.18
C LEU B 336 -1.48 32.42 4.46
N GLU B 337 -2.70 32.31 3.94
CA GLU B 337 -3.52 31.11 4.08
C GLU B 337 -3.94 30.54 2.71
N SER B 338 -3.77 31.34 1.67
CA SER B 338 -4.14 30.94 0.31
C SER B 338 -3.22 29.87 -0.28
N GLU B 339 -3.80 28.93 -1.02
CA GLU B 339 -3.04 27.84 -1.60
C GLU B 339 -1.98 28.32 -2.56
N GLU B 340 -2.33 29.31 -3.37
CA GLU B 340 -1.37 29.88 -4.30
C GLU B 340 -0.26 30.52 -3.48
N ASP B 341 -0.65 31.16 -2.39
CA ASP B 341 0.28 31.82 -1.51
C ASP B 341 1.26 30.88 -0.84
N PHE B 342 0.80 29.71 -0.42
CA PHE B 342 1.68 28.76 0.22
C PHE B 342 2.75 28.35 -0.77
N ARG B 343 2.37 28.21 -2.02
CA ARG B 343 3.28 27.78 -3.07
C ARG B 343 4.46 28.67 -3.40
N LYS B 344 4.30 29.99 -3.42
CA LYS B 344 5.43 30.84 -3.78
C LYS B 344 6.56 30.67 -2.78
N TYR B 345 6.18 30.64 -1.51
CA TYR B 345 7.12 30.48 -0.41
C TYR B 345 7.87 29.16 -0.19
N PHE B 346 7.18 28.05 -0.46
CA PHE B 346 7.73 26.70 -0.28
C PHE B 346 7.85 25.97 -1.61
N TYR B 347 8.62 24.89 -1.67
CA TYR B 347 8.84 24.23 -2.96
C TYR B 347 7.66 23.62 -3.73
N TYR B 348 6.81 22.80 -3.10
CA TYR B 348 5.66 22.20 -3.81
C TYR B 348 6.03 21.43 -5.07
N LEU B 349 5.95 20.12 -5.02
CA LEU B 349 6.39 19.30 -6.13
C LEU B 349 5.52 19.13 -7.37
N GLU B 350 5.46 20.17 -8.19
CA GLU B 350 4.74 20.15 -9.47
C GLU B 350 3.29 19.68 -9.59
N GLY B 351 2.38 20.37 -8.92
CA GLY B 351 0.98 20.00 -8.98
C GLY B 351 0.47 19.10 -7.89
N SER B 352 1.33 18.75 -6.96
CA SER B 352 0.94 17.92 -5.83
C SER B 352 0.16 18.79 -4.86
N LYS B 353 -0.60 18.15 -3.99
CA LYS B 353 -1.41 18.85 -3.00
C LYS B 353 -0.65 19.66 -1.95
N ASP B 354 0.47 19.12 -1.48
CA ASP B 354 1.26 19.73 -0.41
C ASP B 354 2.77 19.85 -0.69
N ALA B 355 3.44 20.67 0.12
CA ALA B 355 4.86 20.95 -0.01
C ALA B 355 5.74 19.73 0.16
N LEU B 356 6.83 19.71 -0.58
CA LEU B 356 7.79 18.62 -0.58
C LEU B 356 8.39 18.43 0.79
N LEU B 357 8.51 17.19 1.23
CA LEU B 357 9.07 16.87 2.53
C LEU B 357 10.57 16.82 2.37
N CYS B 358 11.29 17.54 3.22
CA CYS B 358 12.76 17.61 3.23
C CYS B 358 13.39 16.96 4.45
N GLY B 359 14.69 16.75 4.43
CA GLY B 359 15.36 16.13 5.56
C GLY B 359 16.71 16.70 5.95
N PHE B 360 17.00 16.69 7.25
CA PHE B 360 18.27 17.17 7.80
C PHE B 360 19.53 16.34 7.50
N SER B 361 19.39 15.03 7.55
CA SER B 361 20.50 14.11 7.32
C SER B 361 20.89 13.92 5.86
N THR B 362 22.08 13.38 5.65
CA THR B 362 22.59 13.11 4.32
C THR B 362 21.74 12.05 3.61
N ASP B 363 21.31 11.04 4.36
CA ASP B 363 20.49 9.96 3.79
C ASP B 363 19.12 10.36 3.28
N SER B 364 18.45 11.30 3.94
CA SER B 364 17.12 11.69 3.52
C SER B 364 17.22 12.84 2.54
N GLY B 365 16.80 14.04 2.90
CA GLY B 365 16.92 15.17 2.00
C GLY B 365 15.93 15.04 0.89
N GLN B 366 15.98 15.91 -0.13
CA GLN B 366 16.92 17.03 -0.24
C GLN B 366 16.15 18.19 -0.84
N CYS B 367 16.63 19.40 -0.63
CA CYS B 367 15.93 20.54 -1.15
C CYS B 367 16.75 21.16 -2.25
N PRO B 368 16.04 21.72 -3.31
CA PRO B 368 16.88 22.28 -4.38
C PRO B 368 17.70 23.44 -3.87
N GLU B 369 18.82 23.72 -4.53
CA GLU B 369 19.67 24.81 -4.08
C GLU B 369 18.85 26.06 -4.08
N GLY B 370 19.08 26.93 -3.11
CA GLY B 370 18.33 28.16 -3.00
C GLY B 370 17.11 28.04 -2.14
N TYR B 371 16.90 26.85 -1.59
CA TYR B 371 15.79 26.56 -0.70
C TYR B 371 16.38 25.88 0.52
N THR B 372 15.97 26.29 1.71
CA THR B 372 16.50 25.67 2.93
C THR B 372 15.43 24.93 3.68
N CYS B 373 15.83 23.97 4.49
CA CYS B 373 14.89 23.15 5.23
C CYS B 373 14.58 23.62 6.65
N VAL B 374 13.31 23.88 6.91
CA VAL B 374 12.84 24.35 8.19
C VAL B 374 11.50 23.68 8.43
N LYS B 375 11.12 23.44 9.68
CA LYS B 375 9.84 22.79 9.92
C LYS B 375 8.75 23.75 10.39
N ILE B 376 7.69 23.87 9.60
CA ILE B 376 6.58 24.74 9.91
C ILE B 376 5.36 24.26 9.17
N GLY B 377 4.19 24.66 9.60
CA GLY B 377 2.97 24.29 8.91
C GLY B 377 2.35 22.94 9.19
N ARG B 378 1.23 22.69 8.52
CA ARG B 378 0.48 21.46 8.67
C ARG B 378 1.13 20.23 8.07
N ASN B 379 0.80 19.06 8.58
CA ASN B 379 1.35 17.79 8.08
C ASN B 379 0.75 17.48 6.74
N PRO B 380 1.33 16.57 5.95
CA PRO B 380 0.70 16.34 4.64
C PRO B 380 -0.62 15.61 4.76
N ASP B 381 -1.45 15.64 3.72
CA ASP B 381 -2.75 14.97 3.75
C ASP B 381 -3.86 15.68 4.51
N TYR B 382 -3.81 17.00 4.55
CA TYR B 382 -4.79 17.84 5.24
C TYR B 382 -4.48 17.94 6.71
N GLY B 383 -3.32 17.44 7.10
CA GLY B 383 -2.92 17.46 8.48
C GLY B 383 -3.27 16.15 9.13
N TYR B 384 -3.99 15.31 8.41
CA TYR B 384 -4.38 14.00 8.90
C TYR B 384 -3.20 13.05 9.08
N THR B 385 -2.23 13.11 8.20
CA THR B 385 -1.07 12.23 8.31
C THR B 385 0.02 12.92 9.11
N SER B 386 0.14 12.58 10.38
CA SER B 386 1.16 13.19 11.21
C SER B 386 1.44 12.26 12.38
N PHE B 387 2.59 12.41 13.02
CA PHE B 387 2.96 11.58 14.17
C PHE B 387 3.00 12.44 15.42
N ASP B 388 2.45 13.64 15.35
CA ASP B 388 2.47 14.60 16.45
C ASP B 388 1.79 14.24 17.77
N THR B 389 0.63 13.62 17.70
CA THR B 389 -0.12 13.29 18.91
C THR B 389 -0.35 11.80 19.03
N PHE B 390 -0.66 11.34 20.23
CA PHE B 390 -0.88 9.91 20.38
C PHE B 390 -2.06 9.46 19.58
N SER B 391 -3.13 10.24 19.55
CA SER B 391 -4.28 9.85 18.77
C SER B 391 -3.93 9.80 17.30
N TRP B 392 -3.23 10.81 16.80
CA TRP B 392 -2.84 10.85 15.40
C TRP B 392 -1.88 9.72 15.05
N ALA B 393 -0.94 9.45 15.94
CA ALA B 393 0.03 8.37 15.75
C ALA B 393 -0.70 7.05 15.73
N PHE B 394 -1.72 6.92 16.57
CA PHE B 394 -2.49 5.70 16.61
C PHE B 394 -3.19 5.46 15.28
N LEU B 395 -3.74 6.50 14.69
CA LEU B 395 -4.40 6.34 13.41
C LEU B 395 -3.41 5.95 12.34
N ALA B 396 -2.23 6.56 12.37
CA ALA B 396 -1.19 6.27 11.40
C ALA B 396 -0.75 4.83 11.50
N LEU B 397 -0.57 4.35 12.71
CA LEU B 397 -0.18 2.96 12.91
C LEU B 397 -1.28 1.97 12.54
N PHE B 398 -2.53 2.31 12.83
CA PHE B 398 -3.62 1.41 12.51
C PHE B 398 -3.63 1.24 11.02
N ARG B 399 -3.36 2.31 10.29
CA ARG B 399 -3.33 2.25 8.83
C ARG B 399 -2.23 1.31 8.37
N LEU B 400 -1.08 1.34 9.04
CA LEU B 400 0.03 0.46 8.72
C LEU B 400 -0.33 -0.99 8.98
N MET B 401 -1.02 -1.26 10.06
CA MET B 401 -1.40 -2.62 10.42
C MET B 401 -2.32 -3.26 9.40
N THR B 402 -3.28 -2.51 8.90
CA THR B 402 -4.20 -3.03 7.90
C THR B 402 -3.64 -2.82 6.50
N GLN B 403 -2.47 -2.20 6.44
CA GLN B 403 -1.77 -1.96 5.19
C GLN B 403 -2.53 -1.18 4.14
N ASP B 404 -3.21 -0.13 4.54
CA ASP B 404 -3.92 0.65 3.55
C ASP B 404 -3.08 1.84 3.16
N TYR B 405 -2.55 1.84 1.94
CA TYR B 405 -1.75 2.93 1.47
C TYR B 405 -0.56 3.09 2.37
N TRP B 406 -0.10 2.01 2.96
CA TRP B 406 1.04 2.07 3.86
C TRP B 406 2.26 2.52 3.09
N GLU B 407 2.28 2.24 1.80
CA GLU B 407 3.41 2.60 0.98
C GLU B 407 3.62 4.10 1.02
N ASN B 408 2.55 4.87 1.02
CA ASN B 408 2.70 6.32 1.08
C ASN B 408 3.29 6.83 2.38
N LEU B 409 2.84 6.28 3.50
CA LEU B 409 3.32 6.69 4.80
C LEU B 409 4.79 6.39 4.94
N TYR B 410 5.19 5.22 4.48
CA TYR B 410 6.56 4.77 4.57
C TYR B 410 7.45 5.66 3.73
N GLN B 411 6.99 6.05 2.56
CA GLN B 411 7.76 6.93 1.71
C GLN B 411 7.93 8.29 2.34
N GLN B 412 6.88 8.80 2.97
CA GLN B 412 6.95 10.12 3.62
C GLN B 412 7.84 10.19 4.84
N THR B 413 7.75 9.21 5.74
CA THR B 413 8.58 9.21 6.93
C THR B 413 10.05 9.03 6.59
N LEU B 414 10.32 8.15 5.64
CA LEU B 414 11.67 7.86 5.21
C LEU B 414 12.29 9.10 4.63
N ARG B 415 11.54 9.85 3.85
CA ARG B 415 12.10 11.07 3.28
C ARG B 415 12.46 12.07 4.37
N ALA B 416 11.56 12.32 5.32
CA ALA B 416 11.88 13.24 6.39
C ALA B 416 12.86 12.72 7.43
N ALA B 417 12.62 11.51 7.92
CA ALA B 417 13.47 10.85 8.91
C ALA B 417 14.84 10.44 8.41
N GLY B 418 14.88 9.96 7.18
CA GLY B 418 16.08 9.46 6.53
C GLY B 418 15.94 7.96 6.37
N LYS B 419 16.57 7.41 5.34
CA LYS B 419 16.47 5.98 5.06
C LYS B 419 16.82 5.02 6.18
N THR B 420 17.63 5.45 7.13
CA THR B 420 18.04 4.56 8.21
C THR B 420 16.87 4.05 9.03
N TYR B 421 15.79 4.82 9.04
CA TYR B 421 14.59 4.48 9.80
C TYR B 421 13.72 3.46 9.13
N MET B 422 14.17 2.97 7.99
CA MET B 422 13.41 1.98 7.27
C MET B 422 13.25 0.78 8.18
N ILE B 423 14.17 0.62 9.13
CA ILE B 423 14.15 -0.47 10.07
C ILE B 423 12.88 -0.49 10.91
N PHE B 424 12.37 0.69 11.27
CA PHE B 424 11.19 0.76 12.08
C PHE B 424 10.02 0.12 11.37
N PHE B 425 9.87 0.44 10.09
CA PHE B 425 8.81 -0.11 9.25
C PHE B 425 8.93 -1.61 9.04
N VAL B 426 10.13 -2.10 8.86
CA VAL B 426 10.31 -3.53 8.66
C VAL B 426 9.82 -4.27 9.88
N VAL B 427 10.19 -3.82 11.07
CA VAL B 427 9.73 -4.50 12.28
C VAL B 427 8.24 -4.36 12.48
N VAL B 428 7.69 -3.17 12.26
CA VAL B 428 6.26 -2.97 12.42
C VAL B 428 5.43 -3.76 11.42
N ILE B 429 5.77 -3.68 10.15
CA ILE B 429 5.03 -4.40 9.12
C ILE B 429 5.18 -5.91 9.32
N PHE B 430 6.40 -6.35 9.56
CA PHE B 430 6.66 -7.76 9.74
C PHE B 430 6.03 -8.39 10.97
N LEU B 431 6.06 -7.70 12.10
CA LEU B 431 5.48 -8.25 13.30
C LEU B 431 4.07 -7.73 13.55
N GLY B 432 3.91 -6.43 13.44
CA GLY B 432 2.63 -5.80 13.65
C GLY B 432 1.53 -6.10 12.66
N SER B 433 1.85 -6.13 11.37
CA SER B 433 0.82 -6.38 10.38
C SER B 433 0.70 -7.81 9.92
N PHE B 434 1.78 -8.43 9.47
CA PHE B 434 1.65 -9.80 9.02
C PHE B 434 1.23 -10.67 10.17
N TYR B 435 1.89 -10.52 11.32
CA TYR B 435 1.53 -11.32 12.46
C TYR B 435 0.19 -11.05 13.13
N LEU B 436 -0.16 -9.80 13.35
CA LEU B 436 -1.41 -9.51 14.02
C LEU B 436 -2.62 -9.93 13.24
N ILE B 437 -2.60 -9.68 11.94
CA ILE B 437 -3.71 -10.05 11.08
C ILE B 437 -3.90 -11.56 11.05
N ASN B 438 -2.78 -12.28 11.05
CA ASN B 438 -2.81 -13.73 11.04
C ASN B 438 -3.48 -14.26 12.30
N LEU B 439 -3.19 -13.62 13.42
CA LEU B 439 -3.76 -14.05 14.70
C LEU B 439 -5.27 -13.96 14.66
N ILE B 440 -5.79 -12.90 14.05
CA ILE B 440 -7.22 -12.71 13.93
C ILE B 440 -7.85 -13.81 13.10
N LEU B 441 -7.19 -14.18 12.01
CA LEU B 441 -7.70 -15.23 11.16
C LEU B 441 -7.73 -16.56 11.88
N ALA B 442 -6.68 -16.86 12.62
CA ALA B 442 -6.63 -18.13 13.32
C ALA B 442 -7.72 -18.23 14.35
N VAL B 443 -7.92 -17.18 15.12
CA VAL B 443 -8.96 -17.18 16.14
C VAL B 443 -10.36 -17.28 15.54
N VAL B 444 -10.61 -16.52 14.48
CA VAL B 444 -11.92 -16.57 13.84
C VAL B 444 -12.14 -17.95 13.25
N ALA B 445 -11.12 -18.46 12.57
CA ALA B 445 -11.21 -19.78 11.96
C ALA B 445 -11.31 -20.86 13.00
N MET B 446 -10.53 -20.74 14.06
CA MET B 446 -10.54 -21.73 15.12
C MET B 446 -11.90 -21.75 15.82
N ALA B 447 -12.43 -20.56 16.06
CA ALA B 447 -13.73 -20.41 16.71
C ALA B 447 -14.85 -20.96 15.86
N TYR B 448 -14.74 -20.74 14.56
CA TYR B 448 -15.75 -21.22 13.63
C TYR B 448 -15.83 -22.73 13.62
N LYS B 449 -14.69 -23.40 13.70
CA LYS B 449 -14.69 -24.84 13.67
C LYS B 449 -15.41 -25.49 14.84
N GLU B 450 -15.23 -24.96 16.05
CA GLU B 450 -15.90 -25.55 17.21
C GLU B 450 -17.41 -25.48 17.08
N GLN B 451 -17.92 -24.30 16.75
CA GLN B 451 -19.34 -24.09 16.58
C GLN B 451 -19.89 -24.85 15.39
N ASN B 452 -19.18 -24.82 14.27
CA ASN B 452 -19.65 -25.53 13.09
C ASN B 452 -19.66 -27.00 13.39
N GLN B 453 -18.57 -27.50 13.94
CA GLN B 453 -18.49 -28.93 14.22
C GLN B 453 -19.36 -29.34 15.38
N ALA B 454 -19.46 -28.51 16.41
CA ALA B 454 -20.30 -28.87 17.55
C ALA B 454 -21.76 -29.01 17.15
N ASN B 455 -22.25 -28.09 16.33
CA ASN B 455 -23.64 -28.17 15.88
C ASN B 455 -23.87 -29.41 15.00
N ILE B 456 -22.89 -29.69 14.14
CA ILE B 456 -22.96 -30.82 13.22
C ILE B 456 -23.00 -32.17 13.93
N GLU B 457 -22.23 -32.28 15.02
CA GLU B 457 -22.12 -33.52 15.79
C GLU B 457 -23.44 -33.97 16.39
N GLU B 458 -24.25 -33.04 16.86
CA GLU B 458 -25.52 -33.38 17.48
C GLU B 458 -26.47 -34.10 16.52
N ALA B 459 -26.48 -33.68 15.26
CA ALA B 459 -27.36 -34.29 14.27
C ALA B 459 -27.00 -35.77 14.07
N LYS B 460 -25.71 -36.07 14.03
CA LYS B 460 -25.24 -37.42 13.84
C LYS B 460 -24.00 -37.70 14.69
N CYS B 769 -45.71 -41.34 -40.79
CA CYS B 769 -46.65 -41.12 -39.69
C CYS B 769 -45.93 -41.17 -38.35
N SER B 770 -46.66 -41.50 -37.29
CA SER B 770 -46.07 -41.58 -35.97
C SER B 770 -44.98 -42.65 -35.93
N PRO B 771 -45.29 -43.84 -36.56
CA PRO B 771 -44.20 -44.85 -36.52
C PRO B 771 -42.94 -44.44 -37.29
N TYR B 772 -43.12 -43.85 -38.47
CA TYR B 772 -41.99 -43.44 -39.29
C TYR B 772 -41.11 -42.39 -38.62
N TRP B 773 -41.74 -41.47 -37.91
CA TRP B 773 -41.00 -40.42 -37.21
C TRP B 773 -40.07 -41.09 -36.20
N ILE B 774 -40.58 -42.13 -35.56
CA ILE B 774 -39.83 -42.92 -34.57
C ILE B 774 -38.63 -43.64 -35.17
N LYS B 775 -38.77 -44.11 -36.41
CA LYS B 775 -37.70 -44.84 -37.08
C LYS B 775 -36.46 -43.97 -37.14
N PHE B 776 -36.66 -42.67 -37.37
CA PHE B 776 -35.57 -41.72 -37.42
C PHE B 776 -34.89 -41.72 -36.06
N LYS B 777 -35.71 -41.86 -35.02
CA LYS B 777 -35.23 -41.80 -33.65
C LYS B 777 -34.16 -42.85 -33.39
N LYS B 778 -34.31 -44.02 -33.97
CA LYS B 778 -33.31 -45.06 -33.77
C LYS B 778 -31.95 -44.60 -34.28
N CYS B 779 -31.94 -43.90 -35.40
CA CYS B 779 -30.70 -43.43 -35.99
C CYS B 779 -29.97 -42.37 -35.17
N ILE B 780 -30.62 -41.22 -34.97
CA ILE B 780 -29.99 -40.16 -34.20
C ILE B 780 -29.44 -40.69 -32.88
N TYR B 781 -30.32 -41.16 -32.00
CA TYR B 781 -29.88 -41.71 -30.71
C TYR B 781 -28.77 -42.72 -30.94
N PHE B 782 -28.70 -43.22 -32.17
CA PHE B 782 -27.67 -44.16 -32.58
C PHE B 782 -26.54 -43.31 -33.16
N ILE B 783 -26.90 -42.14 -33.69
CA ILE B 783 -25.93 -41.24 -34.29
C ILE B 783 -25.24 -40.32 -33.28
N VAL B 784 -25.86 -40.11 -32.12
CA VAL B 784 -25.23 -39.25 -31.11
C VAL B 784 -23.81 -39.72 -30.88
N MET B 785 -23.60 -41.03 -30.95
CA MET B 785 -22.29 -41.63 -30.76
C MET B 785 -21.59 -41.00 -29.56
N ASP B 786 -22.35 -40.84 -28.48
CA ASP B 786 -21.89 -40.24 -27.24
C ASP B 786 -20.39 -40.42 -26.95
N PRO B 787 -19.77 -41.42 -27.55
CA PRO B 787 -18.34 -41.64 -27.31
C PRO B 787 -17.53 -40.63 -28.09
N PHE B 788 -17.93 -40.35 -29.32
CA PHE B 788 -17.23 -39.39 -30.17
C PHE B 788 -17.84 -37.99 -30.20
N VAL B 789 -19.15 -37.91 -30.35
CA VAL B 789 -19.82 -36.61 -30.47
C VAL B 789 -19.76 -35.66 -29.28
N ASP B 790 -20.03 -36.14 -28.07
CA ASP B 790 -19.97 -35.24 -26.92
C ASP B 790 -18.54 -34.82 -26.66
N LEU B 791 -17.64 -35.80 -26.73
CA LEU B 791 -16.22 -35.57 -26.52
C LEU B 791 -15.74 -34.66 -27.63
N ALA B 792 -16.23 -34.90 -28.83
CA ALA B 792 -15.84 -34.09 -29.98
C ALA B 792 -16.27 -32.64 -29.79
N ILE B 793 -17.46 -32.44 -29.25
CA ILE B 793 -17.96 -31.10 -29.05
C ILE B 793 -17.13 -30.25 -28.09
N THR B 794 -16.66 -30.83 -26.98
CA THR B 794 -15.88 -30.02 -26.06
C THR B 794 -14.60 -29.55 -26.74
N ILE B 795 -13.95 -30.44 -27.48
CA ILE B 795 -12.74 -30.08 -28.17
C ILE B 795 -13.08 -28.99 -29.17
N CYS B 796 -14.24 -29.11 -29.79
CA CYS B 796 -14.67 -28.12 -30.76
C CYS B 796 -14.88 -26.75 -30.12
N ILE B 797 -15.50 -26.74 -28.94
CA ILE B 797 -15.77 -25.49 -28.22
C ILE B 797 -14.52 -24.77 -27.77
N VAL B 798 -13.53 -25.51 -27.30
CA VAL B 798 -12.31 -24.90 -26.84
C VAL B 798 -11.72 -24.17 -28.02
N LEU B 799 -11.82 -24.78 -29.19
CA LEU B 799 -11.31 -24.18 -30.40
C LEU B 799 -12.01 -22.87 -30.72
N ASN B 800 -13.32 -22.82 -30.53
CA ASN B 800 -14.04 -21.59 -30.82
C ASN B 800 -13.58 -20.48 -29.92
N THR B 801 -13.37 -20.79 -28.65
CA THR B 801 -12.95 -19.78 -27.69
C THR B 801 -11.64 -19.13 -28.13
N LEU B 802 -10.73 -19.95 -28.61
CA LEU B 802 -9.44 -19.47 -29.07
C LEU B 802 -9.69 -18.53 -30.21
N PHE B 803 -10.70 -18.82 -31.02
CA PHE B 803 -11.02 -17.94 -32.13
C PHE B 803 -11.44 -16.59 -31.60
N MET B 804 -12.22 -16.59 -30.53
CA MET B 804 -12.73 -15.38 -29.90
C MET B 804 -11.61 -14.52 -29.34
N ALA B 805 -10.59 -15.19 -28.82
CA ALA B 805 -9.45 -14.54 -28.20
C ALA B 805 -8.69 -13.64 -29.14
N MET B 806 -8.84 -13.83 -30.44
CA MET B 806 -8.11 -12.99 -31.38
C MET B 806 -8.79 -11.65 -31.68
N GLU B 807 -8.38 -10.62 -30.95
CA GLU B 807 -8.91 -9.26 -31.14
C GLU B 807 -7.84 -8.22 -30.82
N HIS B 808 -7.97 -7.03 -31.41
CA HIS B 808 -7.02 -5.95 -31.20
C HIS B 808 -7.73 -4.62 -31.34
N HIS B 809 -7.11 -3.53 -30.88
CA HIS B 809 -7.76 -2.24 -31.03
C HIS B 809 -7.92 -1.98 -32.52
N PRO B 810 -6.86 -2.23 -33.29
CA PRO B 810 -6.93 -1.97 -34.72
C PRO B 810 -6.88 -3.25 -35.50
N MET B 811 -7.87 -3.53 -36.32
CA MET B 811 -7.87 -4.73 -37.11
C MET B 811 -8.23 -4.43 -38.55
N THR B 812 -7.52 -5.06 -39.47
CA THR B 812 -7.79 -4.86 -40.88
C THR B 812 -9.11 -5.54 -41.17
N GLU B 813 -9.78 -5.12 -42.23
CA GLU B 813 -11.07 -5.68 -42.61
C GLU B 813 -11.02 -7.18 -42.93
N GLU B 814 -9.93 -7.63 -43.55
CA GLU B 814 -9.84 -9.04 -43.88
C GLU B 814 -9.84 -9.92 -42.63
N PHE B 815 -9.09 -9.52 -41.62
CA PHE B 815 -9.05 -10.29 -40.38
C PHE B 815 -10.41 -10.27 -39.71
N LYS B 816 -11.06 -9.12 -39.74
CA LYS B 816 -12.36 -9.01 -39.12
C LYS B 816 -13.35 -9.94 -39.77
N ASN B 817 -13.28 -10.07 -41.09
CA ASN B 817 -14.18 -10.94 -41.83
C ASN B 817 -14.03 -12.41 -41.45
N VAL B 818 -12.80 -12.86 -41.29
CA VAL B 818 -12.55 -14.25 -40.95
C VAL B 818 -13.23 -14.54 -39.63
N LEU B 819 -13.19 -13.58 -38.73
CA LEU B 819 -13.82 -13.75 -37.44
C LEU B 819 -15.31 -13.99 -37.66
N ALA B 820 -15.88 -13.26 -38.61
CA ALA B 820 -17.30 -13.41 -38.90
C ALA B 820 -17.61 -14.82 -39.43
N ILE B 821 -16.74 -15.32 -40.29
CA ILE B 821 -16.89 -16.64 -40.89
C ILE B 821 -16.61 -17.74 -39.88
N GLY B 822 -15.55 -17.57 -39.11
CA GLY B 822 -15.17 -18.57 -38.13
C GLY B 822 -16.29 -18.71 -37.13
N ASN B 823 -16.88 -17.60 -36.74
CA ASN B 823 -17.96 -17.62 -35.78
C ASN B 823 -19.16 -18.37 -36.33
N LEU B 824 -19.46 -18.16 -37.61
CA LEU B 824 -20.60 -18.83 -38.23
C LEU B 824 -20.46 -20.34 -38.28
N VAL B 825 -19.28 -20.82 -38.64
CA VAL B 825 -19.09 -22.26 -38.73
C VAL B 825 -19.35 -22.82 -37.35
N PHE B 826 -18.81 -22.14 -36.35
CA PHE B 826 -19.02 -22.56 -34.98
C PHE B 826 -20.48 -22.42 -34.63
N THR B 827 -21.12 -21.36 -35.12
CA THR B 827 -22.53 -21.17 -34.84
C THR B 827 -23.28 -22.31 -35.49
N GLY B 828 -22.86 -22.68 -36.70
CA GLY B 828 -23.47 -23.76 -37.44
C GLY B 828 -23.34 -25.14 -36.81
N ILE B 829 -22.15 -25.45 -36.29
CA ILE B 829 -21.90 -26.76 -35.67
C ILE B 829 -22.71 -27.01 -34.40
N PHE B 830 -22.77 -26.01 -33.52
CA PHE B 830 -23.51 -26.15 -32.28
C PHE B 830 -25.00 -26.25 -32.55
N ALA B 831 -25.48 -25.45 -33.48
CA ALA B 831 -26.89 -25.42 -33.82
C ALA B 831 -27.38 -26.75 -34.37
N ALA B 832 -26.58 -27.39 -35.22
CA ALA B 832 -26.98 -28.66 -35.78
C ALA B 832 -27.14 -29.63 -34.64
N GLU B 833 -26.21 -29.56 -33.70
CA GLU B 833 -26.21 -30.43 -32.53
C GLU B 833 -27.40 -30.24 -31.59
N MET B 834 -27.81 -29.00 -31.36
CA MET B 834 -28.92 -28.74 -30.45
C MET B 834 -30.24 -29.38 -30.91
N VAL B 835 -30.52 -29.29 -32.20
CA VAL B 835 -31.74 -29.90 -32.70
C VAL B 835 -31.67 -31.39 -32.52
N LEU B 836 -30.49 -31.93 -32.76
CA LEU B 836 -30.23 -33.36 -32.68
C LEU B 836 -30.46 -33.97 -31.31
N LYS B 837 -30.04 -33.28 -30.26
CA LYS B 837 -30.23 -33.82 -28.92
C LYS B 837 -31.70 -33.94 -28.51
N LEU B 838 -32.51 -32.93 -28.78
CA LEU B 838 -33.91 -33.01 -28.40
C LEU B 838 -34.70 -34.09 -29.13
N ILE B 839 -34.43 -34.25 -30.42
CA ILE B 839 -35.13 -35.26 -31.19
C ILE B 839 -34.82 -36.63 -30.61
N ALA B 840 -33.54 -36.85 -30.29
CA ALA B 840 -33.14 -38.12 -29.71
C ALA B 840 -33.77 -38.34 -28.34
N MET B 841 -33.80 -37.30 -27.51
CA MET B 841 -34.39 -37.44 -26.19
C MET B 841 -35.78 -36.81 -26.06
N ASP B 842 -36.27 -36.15 -27.12
CA ASP B 842 -37.61 -35.57 -27.01
C ASP B 842 -37.57 -34.34 -26.11
N PRO B 843 -38.63 -33.44 -26.24
CA PRO B 843 -38.51 -32.25 -25.38
C PRO B 843 -38.54 -32.45 -23.86
N TYR B 844 -39.45 -33.25 -23.32
CA TYR B 844 -39.47 -33.42 -21.87
C TYR B 844 -38.20 -34.08 -21.35
N GLU B 845 -37.75 -35.11 -22.06
CA GLU B 845 -36.53 -35.83 -21.69
C GLU B 845 -35.28 -34.96 -21.83
N TYR B 846 -35.20 -34.28 -22.97
CA TYR B 846 -34.07 -33.42 -23.32
C TYR B 846 -33.95 -32.17 -22.46
N PHE B 847 -35.07 -31.51 -22.22
CA PHE B 847 -35.11 -30.28 -21.43
C PHE B 847 -34.81 -30.47 -19.95
N GLN B 848 -35.10 -31.66 -19.44
CA GLN B 848 -34.90 -31.98 -18.03
C GLN B 848 -33.45 -31.87 -17.56
N VAL B 849 -32.51 -32.30 -18.39
CA VAL B 849 -31.11 -32.26 -18.00
C VAL B 849 -30.65 -30.83 -17.72
N GLY B 850 -29.92 -30.64 -16.61
CA GLY B 850 -29.45 -29.33 -16.22
C GLY B 850 -28.50 -28.68 -17.20
N TRP B 851 -27.54 -29.46 -17.70
CA TRP B 851 -26.61 -28.90 -18.66
C TRP B 851 -27.31 -28.52 -19.95
N ASN B 852 -28.25 -29.35 -20.37
CA ASN B 852 -29.01 -29.10 -21.58
C ASN B 852 -29.84 -27.83 -21.48
N ILE B 853 -30.42 -27.59 -20.32
CA ILE B 853 -31.21 -26.40 -20.11
C ILE B 853 -30.24 -25.25 -20.32
N PHE B 854 -29.03 -25.45 -19.79
CA PHE B 854 -27.98 -24.46 -19.89
C PHE B 854 -27.56 -24.21 -21.34
N ASP B 855 -27.39 -25.28 -22.11
CA ASP B 855 -27.00 -25.14 -23.53
C ASP B 855 -27.99 -24.48 -24.48
N SER B 856 -29.27 -24.79 -24.31
CA SER B 856 -30.27 -24.23 -25.23
C SER B 856 -30.28 -22.72 -25.15
N LEU B 857 -30.13 -22.18 -23.95
CA LEU B 857 -30.12 -20.73 -23.80
C LEU B 857 -28.95 -20.20 -24.62
N ILE B 858 -27.84 -20.91 -24.56
CA ILE B 858 -26.64 -20.52 -25.29
C ILE B 858 -26.88 -20.52 -26.79
N VAL B 859 -27.55 -21.56 -27.28
CA VAL B 859 -27.87 -21.66 -28.69
C VAL B 859 -28.84 -20.56 -29.09
N THR B 860 -29.82 -20.35 -28.24
CA THR B 860 -30.87 -19.36 -28.42
C THR B 860 -30.30 -17.95 -28.55
N LEU B 861 -29.42 -17.58 -27.63
CA LEU B 861 -28.80 -16.27 -27.65
C LEU B 861 -27.97 -16.05 -28.91
N SER B 862 -27.25 -17.07 -29.35
CA SER B 862 -26.44 -16.96 -30.56
C SER B 862 -27.29 -16.69 -31.79
N LEU B 863 -28.40 -17.42 -31.88
CA LEU B 863 -29.33 -17.30 -33.00
C LEU B 863 -30.01 -15.95 -33.07
N VAL B 864 -30.31 -15.39 -31.90
CA VAL B 864 -31.01 -14.12 -31.81
C VAL B 864 -30.24 -12.99 -32.49
N GLU B 865 -28.93 -12.98 -32.35
CA GLU B 865 -28.12 -11.93 -32.97
C GLU B 865 -27.47 -12.43 -34.24
N LEU B 866 -27.93 -13.57 -34.75
CA LEU B 866 -27.31 -14.15 -35.92
C LEU B 866 -27.26 -13.05 -36.97
N PHE B 867 -28.36 -12.34 -37.12
CA PHE B 867 -28.39 -11.24 -38.07
C PHE B 867 -28.95 -9.93 -37.49
N LEU B 868 -28.88 -9.76 -36.17
CA LEU B 868 -29.38 -8.55 -35.55
C LEU B 868 -28.29 -7.90 -34.72
N LEU B 874 -27.48 -5.97 -29.97
CA LEU B 874 -26.70 -4.98 -29.24
C LEU B 874 -25.29 -5.48 -28.94
N SER B 875 -24.36 -4.55 -28.81
CA SER B 875 -22.97 -4.88 -28.53
C SER B 875 -22.89 -5.60 -27.20
N VAL B 876 -23.69 -5.13 -26.25
CA VAL B 876 -23.75 -5.72 -24.92
C VAL B 876 -24.22 -7.18 -24.99
N LEU B 877 -25.14 -7.45 -25.92
CA LEU B 877 -25.68 -8.79 -26.09
C LEU B 877 -24.60 -9.78 -26.48
N ARG B 878 -23.73 -9.38 -27.40
CA ARG B 878 -22.66 -10.25 -27.87
C ARG B 878 -21.72 -10.66 -26.75
N SER B 879 -21.20 -9.67 -26.05
CA SER B 879 -20.28 -9.87 -24.94
C SER B 879 -20.56 -11.12 -24.10
N PHE B 880 -21.75 -11.68 -24.22
CA PHE B 880 -22.12 -12.87 -23.45
C PHE B 880 -21.71 -14.19 -24.10
N ARG B 881 -21.40 -14.15 -25.38
CA ARG B 881 -20.99 -15.35 -26.10
C ARG B 881 -19.83 -16.07 -25.44
N LEU B 882 -19.04 -15.31 -24.68
CA LEU B 882 -17.86 -15.84 -24.01
C LEU B 882 -18.12 -16.93 -22.98
N LEU B 883 -19.28 -16.92 -22.35
CA LEU B 883 -19.61 -17.86 -21.27
C LEU B 883 -19.58 -19.35 -21.62
N ARG B 884 -20.02 -19.71 -22.82
CA ARG B 884 -20.04 -21.10 -23.27
C ARG B 884 -18.88 -21.97 -22.79
N VAL B 885 -17.69 -21.40 -22.80
CA VAL B 885 -16.45 -22.10 -22.43
C VAL B 885 -16.53 -22.96 -21.18
N PHE B 886 -17.53 -22.70 -20.33
CA PHE B 886 -17.67 -23.44 -19.09
C PHE B 886 -17.87 -24.96 -19.17
N LYS B 887 -18.52 -25.47 -20.19
CA LYS B 887 -18.84 -26.88 -20.20
C LYS B 887 -17.66 -27.81 -19.88
N LEU B 888 -16.45 -27.32 -20.01
CA LEU B 888 -15.25 -28.13 -19.75
C LEU B 888 -15.13 -28.65 -18.31
N ALA B 889 -15.90 -28.09 -17.40
CA ALA B 889 -15.81 -28.43 -15.98
C ALA B 889 -15.99 -29.89 -15.55
N LYS B 890 -16.88 -30.65 -16.17
CA LYS B 890 -17.10 -32.02 -15.72
C LYS B 890 -15.85 -32.91 -15.77
N SER B 891 -15.11 -32.86 -16.87
CA SER B 891 -13.89 -33.66 -17.02
C SER B 891 -12.74 -33.30 -16.07
N TRP B 892 -12.53 -32.00 -15.87
CA TRP B 892 -11.45 -31.48 -15.03
C TRP B 892 -11.71 -31.62 -13.53
N PRO B 893 -10.67 -32.13 -12.76
CA PRO B 893 -10.97 -32.21 -11.32
C PRO B 893 -11.09 -30.85 -10.66
N THR B 894 -10.14 -29.96 -10.95
CA THR B 894 -10.17 -28.62 -10.34
C THR B 894 -11.40 -27.81 -10.78
N LEU B 895 -11.71 -27.82 -12.06
CA LEU B 895 -12.87 -27.05 -12.48
C LEU B 895 -13.97 -27.41 -11.52
N ASN B 896 -13.99 -28.66 -11.09
CA ASN B 896 -15.00 -29.11 -10.15
C ASN B 896 -14.90 -28.35 -8.84
N MET B 897 -13.67 -28.13 -8.38
CA MET B 897 -13.45 -27.38 -7.14
C MET B 897 -13.91 -25.93 -7.20
N LEU B 898 -13.63 -25.24 -8.30
CA LEU B 898 -14.04 -23.85 -8.43
C LEU B 898 -15.55 -23.74 -8.45
N ILE B 899 -16.21 -24.64 -9.16
CA ILE B 899 -17.67 -24.64 -9.24
C ILE B 899 -18.29 -24.96 -7.90
N LYS B 900 -17.68 -25.91 -7.19
CA LYS B 900 -18.18 -26.33 -5.90
C LYS B 900 -18.13 -25.19 -4.90
N ILE B 901 -17.05 -24.43 -4.91
CA ILE B 901 -16.90 -23.31 -3.99
C ILE B 901 -17.97 -22.26 -4.29
N ILE B 902 -18.20 -21.99 -5.56
CA ILE B 902 -19.20 -21.02 -5.96
C ILE B 902 -20.61 -21.43 -5.57
N GLY B 903 -20.91 -22.71 -5.66
CA GLY B 903 -22.22 -23.20 -5.31
C GLY B 903 -22.56 -22.97 -3.86
N ASN B 904 -21.58 -23.15 -2.98
CA ASN B 904 -21.78 -22.97 -1.54
C ASN B 904 -22.17 -21.55 -1.18
N SER B 905 -21.65 -20.57 -1.91
CA SER B 905 -21.95 -19.19 -1.61
C SER B 905 -23.46 -18.89 -1.71
N VAL B 906 -24.14 -19.51 -2.67
CA VAL B 906 -25.57 -19.29 -2.85
C VAL B 906 -26.35 -20.56 -2.52
N GLY B 907 -25.65 -21.57 -2.04
CA GLY B 907 -26.26 -22.84 -1.68
C GLY B 907 -26.47 -22.98 -0.20
N ALA B 908 -25.67 -23.84 0.43
CA ALA B 908 -25.78 -24.05 1.86
C ALA B 908 -25.46 -22.77 2.63
N LEU B 909 -24.47 -22.03 2.15
CA LEU B 909 -24.03 -20.82 2.79
C LEU B 909 -24.78 -19.60 2.28
N GLY B 910 -25.87 -19.84 1.57
CA GLY B 910 -26.64 -18.75 1.01
C GLY B 910 -27.14 -17.81 2.08
N ASN B 911 -27.54 -18.33 3.23
CA ASN B 911 -28.00 -17.43 4.27
C ASN B 911 -26.90 -16.51 4.75
N LEU B 912 -25.69 -17.06 4.94
CA LEU B 912 -24.55 -16.26 5.39
C LEU B 912 -24.15 -15.21 4.37
N THR B 913 -24.16 -15.58 3.10
CA THR B 913 -23.81 -14.66 2.03
C THR B 913 -24.84 -13.54 1.97
N LEU B 914 -26.09 -13.88 2.21
CA LEU B 914 -27.19 -12.93 2.18
C LEU B 914 -26.99 -11.85 3.22
N VAL B 915 -26.46 -12.21 4.38
CA VAL B 915 -26.20 -11.25 5.44
C VAL B 915 -25.20 -10.22 4.95
N LEU B 916 -24.19 -10.66 4.21
CA LEU B 916 -23.19 -9.74 3.71
C LEU B 916 -23.87 -8.73 2.80
N ALA B 917 -24.79 -9.19 1.99
CA ALA B 917 -25.51 -8.30 1.09
C ALA B 917 -26.34 -7.31 1.88
N ILE B 918 -27.00 -7.77 2.94
CA ILE B 918 -27.82 -6.88 3.76
C ILE B 918 -26.99 -5.81 4.45
N ILE B 919 -25.86 -6.20 5.01
CA ILE B 919 -24.98 -5.27 5.70
C ILE B 919 -24.39 -4.22 4.76
N VAL B 920 -23.99 -4.63 3.56
CA VAL B 920 -23.44 -3.68 2.62
C VAL B 920 -24.50 -2.67 2.26
N PHE B 921 -25.73 -3.14 2.11
CA PHE B 921 -26.84 -2.26 1.78
C PHE B 921 -27.15 -1.23 2.87
N ILE B 922 -27.13 -1.66 4.12
CA ILE B 922 -27.43 -0.74 5.21
C ILE B 922 -26.38 0.36 5.30
N PHE B 923 -25.13 -0.01 5.18
CA PHE B 923 -24.04 0.96 5.24
C PHE B 923 -24.07 1.95 4.09
N ALA B 924 -24.36 1.48 2.89
CA ALA B 924 -24.37 2.37 1.75
C ALA B 924 -25.43 3.42 1.95
N VAL B 925 -26.61 2.98 2.39
CA VAL B 925 -27.70 3.92 2.65
C VAL B 925 -27.43 4.82 3.85
N VAL B 926 -26.84 4.27 4.91
CA VAL B 926 -26.53 5.06 6.09
C VAL B 926 -25.51 6.13 5.77
N GLY B 927 -24.50 5.77 5.00
CA GLY B 927 -23.49 6.73 4.62
C GLY B 927 -24.12 7.80 3.78
N MET B 928 -25.02 7.41 2.89
CA MET B 928 -25.66 8.37 2.00
C MET B 928 -26.50 9.38 2.75
N GLN B 929 -27.26 8.93 3.74
CA GLN B 929 -28.10 9.83 4.51
C GLN B 929 -27.30 10.82 5.33
N LEU B 930 -26.29 10.33 6.02
CA LEU B 930 -25.44 11.15 6.87
C LEU B 930 -24.53 12.16 6.17
N PHE B 931 -23.84 11.73 5.13
CA PHE B 931 -22.92 12.60 4.42
C PHE B 931 -23.33 13.01 3.02
N GLY B 932 -24.51 12.63 2.57
CA GLY B 932 -24.87 12.98 1.21
C GLY B 932 -24.95 14.46 0.93
N LYS B 933 -25.57 15.20 1.82
CA LYS B 933 -25.71 16.64 1.66
C LYS B 933 -24.41 17.39 1.73
N SER B 934 -23.54 16.95 2.64
CA SER B 934 -22.24 17.60 2.84
C SER B 934 -21.35 17.56 1.64
N TYR B 935 -21.29 16.45 0.95
CA TYR B 935 -20.41 16.34 -0.19
C TYR B 935 -20.78 17.37 -1.22
N LYS B 936 -22.06 17.55 -1.46
CA LYS B 936 -22.48 18.52 -2.45
C LYS B 936 -22.15 19.95 -2.08
N GLU B 937 -22.43 20.35 -0.84
CA GLU B 937 -22.14 21.72 -0.45
C GLU B 937 -20.67 22.08 -0.34
N CYS B 938 -19.89 21.24 0.35
CA CYS B 938 -18.45 21.48 0.52
C CYS B 938 -17.57 21.41 -0.74
N VAL B 939 -17.80 20.38 -1.53
CA VAL B 939 -17.04 20.16 -2.74
C VAL B 939 -15.73 20.90 -2.67
N CYS B 940 -15.78 22.20 -2.92
CA CYS B 940 -14.60 23.04 -2.90
C CYS B 940 -13.58 22.65 -1.83
N LYS B 941 -14.01 21.93 -0.81
CA LYS B 941 -13.09 21.52 0.24
C LYS B 941 -12.39 20.22 -0.13
N ILE B 942 -12.50 19.83 -1.39
CA ILE B 942 -11.89 18.61 -1.89
C ILE B 942 -11.78 18.62 -3.41
N ASN B 943 -11.55 19.80 -3.99
CA ASN B 943 -11.42 19.93 -5.43
C ASN B 943 -11.14 21.35 -5.87
N ASP B 944 -10.78 21.52 -7.14
CA ASP B 944 -10.49 22.85 -7.66
C ASP B 944 -11.61 23.35 -8.56
N ASP B 945 -12.15 22.45 -9.37
CA ASP B 945 -13.24 22.78 -10.27
C ASP B 945 -14.55 22.83 -9.51
N CYS B 946 -14.46 22.67 -8.20
CA CYS B 946 -15.63 22.70 -7.34
C CYS B 946 -16.68 21.69 -7.76
N THR B 947 -16.24 20.64 -8.45
CA THR B 947 -17.13 19.57 -8.89
C THR B 947 -16.93 18.33 -8.03
N LEU B 948 -17.90 17.42 -8.03
CA LEU B 948 -17.79 16.21 -7.22
C LEU B 948 -16.62 15.30 -7.59
N PRO B 949 -15.94 14.73 -6.52
CA PRO B 949 -14.82 13.85 -6.89
C PRO B 949 -15.28 12.49 -7.42
N ARG B 950 -14.36 11.71 -7.96
CA ARG B 950 -14.74 10.41 -8.51
C ARG B 950 -15.38 9.53 -7.47
N TRP B 951 -14.84 9.52 -6.25
CA TRP B 951 -15.43 8.71 -5.20
C TRP B 951 -16.11 9.63 -4.23
N HIS B 952 -17.41 9.47 -4.09
CA HIS B 952 -18.20 10.32 -3.21
C HIS B 952 -19.40 9.58 -2.69
N MET B 953 -20.07 10.14 -1.70
CA MET B 953 -21.22 9.52 -1.08
C MET B 953 -22.57 10.14 -1.40
N ASN B 954 -22.63 10.93 -2.45
CA ASN B 954 -23.87 11.59 -2.85
C ASN B 954 -25.06 10.75 -3.30
N ASP B 955 -24.83 9.67 -4.04
CA ASP B 955 -25.88 8.82 -4.58
C ASP B 955 -25.75 7.41 -4.06
N PHE B 956 -26.82 6.64 -4.18
CA PHE B 956 -26.75 5.28 -3.69
C PHE B 956 -25.73 4.42 -4.42
N PHE B 957 -25.66 4.53 -5.74
CA PHE B 957 -24.70 3.72 -6.46
C PHE B 957 -23.32 4.14 -6.00
N HIS B 958 -23.10 5.45 -5.91
CA HIS B 958 -21.81 5.98 -5.45
C HIS B 958 -21.52 5.67 -4.01
N SER B 959 -22.53 5.78 -3.16
CA SER B 959 -22.36 5.49 -1.76
C SER B 959 -22.02 4.02 -1.66
N PHE B 960 -22.66 3.20 -2.49
CA PHE B 960 -22.40 1.76 -2.51
C PHE B 960 -20.97 1.48 -2.93
N LEU B 961 -20.47 2.19 -3.91
CA LEU B 961 -19.11 1.96 -4.37
C LEU B 961 -18.10 2.21 -3.29
N ILE B 962 -18.29 3.27 -2.50
CA ILE B 962 -17.36 3.56 -1.43
C ILE B 962 -17.36 2.44 -0.40
N VAL B 963 -18.53 1.94 -0.05
CA VAL B 963 -18.61 0.88 0.92
C VAL B 963 -17.92 -0.35 0.36
N PHE B 964 -18.09 -0.58 -0.93
CA PHE B 964 -17.47 -1.72 -1.58
C PHE B 964 -15.96 -1.60 -1.53
N ARG B 965 -15.46 -0.39 -1.75
CA ARG B 965 -14.02 -0.15 -1.75
C ARG B 965 -13.42 -0.44 -0.37
N VAL B 966 -14.13 -0.04 0.67
CA VAL B 966 -13.69 -0.26 2.04
C VAL B 966 -13.63 -1.74 2.38
N LEU B 967 -14.43 -2.56 1.71
CA LEU B 967 -14.41 -4.00 1.96
C LEU B 967 -13.04 -4.52 1.55
N CYS B 968 -12.53 -4.00 0.44
CA CYS B 968 -11.19 -4.30 -0.05
C CYS B 968 -10.51 -3.36 0.94
N GLY B 969 -9.22 -3.49 1.24
CA GLY B 969 -8.64 -2.59 2.23
C GLY B 969 -8.24 -1.23 1.70
N GLU B 970 -9.22 -0.43 1.27
CA GLU B 970 -8.93 0.90 0.72
C GLU B 970 -9.54 2.09 1.46
N TRP B 971 -9.85 1.95 2.75
CA TRP B 971 -10.52 3.01 3.49
C TRP B 971 -9.86 4.38 3.72
N ILE B 972 -8.58 4.44 4.03
CA ILE B 972 -7.97 5.73 4.33
C ILE B 972 -8.02 6.82 3.27
N GLU B 973 -7.88 6.49 2.00
CA GLU B 973 -7.89 7.50 0.94
C GLU B 973 -9.21 8.26 0.89
N THR B 974 -10.30 7.52 1.03
CA THR B 974 -11.65 8.08 1.05
C THR B 974 -11.98 8.81 2.34
N MET B 975 -11.54 8.24 3.46
CA MET B 975 -11.82 8.78 4.77
C MET B 975 -11.30 10.16 4.98
N TRP B 976 -10.13 10.48 4.45
CA TRP B 976 -9.59 11.81 4.65
C TRP B 976 -10.59 12.77 4.08
N ASP B 977 -11.11 12.45 2.90
CA ASP B 977 -12.09 13.30 2.26
C ASP B 977 -13.43 13.42 2.96
N CYS B 978 -13.95 12.32 3.51
CA CYS B 978 -15.23 12.40 4.20
C CYS B 978 -15.09 13.40 5.33
N MET B 979 -13.93 13.37 5.98
CA MET B 979 -13.60 14.26 7.08
C MET B 979 -13.54 15.72 6.70
N GLU B 980 -13.03 16.04 5.52
CA GLU B 980 -12.95 17.45 5.12
C GLU B 980 -14.33 18.09 5.02
N VAL B 981 -15.26 17.37 4.42
CA VAL B 981 -16.65 17.79 4.32
C VAL B 981 -17.56 17.54 5.54
N ALA B 982 -17.50 16.34 6.08
CA ALA B 982 -18.34 15.94 7.22
C ALA B 982 -17.80 16.07 8.65
N GLY B 983 -16.54 16.43 8.82
CA GLY B 983 -15.98 16.56 10.16
C GLY B 983 -15.38 15.27 10.64
N GLN B 984 -14.41 15.35 11.55
CA GLN B 984 -13.74 14.17 12.07
C GLN B 984 -14.49 13.14 12.88
N ALA B 985 -15.33 13.58 13.81
CA ALA B 985 -16.03 12.63 14.66
C ALA B 985 -16.97 11.72 13.93
N MET B 986 -17.79 12.27 13.05
CA MET B 986 -18.74 11.47 12.30
C MET B 986 -18.11 10.52 11.30
N CYS B 987 -17.21 11.04 10.50
CA CYS B 987 -16.57 10.24 9.46
C CYS B 987 -15.78 9.10 10.06
N LEU B 988 -15.06 9.35 11.13
CA LEU B 988 -14.26 8.31 11.76
C LEU B 988 -15.09 7.16 12.32
N ILE B 989 -16.19 7.48 12.98
CA ILE B 989 -17.04 6.45 13.56
C ILE B 989 -17.68 5.54 12.53
N VAL B 990 -18.19 6.12 11.44
CA VAL B 990 -18.81 5.34 10.39
C VAL B 990 -17.83 4.43 9.66
N TYR B 991 -16.69 4.99 9.27
CA TYR B 991 -15.69 4.20 8.56
C TYR B 991 -15.12 3.09 9.41
N MET B 992 -14.87 3.38 10.67
CA MET B 992 -14.30 2.38 11.56
C MET B 992 -15.25 1.21 11.74
N MET B 993 -16.53 1.50 11.85
CA MET B 993 -17.55 0.45 11.98
C MET B 993 -17.69 -0.40 10.73
N VAL B 994 -17.65 0.23 9.57
CA VAL B 994 -17.78 -0.51 8.33
C VAL B 994 -16.62 -1.45 8.20
N MET B 995 -15.45 -0.95 8.51
CA MET B 995 -14.25 -1.74 8.42
C MET B 995 -14.23 -2.91 9.38
N VAL B 996 -14.54 -2.67 10.65
CA VAL B 996 -14.55 -3.76 11.60
C VAL B 996 -15.70 -4.74 11.41
N ILE B 997 -16.92 -4.23 11.38
CA ILE B 997 -18.09 -5.09 11.19
C ILE B 997 -18.15 -5.70 9.80
N GLY B 998 -17.88 -4.91 8.78
CA GLY B 998 -17.93 -5.40 7.42
C GLY B 998 -16.90 -6.47 7.13
N ASN B 999 -15.68 -6.25 7.59
CA ASN B 999 -14.62 -7.21 7.39
C ASN B 999 -14.83 -8.51 8.14
N LEU B 1000 -15.41 -8.44 9.33
CA LEU B 1000 -15.63 -9.65 10.09
C LEU B 1000 -16.57 -10.58 9.31
N VAL B 1001 -17.61 -10.01 8.71
CA VAL B 1001 -18.52 -10.83 7.92
C VAL B 1001 -17.82 -11.41 6.70
N VAL B 1002 -17.00 -10.60 6.03
CA VAL B 1002 -16.27 -11.07 4.86
C VAL B 1002 -15.32 -12.17 5.26
N LEU B 1003 -14.66 -11.99 6.39
CA LEU B 1003 -13.72 -12.98 6.86
C LEU B 1003 -14.42 -14.28 7.18
N ASN B 1004 -15.60 -14.19 7.77
CA ASN B 1004 -16.37 -15.36 8.12
C ASN B 1004 -16.81 -16.13 6.90
N LEU B 1005 -17.25 -15.41 5.87
CA LEU B 1005 -17.68 -16.03 4.63
C LEU B 1005 -16.51 -16.74 3.96
N PHE B 1006 -15.37 -16.07 3.90
CA PHE B 1006 -14.21 -16.67 3.27
C PHE B 1006 -13.81 -17.94 3.99
N LEU B 1007 -13.60 -17.85 5.29
CA LEU B 1007 -13.21 -19.01 6.10
C LEU B 1007 -14.28 -20.08 6.14
N ALA B 1008 -15.53 -19.68 6.27
CA ALA B 1008 -16.63 -20.62 6.32
C ALA B 1008 -16.74 -21.35 5.01
N LEU B 1009 -16.61 -20.59 3.92
CA LEU B 1009 -16.70 -21.17 2.59
C LEU B 1009 -15.55 -22.13 2.32
N LEU B 1010 -14.35 -21.71 2.70
CA LEU B 1010 -13.16 -22.51 2.47
C LEU B 1010 -13.13 -23.81 3.25
N LEU B 1011 -13.47 -23.76 4.52
CA LEU B 1011 -13.46 -24.98 5.33
C LEU B 1011 -14.53 -25.97 4.92
N SER B 1012 -15.72 -25.47 4.63
CA SER B 1012 -16.83 -26.31 4.23
C SER B 1012 -16.51 -27.01 2.91
N SER B 1013 -15.95 -26.26 1.98
CA SER B 1013 -15.60 -26.80 0.67
C SER B 1013 -14.53 -27.87 0.80
N PHE B 1014 -13.56 -27.61 1.67
CA PHE B 1014 -12.45 -28.52 1.90
C PHE B 1014 -12.86 -29.88 2.44
N SER B 1015 -13.81 -29.89 3.36
CA SER B 1015 -14.28 -31.15 3.96
C SER B 1015 -15.77 -31.11 4.24
N GLY B 1218 47.14 -52.26 -11.04
CA GLY B 1218 47.50 -50.93 -10.59
C GLY B 1218 46.33 -50.26 -9.93
N LYS B 1219 45.46 -49.68 -10.75
CA LYS B 1219 44.26 -49.02 -10.24
C LYS B 1219 44.61 -47.96 -9.23
N ILE B 1220 45.69 -47.22 -9.48
CA ILE B 1220 46.08 -46.14 -8.58
C ILE B 1220 44.99 -45.09 -8.59
N TRP B 1221 44.19 -45.11 -9.65
CA TRP B 1221 43.10 -44.16 -9.84
C TRP B 1221 42.11 -44.26 -8.70
N TRP B 1222 41.87 -45.46 -8.20
CA TRP B 1222 40.93 -45.60 -7.10
C TRP B 1222 41.34 -44.87 -5.82
N ASN B 1223 42.61 -44.91 -5.45
CA ASN B 1223 43.05 -44.21 -4.25
C ASN B 1223 42.86 -42.72 -4.37
N ILE B 1224 43.15 -42.19 -5.56
CA ILE B 1224 42.99 -40.76 -5.81
C ILE B 1224 41.53 -40.38 -5.68
N ARG B 1225 40.66 -41.22 -6.23
CA ARG B 1225 39.24 -40.97 -6.17
C ARG B 1225 38.74 -40.99 -4.75
N LYS B 1226 39.27 -41.90 -3.94
CA LYS B 1226 38.87 -41.95 -2.54
C LYS B 1226 39.30 -40.69 -1.79
N THR B 1227 40.52 -40.22 -2.04
CA THR B 1227 41.05 -39.04 -1.37
C THR B 1227 40.31 -37.74 -1.63
N CYS B 1228 39.98 -37.50 -2.89
CA CYS B 1228 39.27 -36.28 -3.24
C CYS B 1228 37.97 -36.30 -2.50
N TYR B 1229 37.39 -37.48 -2.40
CA TYR B 1229 36.14 -37.63 -1.70
C TYR B 1229 36.39 -37.15 -0.28
N LYS B 1230 37.57 -37.47 0.25
CA LYS B 1230 37.90 -37.05 1.60
C LYS B 1230 37.92 -35.54 1.72
N ILE B 1231 38.51 -34.87 0.73
CA ILE B 1231 38.60 -33.42 0.76
C ILE B 1231 37.25 -32.71 0.71
N VAL B 1232 36.37 -33.15 -0.20
CA VAL B 1232 35.06 -32.51 -0.30
C VAL B 1232 34.23 -32.67 0.97
N GLU B 1233 34.31 -33.86 1.57
CA GLU B 1233 33.58 -34.14 2.80
C GLU B 1233 34.04 -33.32 4.00
N HIS B 1234 35.34 -33.04 4.07
CA HIS B 1234 35.92 -32.33 5.19
C HIS B 1234 35.29 -30.97 5.45
N SER B 1235 35.10 -30.67 6.73
CA SER B 1235 34.48 -29.44 7.18
C SER B 1235 35.18 -28.14 6.80
N TRP B 1236 36.51 -28.09 6.83
CA TRP B 1236 37.16 -26.85 6.48
C TRP B 1236 36.80 -26.49 5.06
N PHE B 1237 36.83 -27.48 4.18
CA PHE B 1237 36.50 -27.26 2.79
C PHE B 1237 35.06 -26.84 2.59
N GLU B 1238 34.14 -27.49 3.26
CA GLU B 1238 32.75 -27.13 3.12
C GLU B 1238 32.59 -25.72 3.65
N SER B 1239 33.25 -25.46 4.77
CA SER B 1239 33.21 -24.14 5.40
C SER B 1239 33.88 -23.07 4.56
N PHE B 1240 35.01 -23.42 3.96
CA PHE B 1240 35.75 -22.49 3.13
C PHE B 1240 34.94 -22.11 1.91
N ILE B 1241 34.27 -23.09 1.31
CA ILE B 1241 33.45 -22.85 0.13
C ILE B 1241 32.30 -21.89 0.44
N VAL B 1242 31.68 -22.04 1.61
CA VAL B 1242 30.58 -21.17 1.96
C VAL B 1242 31.03 -19.72 2.10
N LEU B 1243 32.21 -19.52 2.66
CA LEU B 1243 32.71 -18.17 2.83
C LEU B 1243 32.88 -17.51 1.48
N MET B 1244 33.37 -18.26 0.51
CA MET B 1244 33.58 -17.74 -0.84
C MET B 1244 32.26 -17.30 -1.46
N ILE B 1245 31.22 -18.09 -1.24
CA ILE B 1245 29.92 -17.78 -1.79
C ILE B 1245 29.36 -16.47 -1.25
N LEU B 1246 29.48 -16.25 0.06
CA LEU B 1246 28.99 -15.00 0.65
C LEU B 1246 29.81 -13.84 0.14
N LEU B 1247 31.12 -14.05 0.09
CA LEU B 1247 32.06 -13.05 -0.39
C LEU B 1247 31.85 -12.74 -1.87
N SER B 1248 31.61 -13.80 -2.64
CA SER B 1248 31.40 -13.66 -4.07
C SER B 1248 30.14 -12.86 -4.35
N SER B 1249 29.08 -13.16 -3.60
CA SER B 1249 27.80 -12.50 -3.71
C SER B 1249 27.87 -11.04 -3.34
N GLY B 1250 28.63 -10.74 -2.30
CA GLY B 1250 28.79 -9.39 -1.81
C GLY B 1250 29.40 -8.44 -2.81
N ALA B 1251 30.33 -8.95 -3.61
CA ALA B 1251 31.00 -8.11 -4.59
C ALA B 1251 29.99 -7.56 -5.58
N LEU B 1252 28.89 -8.26 -5.74
CA LEU B 1252 27.82 -7.88 -6.65
C LEU B 1252 27.17 -6.55 -6.28
N ALA B 1253 27.02 -6.29 -5.00
CA ALA B 1253 26.39 -5.07 -4.50
C ALA B 1253 27.07 -3.76 -4.89
N PHE B 1254 28.39 -3.83 -4.94
CA PHE B 1254 29.26 -2.70 -5.22
C PHE B 1254 29.11 -2.09 -6.59
N GLU B 1255 28.56 -2.84 -7.53
CA GLU B 1255 28.39 -2.30 -8.86
C GLU B 1255 27.06 -1.59 -8.97
N ASP B 1256 27.11 -0.30 -9.25
CA ASP B 1256 25.93 0.53 -9.39
C ASP B 1256 26.30 1.74 -10.21
N ILE B 1257 25.41 2.70 -10.35
CA ILE B 1257 25.72 3.87 -11.15
C ILE B 1257 26.91 4.64 -10.60
N TYR B 1258 27.18 4.47 -9.30
CA TYR B 1258 28.28 5.14 -8.63
C TYR B 1258 29.60 4.39 -8.66
N ILE B 1259 29.65 3.26 -9.34
CA ILE B 1259 30.88 2.49 -9.41
C ILE B 1259 31.97 3.30 -10.06
N GLU B 1260 31.59 4.19 -10.97
CA GLU B 1260 32.57 5.01 -11.67
C GLU B 1260 33.40 5.86 -10.70
N ARG B 1261 32.77 6.43 -9.69
CA ARG B 1261 33.50 7.20 -8.69
C ARG B 1261 34.17 6.07 -7.97
N LYS B 1262 35.26 6.31 -7.27
CA LYS B 1262 35.86 5.15 -6.60
C LYS B 1262 36.40 4.15 -7.63
N LYS B 1263 37.22 4.64 -8.54
CA LYS B 1263 37.79 3.82 -9.59
C LYS B 1263 38.61 2.70 -8.98
N THR B 1264 39.27 2.94 -7.86
CA THR B 1264 40.10 1.91 -7.25
C THR B 1264 39.35 0.63 -6.85
N ILE B 1265 38.17 0.78 -6.26
CA ILE B 1265 37.38 -0.39 -5.87
C ILE B 1265 36.98 -1.17 -7.10
N LYS B 1266 36.72 -0.46 -8.18
CA LYS B 1266 36.32 -1.12 -9.40
C LYS B 1266 37.41 -2.05 -9.89
N ILE B 1267 38.65 -1.60 -9.84
CA ILE B 1267 39.75 -2.43 -10.31
C ILE B 1267 39.94 -3.70 -9.49
N ILE B 1268 39.91 -3.59 -8.16
CA ILE B 1268 40.07 -4.78 -7.34
C ILE B 1268 38.92 -5.75 -7.52
N LEU B 1269 37.71 -5.24 -7.63
CA LEU B 1269 36.56 -6.10 -7.80
C LEU B 1269 36.65 -6.87 -9.10
N GLU B 1270 37.09 -6.23 -10.17
CA GLU B 1270 37.20 -6.90 -11.44
C GLU B 1270 38.20 -8.05 -11.35
N TYR B 1271 39.34 -7.79 -10.72
CA TYR B 1271 40.36 -8.81 -10.51
C TYR B 1271 39.91 -9.87 -9.53
N ALA B 1272 39.18 -9.44 -8.51
CA ALA B 1272 38.70 -10.34 -7.47
C ALA B 1272 37.82 -11.43 -8.02
N ASP B 1273 36.98 -11.09 -9.00
CA ASP B 1273 36.07 -12.06 -9.58
C ASP B 1273 36.83 -13.22 -10.23
N LYS B 1274 37.96 -12.91 -10.87
CA LYS B 1274 38.74 -13.93 -11.55
C LYS B 1274 39.22 -14.96 -10.56
N ILE B 1275 39.63 -14.52 -9.38
CA ILE B 1275 40.08 -15.49 -8.39
C ILE B 1275 38.89 -16.36 -8.00
N PHE B 1276 37.71 -15.76 -7.88
CA PHE B 1276 36.51 -16.53 -7.54
C PHE B 1276 36.17 -17.52 -8.63
N THR B 1277 36.26 -17.11 -9.88
CA THR B 1277 35.92 -18.01 -10.97
C THR B 1277 36.84 -19.20 -10.95
N TYR B 1278 38.12 -18.96 -10.69
CA TYR B 1278 39.08 -20.06 -10.63
C TYR B 1278 38.76 -20.99 -9.47
N ILE B 1279 38.40 -20.44 -8.31
CA ILE B 1279 38.10 -21.28 -7.16
C ILE B 1279 36.89 -22.17 -7.40
N PHE B 1280 35.83 -21.62 -7.97
CA PHE B 1280 34.64 -22.42 -8.23
C PHE B 1280 34.86 -23.49 -9.28
N ILE B 1281 35.60 -23.15 -10.33
CA ILE B 1281 35.88 -24.12 -11.37
C ILE B 1281 36.71 -25.23 -10.73
N LEU B 1282 37.65 -24.84 -9.88
CA LEU B 1282 38.49 -25.82 -9.23
C LEU B 1282 37.68 -26.75 -8.33
N GLU B 1283 36.74 -26.17 -7.61
CA GLU B 1283 35.88 -26.94 -6.70
C GLU B 1283 35.04 -27.94 -7.47
N MET B 1284 34.53 -27.52 -8.62
CA MET B 1284 33.69 -28.39 -9.43
C MET B 1284 34.44 -29.62 -9.88
N LEU B 1285 35.70 -29.44 -10.26
CA LEU B 1285 36.51 -30.57 -10.72
C LEU B 1285 36.68 -31.59 -9.60
N LEU B 1286 36.87 -31.11 -8.38
CA LEU B 1286 37.01 -32.02 -7.26
C LEU B 1286 35.71 -32.79 -7.12
N LYS B 1287 34.59 -32.12 -7.38
CA LYS B 1287 33.32 -32.78 -7.27
C LYS B 1287 33.23 -33.93 -8.24
N TRP B 1288 33.68 -33.75 -9.47
CA TRP B 1288 33.61 -34.82 -10.44
C TRP B 1288 34.43 -36.04 -10.02
N ILE B 1289 35.66 -35.82 -9.59
CA ILE B 1289 36.47 -36.96 -9.18
C ILE B 1289 35.87 -37.67 -7.96
N ALA B 1290 35.42 -36.90 -6.98
CA ALA B 1290 34.84 -37.49 -5.79
C ALA B 1290 33.52 -38.22 -6.01
N TYR B 1291 32.62 -37.64 -6.81
CA TYR B 1291 31.33 -38.24 -7.06
C TYR B 1291 31.20 -39.05 -8.34
N GLY B 1292 31.90 -38.63 -9.37
CA GLY B 1292 31.83 -39.31 -10.65
C GLY B 1292 30.71 -38.64 -11.39
N TYR B 1293 30.63 -38.82 -12.70
CA TYR B 1293 29.57 -38.20 -13.48
C TYR B 1293 28.14 -38.64 -13.18
N LYS B 1294 27.94 -39.94 -12.96
CA LYS B 1294 26.58 -40.41 -12.71
C LYS B 1294 25.97 -39.86 -11.43
N THR B 1295 26.74 -39.85 -10.35
CA THR B 1295 26.24 -39.31 -9.10
C THR B 1295 26.05 -37.81 -9.18
N TYR B 1296 27.00 -37.16 -9.85
CA TYR B 1296 26.98 -35.71 -9.98
C TYR B 1296 25.82 -35.12 -10.74
N PHE B 1297 25.43 -35.73 -11.85
CA PHE B 1297 24.35 -35.18 -12.66
C PHE B 1297 22.94 -35.61 -12.28
N THR B 1298 22.81 -36.55 -11.36
CA THR B 1298 21.52 -37.03 -10.91
C THR B 1298 21.04 -36.17 -9.75
N ASN B 1299 21.84 -35.18 -9.39
CA ASN B 1299 21.55 -34.27 -8.29
C ASN B 1299 21.02 -32.96 -8.82
N ALA B 1300 19.89 -32.51 -8.30
CA ALA B 1300 19.31 -31.26 -8.75
C ALA B 1300 20.18 -30.05 -8.44
N TRP B 1301 20.77 -30.05 -7.25
CA TRP B 1301 21.61 -28.94 -6.81
C TRP B 1301 22.86 -28.76 -7.65
N CYS B 1302 23.49 -29.86 -8.01
CA CYS B 1302 24.71 -29.81 -8.80
C CYS B 1302 24.46 -29.19 -10.16
N TRP B 1303 23.33 -29.51 -10.76
CA TRP B 1303 23.03 -28.96 -12.05
C TRP B 1303 22.94 -27.47 -11.87
N LEU B 1304 22.38 -27.04 -10.76
CA LEU B 1304 22.27 -25.63 -10.50
C LEU B 1304 23.66 -25.03 -10.40
N ASP B 1305 24.54 -25.71 -9.67
CA ASP B 1305 25.92 -25.25 -9.50
C ASP B 1305 26.71 -25.22 -10.81
N PHE B 1306 26.53 -26.26 -11.61
CA PHE B 1306 27.21 -26.39 -12.90
C PHE B 1306 26.80 -25.31 -13.89
N LEU B 1307 25.53 -24.99 -13.93
CA LEU B 1307 25.06 -23.96 -14.85
C LEU B 1307 25.68 -22.62 -14.52
N ILE B 1308 25.75 -22.30 -13.23
CA ILE B 1308 26.32 -21.01 -12.81
C ILE B 1308 27.81 -20.88 -13.10
N VAL B 1309 28.60 -21.93 -12.88
CA VAL B 1309 30.01 -21.81 -13.16
C VAL B 1309 30.20 -21.63 -14.65
N ASP B 1310 29.37 -22.30 -15.44
CA ASP B 1310 29.48 -22.21 -16.89
C ASP B 1310 29.23 -20.82 -17.45
N VAL B 1311 28.22 -20.12 -16.95
CA VAL B 1311 27.97 -18.79 -17.44
C VAL B 1311 29.15 -17.89 -17.13
N SER B 1312 29.66 -18.01 -15.91
CA SER B 1312 30.81 -17.23 -15.48
C SER B 1312 32.02 -17.61 -16.32
N LEU B 1313 32.16 -18.90 -16.59
CA LEU B 1313 33.27 -19.41 -17.39
C LEU B 1313 33.25 -18.89 -18.83
N VAL B 1314 32.08 -18.87 -19.44
CA VAL B 1314 31.97 -18.38 -20.82
C VAL B 1314 32.33 -16.92 -20.90
N THR B 1315 31.86 -16.12 -19.95
CA THR B 1315 32.19 -14.71 -19.99
C THR B 1315 33.69 -14.52 -19.82
N LEU B 1316 34.30 -15.29 -18.92
CA LEU B 1316 35.73 -15.16 -18.70
C LEU B 1316 36.55 -15.51 -19.92
N VAL B 1317 36.22 -16.61 -20.60
CA VAL B 1317 36.96 -16.97 -21.79
C VAL B 1317 36.73 -15.94 -22.89
N ALA B 1318 35.48 -15.52 -23.05
CA ALA B 1318 35.15 -14.53 -24.05
C ALA B 1318 35.79 -13.20 -23.74
N ASN B 1319 35.78 -12.83 -22.46
CA ASN B 1319 36.46 -11.62 -22.07
C ASN B 1319 37.96 -11.85 -22.24
N THR B 1320 38.41 -13.00 -21.74
CA THR B 1320 39.81 -13.41 -21.79
C THR B 1320 40.30 -13.71 -23.19
N LEU B 1321 39.48 -14.42 -23.96
CA LEU B 1321 39.83 -14.76 -25.32
C LEU B 1321 40.01 -13.48 -26.09
N GLY B 1322 39.17 -12.50 -25.78
CA GLY B 1322 39.19 -11.21 -26.43
C GLY B 1322 38.32 -11.26 -27.66
N TYR B 1323 38.24 -10.14 -28.37
CA TYR B 1323 37.43 -10.08 -29.58
C TYR B 1323 35.96 -10.06 -29.20
N SER B 1324 35.53 -11.09 -28.51
CA SER B 1324 34.13 -11.19 -28.11
C SER B 1324 33.77 -10.08 -27.12
N ASP B 1325 32.57 -9.54 -27.32
CA ASP B 1325 31.99 -8.48 -26.50
C ASP B 1325 31.00 -7.70 -27.34
N LEU B 1326 30.10 -8.44 -27.97
CA LEU B 1326 29.07 -7.86 -28.79
C LEU B 1326 27.73 -8.51 -28.53
N GLY B 1327 26.69 -7.71 -28.37
CA GLY B 1327 25.37 -8.28 -28.20
C GLY B 1327 25.05 -9.23 -27.09
N PRO B 1328 24.64 -10.48 -27.53
CA PRO B 1328 24.27 -11.43 -26.47
C PRO B 1328 25.36 -11.76 -25.48
N ILE B 1329 26.63 -11.61 -25.85
CA ILE B 1329 27.69 -11.92 -24.91
C ILE B 1329 27.50 -11.01 -23.70
N LYS B 1330 27.15 -9.75 -23.94
CA LYS B 1330 26.92 -8.80 -22.86
C LYS B 1330 25.72 -9.23 -22.02
N SER B 1331 24.68 -9.72 -22.69
CA SER B 1331 23.46 -10.18 -22.06
C SER B 1331 23.72 -11.35 -21.12
N LEU B 1332 24.63 -12.22 -21.52
CA LEU B 1332 24.97 -13.39 -20.72
C LEU B 1332 25.54 -12.94 -19.38
N ARG B 1333 26.24 -11.82 -19.40
CA ARG B 1333 26.87 -11.25 -18.21
C ARG B 1333 25.90 -10.88 -17.11
N THR B 1334 24.72 -10.41 -17.49
CA THR B 1334 23.70 -10.01 -16.51
C THR B 1334 23.23 -11.18 -15.67
N LEU B 1335 23.45 -12.39 -16.18
CA LEU B 1335 23.06 -13.62 -15.51
C LEU B 1335 23.92 -13.82 -14.27
N ARG B 1336 24.94 -12.98 -14.15
CA ARG B 1336 25.87 -13.03 -13.04
C ARG B 1336 25.16 -12.78 -11.73
N ALA B 1337 24.04 -12.08 -11.81
CA ALA B 1337 23.22 -11.74 -10.67
C ALA B 1337 22.72 -13.01 -10.02
N LEU B 1338 22.67 -14.06 -10.82
CA LEU B 1338 22.19 -15.37 -10.41
C LEU B 1338 23.12 -16.09 -9.46
N ARG B 1339 24.31 -15.54 -9.27
CA ARG B 1339 25.30 -16.18 -8.42
C ARG B 1339 24.86 -16.39 -6.99
N PRO B 1340 24.14 -15.47 -6.38
CA PRO B 1340 23.78 -15.66 -4.98
C PRO B 1340 23.07 -16.98 -4.81
N LEU B 1341 22.55 -17.51 -5.90
CA LEU B 1341 21.80 -18.77 -5.91
C LEU B 1341 22.53 -20.00 -5.38
N ARG B 1342 23.83 -20.06 -5.55
CA ARG B 1342 24.56 -21.23 -5.10
C ARG B 1342 24.31 -21.37 -3.63
N ALA B 1343 24.18 -20.24 -2.99
CA ALA B 1343 24.03 -20.14 -1.54
C ALA B 1343 22.85 -20.95 -1.02
N LEU B 1344 21.88 -21.23 -1.87
CA LEU B 1344 20.68 -21.95 -1.44
C LEU B 1344 20.96 -23.34 -0.88
N SER B 1345 21.85 -24.09 -1.51
CA SER B 1345 22.20 -25.43 -1.06
C SER B 1345 22.90 -25.47 0.30
N ARG B 1346 23.77 -24.49 0.53
CA ARG B 1346 24.59 -24.42 1.74
C ARG B 1346 23.90 -24.27 3.09
N PHE B 1347 22.87 -23.44 3.18
CA PHE B 1347 22.19 -23.21 4.43
C PHE B 1347 21.02 -24.15 4.64
N GLU B 1348 21.06 -24.86 5.74
CA GLU B 1348 20.05 -25.85 6.06
C GLU B 1348 18.69 -25.22 6.17
N GLY B 1349 18.61 -24.04 6.76
CA GLY B 1349 17.33 -23.36 6.88
C GLY B 1349 16.73 -22.98 5.54
N MET B 1350 17.55 -22.44 4.65
CA MET B 1350 17.10 -22.03 3.34
C MET B 1350 16.68 -23.20 2.46
N ARG B 1351 17.43 -24.28 2.51
CA ARG B 1351 17.12 -25.44 1.73
C ARG B 1351 15.79 -26.06 2.13
N VAL B 1352 15.50 -26.07 3.43
CA VAL B 1352 14.26 -26.65 3.93
C VAL B 1352 13.02 -25.96 3.39
N VAL B 1353 13.08 -24.64 3.28
CA VAL B 1353 11.95 -23.88 2.76
C VAL B 1353 11.70 -24.29 1.31
N VAL B 1354 12.77 -24.49 0.55
CA VAL B 1354 12.66 -24.91 -0.84
C VAL B 1354 12.03 -26.30 -1.01
N ASN B 1355 12.34 -27.22 -0.10
CA ASN B 1355 11.76 -28.55 -0.19
C ASN B 1355 10.25 -28.46 -0.11
N ALA B 1356 9.76 -27.58 0.77
CA ALA B 1356 8.34 -27.37 0.97
C ALA B 1356 7.68 -26.81 -0.29
N LEU B 1357 8.34 -25.88 -0.97
CA LEU B 1357 7.83 -25.30 -2.22
C LEU B 1357 7.78 -26.25 -3.42
N ILE B 1358 8.81 -27.08 -3.57
CA ILE B 1358 8.89 -28.00 -4.68
C ILE B 1358 7.80 -29.04 -4.53
N GLY B 1359 7.52 -29.41 -3.29
CA GLY B 1359 6.50 -30.39 -3.01
C GLY B 1359 5.15 -29.90 -3.49
N ALA B 1360 4.90 -28.61 -3.33
CA ALA B 1360 3.62 -28.02 -3.73
C ALA B 1360 3.49 -27.42 -5.12
N ILE B 1361 4.54 -27.38 -5.94
CA ILE B 1361 4.40 -26.79 -7.28
C ILE B 1361 3.43 -27.55 -8.17
N PRO B 1362 3.40 -28.87 -8.12
CA PRO B 1362 2.46 -29.59 -8.97
C PRO B 1362 1.04 -29.22 -8.61
N SER B 1363 0.74 -29.16 -7.31
CA SER B 1363 -0.58 -28.81 -6.82
C SER B 1363 -0.95 -27.38 -7.19
N ILE B 1364 0.01 -26.48 -7.07
CA ILE B 1364 -0.17 -25.07 -7.41
C ILE B 1364 -0.48 -24.96 -8.88
N MET B 1365 0.13 -25.83 -9.68
CA MET B 1365 -0.03 -25.79 -11.13
C MET B 1365 -1.44 -26.04 -11.67
N ASN B 1366 -2.19 -26.94 -11.07
CA ASN B 1366 -3.52 -27.20 -11.54
C ASN B 1366 -4.38 -25.96 -11.41
N VAL B 1367 -4.26 -25.28 -10.28
CA VAL B 1367 -5.02 -24.08 -10.00
C VAL B 1367 -4.72 -22.93 -10.94
N LEU B 1368 -3.47 -22.76 -11.32
CA LEU B 1368 -3.13 -21.67 -12.21
C LEU B 1368 -3.89 -21.84 -13.50
N LEU B 1369 -3.99 -23.07 -13.98
CA LEU B 1369 -4.72 -23.31 -15.22
C LEU B 1369 -6.19 -22.94 -15.08
N VAL B 1370 -6.81 -23.30 -13.96
CA VAL B 1370 -8.22 -22.98 -13.75
C VAL B 1370 -8.43 -21.47 -13.73
N CYS B 1371 -7.53 -20.77 -13.08
CA CYS B 1371 -7.63 -19.33 -12.99
C CYS B 1371 -7.50 -18.71 -14.35
N LEU B 1372 -6.60 -19.24 -15.17
CA LEU B 1372 -6.41 -18.71 -16.50
C LEU B 1372 -7.67 -18.90 -17.31
N ILE B 1373 -8.30 -20.05 -17.16
CA ILE B 1373 -9.55 -20.31 -17.86
C ILE B 1373 -10.63 -19.34 -17.35
N PHE B 1374 -10.70 -19.18 -16.04
CA PHE B 1374 -11.68 -18.30 -15.43
C PHE B 1374 -11.41 -16.85 -15.81
N TRP B 1375 -10.14 -16.48 -15.73
CA TRP B 1375 -9.68 -15.15 -16.07
C TRP B 1375 -9.83 -14.86 -17.55
N LEU B 1376 -9.67 -15.89 -18.37
CA LEU B 1376 -9.78 -15.74 -19.81
C LEU B 1376 -11.16 -15.28 -20.22
N ILE B 1377 -12.18 -15.81 -19.57
CA ILE B 1377 -13.53 -15.38 -19.88
C ILE B 1377 -13.65 -13.91 -19.50
N PHE B 1378 -13.10 -13.52 -18.34
CA PHE B 1378 -13.24 -12.14 -17.94
C PHE B 1378 -12.42 -11.23 -18.85
N SER B 1379 -11.23 -11.69 -19.20
CA SER B 1379 -10.35 -10.95 -20.09
C SER B 1379 -10.92 -10.80 -21.49
N ILE B 1380 -11.52 -11.87 -22.00
CA ILE B 1380 -12.14 -11.83 -23.31
C ILE B 1380 -13.34 -10.90 -23.28
N MET B 1381 -14.10 -10.98 -22.20
CA MET B 1381 -15.28 -10.16 -22.02
C MET B 1381 -14.88 -8.71 -21.96
N GLY B 1382 -13.79 -8.46 -21.25
CA GLY B 1382 -13.25 -7.13 -21.09
C GLY B 1382 -12.77 -6.53 -22.38
N VAL B 1383 -12.13 -7.35 -23.20
CA VAL B 1383 -11.60 -6.90 -24.48
C VAL B 1383 -12.70 -6.41 -25.41
N ASN B 1384 -13.82 -7.11 -25.45
CA ASN B 1384 -14.90 -6.68 -26.31
C ASN B 1384 -15.48 -5.34 -25.91
N LEU B 1385 -15.67 -5.18 -24.60
CA LEU B 1385 -16.22 -3.94 -24.05
C LEU B 1385 -15.36 -2.70 -24.16
N PHE B 1386 -14.10 -2.79 -23.75
CA PHE B 1386 -13.21 -1.64 -23.76
C PHE B 1386 -12.03 -1.61 -24.72
N ALA B 1387 -11.91 -2.57 -25.64
CA ALA B 1387 -10.76 -2.57 -26.52
C ALA B 1387 -10.73 -1.37 -27.43
N GLY B 1388 -9.64 -0.63 -27.38
CA GLY B 1388 -9.43 0.56 -28.19
C GLY B 1388 -10.14 1.80 -27.73
N LYS B 1389 -10.81 1.73 -26.60
CA LYS B 1389 -11.56 2.89 -26.10
C LYS B 1389 -10.90 3.72 -25.03
N PHE B 1390 -9.67 3.39 -24.66
CA PHE B 1390 -8.97 4.12 -23.61
C PHE B 1390 -8.17 5.33 -24.07
N TYR B 1391 -8.11 5.58 -25.37
CA TYR B 1391 -7.37 6.72 -25.90
C TYR B 1391 -8.04 8.02 -25.53
N GLU B 1392 -7.26 9.08 -25.34
CA GLU B 1392 -7.84 10.38 -25.02
C GLU B 1392 -6.88 11.48 -25.44
N CYS B 1393 -7.38 12.68 -25.66
CA CYS B 1393 -6.50 13.78 -26.03
C CYS B 1393 -6.19 14.48 -24.75
N ILE B 1394 -4.92 14.62 -24.41
CA ILE B 1394 -4.56 15.24 -23.15
C ILE B 1394 -3.60 16.40 -23.30
N ASN B 1395 -3.70 17.38 -22.41
CA ASN B 1395 -2.79 18.51 -22.46
C ASN B 1395 -1.55 17.93 -21.83
N THR B 1396 -0.45 17.96 -22.56
CA THR B 1396 0.82 17.41 -22.11
C THR B 1396 1.42 18.09 -20.87
N THR B 1397 1.25 19.41 -20.76
CA THR B 1397 1.82 20.11 -19.62
C THR B 1397 1.28 19.65 -18.25
N ASP B 1398 -0.03 19.50 -18.13
CA ASP B 1398 -0.59 19.03 -16.86
C ASP B 1398 -1.32 17.70 -16.95
N GLY B 1399 -1.30 17.07 -18.12
CA GLY B 1399 -1.98 15.79 -18.30
C GLY B 1399 -3.47 15.81 -18.01
N SER B 1400 -4.15 16.87 -18.43
CA SER B 1400 -5.59 16.98 -18.22
C SER B 1400 -6.36 16.78 -19.50
N ARG B 1401 -7.30 15.84 -19.50
CA ARG B 1401 -8.10 15.53 -20.67
C ARG B 1401 -8.89 16.75 -21.10
N PHE B 1402 -9.04 16.94 -22.40
CA PHE B 1402 -9.82 18.06 -22.89
C PHE B 1402 -11.29 17.82 -22.58
N PRO B 1403 -12.10 18.86 -22.65
CA PRO B 1403 -13.53 18.78 -22.31
C PRO B 1403 -14.41 17.85 -23.14
N ALA B 1404 -14.18 17.75 -24.44
CA ALA B 1404 -14.96 16.95 -25.38
C ALA B 1404 -16.01 17.83 -26.04
N SER B 1405 -16.15 19.04 -25.51
CA SER B 1405 -17.00 20.06 -26.11
C SER B 1405 -16.31 20.41 -27.42
N GLN B 1406 -14.98 20.41 -27.36
CA GLN B 1406 -14.07 20.67 -28.45
C GLN B 1406 -13.25 19.40 -28.47
N VAL B 1407 -12.66 19.06 -29.60
CA VAL B 1407 -11.88 17.82 -29.72
C VAL B 1407 -12.64 16.56 -29.35
N PRO B 1408 -13.91 16.45 -29.91
CA PRO B 1408 -14.65 15.21 -29.54
C PRO B 1408 -14.06 13.87 -29.99
N ASN B 1409 -13.54 13.79 -31.21
CA ASN B 1409 -12.99 12.56 -31.74
C ASN B 1409 -11.50 12.64 -32.04
N ARG B 1410 -10.89 11.51 -32.33
CA ARG B 1410 -9.47 11.45 -32.62
C ARG B 1410 -9.15 12.31 -33.81
N SER B 1411 -10.01 12.32 -34.80
CA SER B 1411 -9.77 13.12 -35.99
C SER B 1411 -9.67 14.58 -35.62
N GLU B 1412 -10.56 15.03 -34.75
CA GLU B 1412 -10.56 16.41 -34.28
C GLU B 1412 -9.32 16.75 -33.48
N CYS B 1413 -8.86 15.79 -32.69
CA CYS B 1413 -7.69 15.99 -31.86
C CYS B 1413 -6.45 16.26 -32.67
N PHE B 1414 -6.29 15.58 -33.80
CA PHE B 1414 -5.13 15.78 -34.64
C PHE B 1414 -5.06 17.20 -35.20
N ALA B 1415 -6.19 17.76 -35.57
CA ALA B 1415 -6.21 19.10 -36.12
C ALA B 1415 -5.66 20.07 -35.09
N LEU B 1416 -5.98 19.84 -33.82
CA LEU B 1416 -5.49 20.71 -32.75
C LEU B 1416 -3.98 20.67 -32.67
N MET B 1417 -3.40 19.49 -32.83
CA MET B 1417 -1.96 19.35 -32.75
C MET B 1417 -1.27 20.14 -33.83
N ASN B 1418 -1.85 20.14 -35.02
CA ASN B 1418 -1.26 20.83 -36.15
C ASN B 1418 -1.14 22.31 -35.81
N VAL B 1419 -2.15 22.85 -35.15
CA VAL B 1419 -2.11 24.26 -34.75
C VAL B 1419 -1.71 24.46 -33.29
N SER B 1420 -1.47 23.38 -32.54
CA SER B 1420 -1.08 23.49 -31.14
C SER B 1420 0.10 22.56 -30.78
N GLN B 1421 1.07 23.09 -30.06
CA GLN B 1421 2.29 22.37 -29.68
C GLN B 1421 2.30 21.16 -28.72
N ASN B 1422 1.54 21.20 -27.65
CA ASN B 1422 1.58 20.12 -26.65
C ASN B 1422 0.39 19.19 -26.45
N VAL B 1423 -0.45 18.99 -27.46
CA VAL B 1423 -1.62 18.18 -27.25
C VAL B 1423 -1.27 16.81 -27.79
N ARG B 1424 -1.58 15.76 -27.03
CA ARG B 1424 -1.24 14.41 -27.45
C ARG B 1424 -2.44 13.48 -27.36
N TRP B 1425 -2.57 12.55 -28.30
CA TRP B 1425 -3.64 11.59 -28.28
C TRP B 1425 -2.93 10.35 -27.77
N LYS B 1426 -3.23 9.89 -26.55
CA LYS B 1426 -2.51 8.74 -26.04
C LYS B 1426 -3.24 7.67 -25.23
N ASN B 1427 -2.77 6.44 -25.38
CA ASN B 1427 -3.30 5.25 -24.70
C ASN B 1427 -2.84 5.10 -23.27
N LEU B 1428 -3.55 4.29 -22.49
CA LEU B 1428 -3.23 4.03 -21.09
C LEU B 1428 -1.92 3.33 -20.68
N LYS B 1429 -1.47 2.36 -21.46
CA LYS B 1429 -0.26 1.56 -21.25
C LYS B 1429 -0.57 0.22 -20.60
N VAL B 1430 -1.65 0.18 -19.85
CA VAL B 1430 -2.13 -1.06 -19.26
C VAL B 1430 -3.58 -0.94 -19.63
N ASN B 1431 -4.07 -1.84 -20.47
CA ASN B 1431 -5.45 -1.74 -20.90
C ASN B 1431 -5.94 -3.03 -21.48
N PHE B 1432 -7.08 -2.95 -22.15
CA PHE B 1432 -7.74 -4.10 -22.74
C PHE B 1432 -7.64 -4.21 -24.26
N ASP B 1433 -6.60 -3.64 -24.84
CA ASP B 1433 -6.44 -3.66 -26.29
C ASP B 1433 -6.37 -5.07 -26.86
N ASN B 1434 -5.70 -5.97 -26.18
CA ASN B 1434 -5.62 -7.34 -26.66
C ASN B 1434 -5.78 -8.29 -25.49
N VAL B 1435 -5.96 -9.57 -25.74
CA VAL B 1435 -6.14 -10.50 -24.63
C VAL B 1435 -4.95 -10.56 -23.69
N GLY B 1436 -3.73 -10.46 -24.19
CA GLY B 1436 -2.59 -10.47 -23.29
C GLY B 1436 -2.58 -9.27 -22.36
N LEU B 1437 -2.81 -8.09 -22.92
CA LEU B 1437 -2.84 -6.86 -22.16
C LEU B 1437 -4.01 -6.91 -21.18
N GLY B 1438 -5.11 -7.47 -21.62
CA GLY B 1438 -6.28 -7.59 -20.79
C GLY B 1438 -5.89 -8.42 -19.60
N TYR B 1439 -5.06 -9.42 -19.82
CA TYR B 1439 -4.62 -10.27 -18.72
C TYR B 1439 -3.84 -9.42 -17.74
N LEU B 1440 -3.01 -8.51 -18.24
CA LEU B 1440 -2.25 -7.62 -17.36
C LEU B 1440 -3.13 -6.63 -16.60
N SER B 1441 -4.08 -6.03 -17.29
CA SER B 1441 -4.98 -5.06 -16.69
C SER B 1441 -5.79 -5.73 -15.62
N LEU B 1442 -6.23 -6.94 -15.88
CA LEU B 1442 -7.02 -7.67 -14.91
C LEU B 1442 -6.22 -7.97 -13.65
N LEU B 1443 -4.94 -8.27 -13.79
CA LEU B 1443 -4.12 -8.58 -12.63
C LEU B 1443 -4.03 -7.39 -11.71
N GLN B 1444 -3.88 -6.19 -12.27
CA GLN B 1444 -3.79 -5.02 -11.44
C GLN B 1444 -5.09 -4.83 -10.68
N VAL B 1445 -6.22 -5.02 -11.34
CA VAL B 1445 -7.52 -4.87 -10.70
C VAL B 1445 -7.70 -5.90 -9.60
N ALA B 1446 -7.24 -7.13 -9.82
CA ALA B 1446 -7.39 -8.16 -8.80
C ALA B 1446 -6.65 -7.85 -7.53
N THR B 1447 -5.42 -7.39 -7.67
CA THR B 1447 -4.57 -7.02 -6.54
C THR B 1447 -5.05 -5.79 -5.81
N PHE B 1448 -5.73 -4.91 -6.54
CA PHE B 1448 -6.27 -3.66 -6.01
C PHE B 1448 -5.23 -2.58 -6.08
N LYS B 1449 -4.12 -2.86 -6.74
CA LYS B 1449 -3.09 -1.86 -6.87
C LYS B 1449 -3.04 -1.36 -8.28
N GLY B 1450 -3.27 -0.06 -8.45
CA GLY B 1450 -3.24 0.55 -9.75
C GLY B 1450 -4.52 0.38 -10.50
N TRP B 1451 -5.47 -0.31 -9.87
CA TRP B 1451 -6.78 -0.57 -10.45
C TRP B 1451 -7.65 0.62 -10.74
N THR B 1452 -7.66 1.58 -9.84
CA THR B 1452 -8.51 2.75 -9.99
C THR B 1452 -8.23 3.57 -11.23
N ILE B 1453 -6.98 3.65 -11.66
CA ILE B 1453 -6.67 4.43 -12.85
C ILE B 1453 -7.41 3.84 -14.05
N ILE B 1454 -7.49 2.51 -14.10
CA ILE B 1454 -8.17 1.78 -15.17
C ILE B 1454 -9.69 1.96 -15.17
N MET B 1455 -10.30 1.87 -14.00
CA MET B 1455 -11.73 2.01 -13.88
C MET B 1455 -12.20 3.38 -14.30
N TYR B 1456 -11.45 4.41 -13.98
CA TYR B 1456 -11.81 5.75 -14.37
C TYR B 1456 -11.87 5.77 -15.88
N ALA B 1457 -11.03 4.95 -16.49
CA ALA B 1457 -10.96 4.86 -17.94
C ALA B 1457 -12.13 4.10 -18.51
N ALA B 1458 -12.50 3.00 -17.86
CA ALA B 1458 -13.60 2.19 -18.34
C ALA B 1458 -14.93 2.89 -18.33
N VAL B 1459 -15.27 3.55 -17.24
CA VAL B 1459 -16.53 4.29 -17.11
C VAL B 1459 -16.60 5.50 -18.02
N ASP B 1460 -15.48 6.19 -18.16
CA ASP B 1460 -15.35 7.37 -18.98
C ASP B 1460 -15.57 7.10 -20.47
N SER B 1461 -15.14 5.93 -20.91
CA SER B 1461 -15.15 5.53 -22.32
C SER B 1461 -16.48 5.52 -23.04
N VAL B 1462 -16.45 5.99 -24.29
CA VAL B 1462 -17.63 6.04 -25.15
C VAL B 1462 -17.54 5.16 -26.40
N ASN B 1463 -16.56 5.41 -27.27
CA ASN B 1463 -16.40 4.66 -28.52
C ASN B 1463 -14.95 4.53 -28.95
N VAL B 1464 -14.66 3.71 -29.95
CA VAL B 1464 -13.27 3.47 -30.38
C VAL B 1464 -12.44 4.66 -30.85
N ASP B 1465 -12.99 5.54 -31.67
CA ASP B 1465 -12.21 6.68 -32.14
C ASP B 1465 -12.73 7.98 -31.56
N LYS B 1466 -13.52 7.90 -30.51
CA LYS B 1466 -14.11 9.09 -29.90
C LYS B 1466 -13.53 9.42 -28.55
N GLN B 1467 -13.41 10.72 -28.28
CA GLN B 1467 -12.89 11.21 -27.01
C GLN B 1467 -13.79 10.80 -25.87
N PRO B 1468 -13.16 10.36 -24.71
CA PRO B 1468 -14.07 9.94 -23.64
C PRO B 1468 -14.78 11.02 -22.83
N LYS B 1469 -16.08 10.84 -22.70
CA LYS B 1469 -16.95 11.71 -21.93
C LYS B 1469 -16.76 11.30 -20.50
N TYR B 1470 -17.07 12.17 -19.56
CA TYR B 1470 -16.89 11.84 -18.16
C TYR B 1470 -18.03 11.01 -17.60
N GLU B 1471 -17.71 9.83 -17.12
CA GLU B 1471 -18.70 8.93 -16.54
C GLU B 1471 -19.85 8.61 -17.47
N TYR B 1472 -19.56 8.49 -18.76
CA TYR B 1472 -20.57 8.15 -19.74
C TYR B 1472 -21.09 6.76 -19.48
N SER B 1473 -20.19 5.81 -19.26
CA SER B 1473 -20.64 4.45 -18.97
C SER B 1473 -21.27 4.33 -17.59
N LEU B 1474 -20.61 4.88 -16.59
CA LEU B 1474 -21.14 4.89 -15.23
C LEU B 1474 -21.31 3.52 -14.59
N TYR B 1475 -22.09 2.67 -15.22
CA TYR B 1475 -22.38 1.36 -14.67
C TYR B 1475 -21.33 0.30 -14.96
N MET B 1476 -20.37 0.63 -15.79
CA MET B 1476 -19.32 -0.32 -16.12
C MET B 1476 -18.68 -0.84 -14.84
N TYR B 1477 -18.81 -0.08 -13.77
CA TYR B 1477 -18.21 -0.43 -12.51
C TYR B 1477 -18.73 -1.79 -12.16
N ILE B 1478 -19.91 -2.14 -12.63
CA ILE B 1478 -20.48 -3.44 -12.32
C ILE B 1478 -19.54 -4.52 -12.83
N TYR B 1479 -18.91 -4.29 -13.98
CA TYR B 1479 -18.01 -5.28 -14.55
C TYR B 1479 -16.84 -5.58 -13.61
N PHE B 1480 -16.26 -4.54 -13.04
CA PHE B 1480 -15.14 -4.66 -12.10
C PHE B 1480 -15.58 -5.27 -10.78
N VAL B 1481 -16.76 -4.90 -10.30
CA VAL B 1481 -17.26 -5.45 -9.06
C VAL B 1481 -17.48 -6.94 -9.19
N VAL B 1482 -18.05 -7.38 -10.31
CA VAL B 1482 -18.28 -8.80 -10.53
C VAL B 1482 -16.98 -9.57 -10.63
N PHE B 1483 -15.98 -8.99 -11.31
CA PHE B 1483 -14.69 -9.66 -11.43
C PHE B 1483 -14.01 -9.82 -10.09
N ILE B 1484 -14.08 -8.79 -9.27
CA ILE B 1484 -13.44 -8.83 -7.97
C ILE B 1484 -14.06 -9.92 -7.12
N ILE B 1485 -15.37 -10.02 -7.12
CA ILE B 1485 -16.01 -11.06 -6.33
C ILE B 1485 -15.65 -12.44 -6.84
N PHE B 1486 -15.69 -12.63 -8.16
CA PHE B 1486 -15.37 -13.92 -8.74
C PHE B 1486 -13.89 -14.16 -8.99
N GLY B 1487 -13.25 -13.16 -9.58
CA GLY B 1487 -11.84 -13.25 -9.88
C GLY B 1487 -10.90 -13.26 -8.69
N SER B 1488 -11.15 -12.39 -7.73
CA SER B 1488 -10.28 -12.31 -6.58
C SER B 1488 -10.80 -13.03 -5.34
N PHE B 1489 -12.04 -12.78 -4.95
CA PHE B 1489 -12.55 -13.44 -3.76
C PHE B 1489 -12.65 -14.95 -3.87
N PHE B 1490 -13.23 -15.46 -4.95
CA PHE B 1490 -13.34 -16.91 -5.12
C PHE B 1490 -12.06 -17.67 -5.43
N THR B 1491 -11.26 -17.17 -6.37
CA THR B 1491 -10.03 -17.84 -6.74
C THR B 1491 -9.04 -17.85 -5.59
N LEU B 1492 -8.95 -16.72 -4.91
CA LEU B 1492 -8.05 -16.61 -3.78
C LEU B 1492 -8.53 -17.62 -2.77
N ASN B 1493 -9.84 -17.80 -2.68
CA ASN B 1493 -10.37 -18.76 -1.75
C ASN B 1493 -9.86 -20.12 -2.17
N LEU B 1494 -9.89 -20.38 -3.46
CA LEU B 1494 -9.40 -21.64 -4.00
C LEU B 1494 -7.88 -21.77 -3.87
N PHE B 1495 -7.16 -20.70 -4.13
CA PHE B 1495 -5.69 -20.71 -4.06
C PHE B 1495 -5.23 -21.03 -2.67
N ILE B 1496 -5.84 -20.37 -1.69
CA ILE B 1496 -5.49 -20.58 -0.29
C ILE B 1496 -5.88 -21.97 0.17
N GLY B 1497 -7.04 -22.43 -0.26
CA GLY B 1497 -7.49 -23.74 0.16
C GLY B 1497 -6.60 -24.86 -0.29
N VAL B 1498 -6.19 -24.86 -1.54
CA VAL B 1498 -5.31 -25.92 -2.02
C VAL B 1498 -3.91 -25.90 -1.43
N ILE B 1499 -3.31 -24.71 -1.35
CA ILE B 1499 -1.95 -24.61 -0.83
C ILE B 1499 -1.85 -25.04 0.62
N ILE B 1500 -2.74 -24.58 1.48
CA ILE B 1500 -2.65 -24.99 2.86
C ILE B 1500 -2.90 -26.49 2.97
N ASP B 1501 -3.85 -27.01 2.21
CA ASP B 1501 -4.14 -28.43 2.27
C ASP B 1501 -2.95 -29.26 1.79
N ASN B 1502 -2.29 -28.81 0.73
CA ASN B 1502 -1.16 -29.55 0.21
C ASN B 1502 -0.11 -29.61 1.29
N PHE B 1503 0.06 -28.50 2.00
CA PHE B 1503 1.02 -28.40 3.08
C PHE B 1503 0.65 -29.42 4.14
N ASN B 1504 -0.64 -29.61 4.35
CA ASN B 1504 -1.10 -30.56 5.35
C ASN B 1504 -0.68 -31.99 5.00
N GLN B 1505 -0.80 -32.34 3.72
CA GLN B 1505 -0.41 -33.66 3.28
C GLN B 1505 1.08 -33.91 3.45
N GLN B 1506 1.87 -32.88 3.19
CA GLN B 1506 3.32 -32.99 3.33
C GLN B 1506 3.71 -33.27 4.77
N LYS B 1507 3.04 -32.60 5.70
CA LYS B 1507 3.31 -32.79 7.11
C LYS B 1507 2.99 -34.21 7.52
N LYS B 1508 1.91 -34.74 6.98
CA LYS B 1508 1.50 -36.10 7.28
C LYS B 1508 2.52 -37.12 6.81
N LYS B 1509 3.07 -36.89 5.63
CA LYS B 1509 4.04 -37.84 5.09
C LYS B 1509 5.33 -37.97 5.91
N LEU B 1510 5.89 -36.85 6.33
CA LEU B 1510 7.12 -36.92 7.10
C LEU B 1510 6.86 -37.10 8.58
N GLY B 1511 6.18 -38.18 8.90
CA GLY B 1511 5.93 -38.54 10.28
C GLY B 1511 5.32 -37.48 11.18
N GLY B 1512 4.38 -36.70 10.65
CA GLY B 1512 3.73 -35.67 11.44
C GLY B 1512 4.68 -34.71 12.13
N GLN B 1513 5.66 -34.18 11.39
CA GLN B 1513 6.60 -33.20 11.94
C GLN B 1513 6.50 -31.88 11.17
N ASP B 1514 6.78 -30.76 11.82
CA ASP B 1514 6.68 -29.48 11.12
C ASP B 1514 7.69 -29.49 9.97
N ILE B 1515 7.29 -28.96 8.82
CA ILE B 1515 8.18 -28.98 7.66
C ILE B 1515 9.09 -27.77 7.45
N PHE B 1516 9.02 -26.78 8.33
CA PHE B 1516 9.86 -25.59 8.16
C PHE B 1516 11.12 -25.47 9.02
N MET B 1517 11.44 -26.50 9.78
CA MET B 1517 12.61 -26.47 10.66
C MET B 1517 13.71 -27.51 10.42
N THR B 1518 14.95 -27.06 10.53
CA THR B 1518 16.12 -27.91 10.37
C THR B 1518 16.21 -28.79 11.61
N GLU B 1519 16.80 -29.97 11.50
CA GLU B 1519 16.85 -30.89 12.65
C GLU B 1519 17.30 -30.27 13.95
N GLU B 1520 18.31 -29.42 13.92
CA GLU B 1520 18.79 -28.77 15.13
C GLU B 1520 17.72 -27.87 15.72
N GLN B 1521 17.00 -27.19 14.84
CA GLN B 1521 15.95 -26.28 15.26
C GLN B 1521 14.88 -27.07 16.00
N LYS B 1522 14.62 -28.29 15.56
CA LYS B 1522 13.61 -29.11 16.19
C LYS B 1522 13.92 -29.38 17.66
N LYS B 1523 15.18 -29.64 17.99
CA LYS B 1523 15.54 -29.90 19.37
C LYS B 1523 15.22 -28.67 20.19
N TYR B 1524 15.58 -27.50 19.66
CA TYR B 1524 15.33 -26.24 20.35
C TYR B 1524 13.86 -25.94 20.52
N TYR B 1525 13.06 -26.28 19.52
CA TYR B 1525 11.63 -26.02 19.57
C TYR B 1525 11.02 -26.77 20.74
N ASN B 1526 11.49 -27.99 20.98
CA ASN B 1526 10.98 -28.80 22.09
C ASN B 1526 11.26 -28.16 23.44
N ALA B 1527 12.43 -27.56 23.60
CA ALA B 1527 12.80 -26.93 24.85
C ALA B 1527 11.85 -25.78 25.18
N MET B 1528 11.48 -25.01 24.16
CA MET B 1528 10.56 -23.89 24.32
C MET B 1528 9.19 -24.41 24.75
N LYS B 1529 8.85 -25.60 24.29
CA LYS B 1529 7.58 -26.22 24.63
C LYS B 1529 7.51 -26.44 26.14
N LYS B 1530 8.65 -26.75 26.74
CA LYS B 1530 8.73 -27.00 28.17
C LYS B 1530 8.34 -25.80 29.03
N LEU B 1531 8.58 -24.59 28.53
CA LEU B 1531 8.25 -23.37 29.25
C LEU B 1531 6.75 -23.25 29.53
N GLY B 1532 5.95 -23.94 28.73
CA GLY B 1532 4.51 -23.94 28.87
C GLY B 1532 3.99 -24.47 30.20
N SER B 1533 4.71 -25.44 30.78
CA SER B 1533 4.32 -26.07 32.04
C SER B 1533 4.23 -25.13 33.25
N LYS B 1534 3.23 -25.37 34.08
CA LYS B 1534 2.94 -24.60 35.28
C LYS B 1534 3.28 -25.27 36.60
N LYS B 1535 4.15 -26.28 36.59
CA LYS B 1535 4.44 -26.98 37.85
C LYS B 1535 4.91 -25.92 38.83
N PRO B 1536 4.44 -25.99 40.07
CA PRO B 1536 4.88 -24.92 41.00
C PRO B 1536 6.35 -24.90 41.41
N GLN B 1537 6.92 -23.70 41.38
CA GLN B 1537 8.28 -23.45 41.80
C GLN B 1537 8.26 -23.33 43.32
N LYS B 1538 9.42 -23.42 43.98
CA LYS B 1538 9.43 -23.33 45.43
C LYS B 1538 8.90 -21.98 45.98
N PRO B 1539 8.11 -22.06 47.11
CA PRO B 1539 7.58 -20.77 47.59
C PRO B 1539 8.56 -19.70 48.11
N ILE B 1540 9.59 -20.16 48.80
CA ILE B 1540 10.63 -19.36 49.41
C ILE B 1540 10.31 -19.25 50.90
N PRO B 1541 11.33 -19.11 51.73
CA PRO B 1541 11.07 -19.07 53.17
C PRO B 1541 11.12 -17.69 53.80
N ARG B 1542 10.04 -17.30 54.47
CA ARG B 1542 9.99 -16.00 55.14
C ARG B 1542 11.21 -15.92 56.03
N PRO B 1543 12.12 -14.91 55.72
CA PRO B 1543 13.31 -14.89 56.59
C PRO B 1543 13.02 -14.92 58.08
N GLY B 1544 14.05 -15.15 58.88
CA GLY B 1544 13.87 -15.21 60.31
C GLY B 1544 13.62 -13.84 60.92
N ASN B 1545 14.31 -12.84 60.40
CA ASN B 1545 14.19 -11.45 60.88
C ASN B 1545 12.87 -10.81 60.54
N LYS B 1546 12.35 -10.06 61.51
CA LYS B 1546 11.05 -9.42 61.35
C LYS B 1546 11.03 -8.46 60.19
N ILE B 1547 12.12 -7.72 60.01
CA ILE B 1547 12.14 -6.78 58.90
C ILE B 1547 11.97 -7.60 57.64
N GLN B 1548 12.67 -8.72 57.57
CA GLN B 1548 12.54 -9.56 56.41
C GLN B 1548 11.12 -10.03 56.38
N GLY B 1549 10.60 -10.41 57.55
CA GLY B 1549 9.24 -10.88 57.63
C GLY B 1549 8.26 -9.79 57.26
N CYS B 1550 8.47 -8.59 57.80
CA CYS B 1550 7.59 -7.47 57.48
C CYS B 1550 7.72 -7.01 56.03
N ILE B 1551 8.96 -6.89 55.57
CA ILE B 1551 9.21 -6.45 54.21
C ILE B 1551 8.68 -7.48 53.24
N PHE B 1552 8.96 -8.73 53.59
CA PHE B 1552 8.58 -9.88 52.79
C PHE B 1552 7.09 -10.12 52.81
N ASP B 1553 6.47 -9.92 53.96
CA ASP B 1553 5.03 -10.16 54.07
C ASP B 1553 4.25 -9.25 53.14
N LEU B 1554 4.67 -7.99 53.00
CA LEU B 1554 3.98 -7.08 52.10
C LEU B 1554 4.09 -7.45 50.62
N VAL B 1555 5.26 -7.90 50.19
CA VAL B 1555 5.48 -8.26 48.79
C VAL B 1555 4.66 -9.42 48.24
N THR B 1556 4.48 -10.46 49.03
CA THR B 1556 3.72 -11.61 48.60
C THR B 1556 2.22 -11.33 48.59
N ASN B 1557 1.81 -10.23 49.22
CA ASN B 1557 0.39 -9.87 49.27
C ASN B 1557 -0.14 -9.62 47.88
N GLN B 1558 -1.39 -9.99 47.66
CA GLN B 1558 -2.04 -9.84 46.37
C GLN B 1558 -2.11 -8.39 45.97
N ALA B 1559 -2.36 -7.53 46.94
CA ALA B 1559 -2.48 -6.10 46.70
C ALA B 1559 -1.22 -5.50 46.11
N PHE B 1560 -0.07 -5.99 46.54
CA PHE B 1560 1.18 -5.42 46.06
C PHE B 1560 1.33 -5.53 44.56
N ASP B 1561 1.02 -6.68 43.99
CA ASP B 1561 1.14 -6.81 42.54
C ASP B 1561 0.16 -5.92 41.80
N ILE B 1562 -1.07 -5.88 42.28
CA ILE B 1562 -2.10 -5.06 41.67
C ILE B 1562 -1.74 -3.59 41.76
N SER B 1563 -1.19 -3.18 42.90
CA SER B 1563 -0.82 -1.78 43.08
C SER B 1563 0.27 -1.41 42.10
N ILE B 1564 1.25 -2.30 41.95
CA ILE B 1564 2.33 -2.06 41.01
C ILE B 1564 1.79 -2.06 39.59
N MET B 1565 0.89 -2.99 39.31
CA MET B 1565 0.30 -3.09 37.98
C MET B 1565 -0.46 -1.83 37.61
N VAL B 1566 -1.22 -1.31 38.55
CA VAL B 1566 -1.96 -0.09 38.31
C VAL B 1566 -1.00 1.05 38.08
N LEU B 1567 0.10 1.03 38.82
CA LEU B 1567 1.12 2.07 38.71
C LEU B 1567 1.71 2.16 37.32
N ILE B 1568 1.97 1.01 36.70
CA ILE B 1568 2.52 0.97 35.36
C ILE B 1568 1.54 1.57 34.37
N CYS B 1569 0.25 1.26 34.53
CA CYS B 1569 -0.76 1.80 33.64
C CYS B 1569 -0.77 3.30 33.78
N LEU B 1570 -0.59 3.79 34.99
CA LEU B 1570 -0.55 5.21 35.25
C LEU B 1570 0.65 5.79 34.52
N ASN B 1571 1.75 5.06 34.52
CA ASN B 1571 2.96 5.52 33.84
C ASN B 1571 2.74 5.62 32.37
N MET B 1572 2.04 4.64 31.80
CA MET B 1572 1.77 4.61 30.38
C MET B 1572 0.96 5.79 29.90
N VAL B 1573 -0.02 6.19 30.70
CA VAL B 1573 -0.85 7.33 30.35
C VAL B 1573 -0.02 8.60 30.26
N THR B 1574 1.02 8.70 31.08
CA THR B 1574 1.89 9.88 31.04
C THR B 1574 2.61 10.07 29.72
N MET B 1575 3.05 8.96 29.12
CA MET B 1575 3.75 8.98 27.83
C MET B 1575 2.84 9.50 26.72
N MET B 1576 1.57 9.12 26.79
CA MET B 1576 0.55 9.51 25.82
C MET B 1576 0.28 11.01 25.76
N VAL B 1577 0.34 11.67 26.90
CA VAL B 1577 0.08 13.10 26.99
C VAL B 1577 1.07 13.96 26.20
N GLU B 1578 2.26 13.43 25.96
CA GLU B 1578 3.27 14.18 25.24
C GLU B 1578 2.77 14.48 23.83
N LYS B 1579 3.04 15.70 23.36
CA LYS B 1579 2.60 16.09 22.03
C LYS B 1579 3.53 17.15 21.47
N GLU B 1580 3.53 17.31 20.17
CA GLU B 1580 4.42 18.28 19.59
C GLU B 1580 4.00 19.66 20.01
N GLY B 1581 4.97 20.51 20.33
CA GLY B 1581 4.69 21.87 20.75
C GLY B 1581 4.26 22.08 22.18
N GLN B 1582 4.43 21.07 23.03
CA GLN B 1582 4.03 21.24 24.42
C GLN B 1582 4.92 22.32 25.04
N SER B 1583 4.34 23.11 25.95
CA SER B 1583 5.02 24.21 26.60
C SER B 1583 6.07 23.73 27.59
N GLN B 1584 7.00 24.60 27.94
CA GLN B 1584 8.09 24.21 28.84
C GLN B 1584 7.60 23.71 30.18
N HIS B 1585 6.52 24.29 30.68
CA HIS B 1585 6.01 23.83 31.97
C HIS B 1585 5.57 22.38 31.92
N MET B 1586 4.90 21.99 30.85
CA MET B 1586 4.43 20.62 30.70
C MET B 1586 5.60 19.68 30.66
N THR B 1587 6.66 20.08 29.98
CA THR B 1587 7.85 19.24 29.86
C THR B 1587 8.50 18.96 31.21
N GLU B 1588 8.59 19.97 32.07
CA GLU B 1588 9.19 19.79 33.38
C GLU B 1588 8.39 18.85 34.26
N VAL B 1589 7.07 19.00 34.27
CA VAL B 1589 6.22 18.15 35.10
C VAL B 1589 6.33 16.72 34.66
N LEU B 1590 6.33 16.50 33.35
CA LEU B 1590 6.43 15.16 32.83
C LEU B 1590 7.77 14.56 33.25
N TYR B 1591 8.81 15.38 33.23
CA TYR B 1591 10.13 14.90 33.62
C TYR B 1591 10.13 14.49 35.07
N TRP B 1592 9.56 15.33 35.93
CA TRP B 1592 9.49 15.03 37.35
C TRP B 1592 8.56 13.88 37.69
N ILE B 1593 7.43 13.82 37.01
CA ILE B 1593 6.48 12.75 37.29
C ILE B 1593 7.16 11.43 36.99
N ASN B 1594 7.90 11.39 35.88
CA ASN B 1594 8.60 10.18 35.48
C ASN B 1594 9.65 9.76 36.50
N VAL B 1595 10.36 10.73 37.07
CA VAL B 1595 11.41 10.43 38.03
C VAL B 1595 10.81 9.72 39.23
N VAL B 1596 9.62 10.13 39.65
CA VAL B 1596 8.99 9.48 40.78
C VAL B 1596 8.73 8.02 40.44
N PHE B 1597 8.26 7.78 39.22
CA PHE B 1597 8.00 6.42 38.76
C PHE B 1597 9.33 5.68 38.70
N ILE B 1598 10.37 6.38 38.27
CA ILE B 1598 11.71 5.82 38.17
C ILE B 1598 12.12 5.44 39.58
N ILE B 1599 11.74 6.27 40.55
CA ILE B 1599 12.04 6.02 41.93
C ILE B 1599 11.14 4.95 42.54
N LEU B 1600 9.84 5.01 42.26
CA LEU B 1600 8.94 4.01 42.81
C LEU B 1600 9.25 2.63 42.27
N PHE B 1601 9.47 2.54 40.97
CA PHE B 1601 9.78 1.27 40.36
C PHE B 1601 11.09 0.69 40.87
N THR B 1602 12.09 1.55 41.02
CA THR B 1602 13.38 1.14 41.55
C THR B 1602 13.13 0.72 42.98
N GLY B 1603 12.24 1.42 43.64
CA GLY B 1603 11.91 1.12 45.02
C GLY B 1603 11.30 -0.26 45.17
N GLU B 1604 10.41 -0.62 44.26
CA GLU B 1604 9.79 -1.92 44.33
C GLU B 1604 10.83 -3.02 44.15
N CYS B 1605 11.76 -2.80 43.24
CA CYS B 1605 12.78 -3.79 42.98
C CYS B 1605 13.64 -4.04 44.20
N VAL B 1606 14.01 -2.98 44.90
CA VAL B 1606 14.82 -3.14 46.10
C VAL B 1606 14.07 -3.92 47.17
N LEU B 1607 12.78 -3.62 47.32
CA LEU B 1607 11.95 -4.30 48.31
C LEU B 1607 11.82 -5.79 48.06
N LYS B 1608 11.62 -6.18 46.81
CA LYS B 1608 11.51 -7.59 46.52
C LYS B 1608 12.83 -8.26 46.86
N LEU B 1609 13.92 -7.57 46.55
CA LEU B 1609 15.25 -8.09 46.83
C LEU B 1609 15.56 -8.26 48.31
N ILE B 1610 15.12 -7.32 49.15
CA ILE B 1610 15.42 -7.46 50.56
C ILE B 1610 14.77 -8.71 51.12
N SER B 1611 13.49 -8.91 50.83
CA SER B 1611 12.80 -10.11 51.31
C SER B 1611 13.16 -11.43 50.62
N LEU B 1612 13.17 -11.41 49.29
CA LEU B 1612 13.44 -12.59 48.46
C LEU B 1612 14.85 -13.20 48.44
N ARG B 1613 15.83 -12.31 48.44
CA ARG B 1613 17.25 -12.67 48.40
C ARG B 1613 17.60 -13.44 47.12
N HIS B 1614 18.29 -14.55 47.26
CA HIS B 1614 18.68 -15.33 46.10
C HIS B 1614 17.45 -15.81 45.36
N TYR B 1615 16.38 -16.05 46.09
CA TYR B 1615 15.15 -16.55 45.49
C TYR B 1615 14.64 -15.61 44.42
N TYR B 1616 14.80 -14.31 44.60
CA TYR B 1616 14.29 -13.36 43.62
C TYR B 1616 14.86 -13.61 42.24
N PHE B 1617 16.14 -13.91 42.15
CA PHE B 1617 16.77 -14.12 40.85
C PHE B 1617 16.29 -15.35 40.11
N THR B 1618 15.63 -16.24 40.83
CA THR B 1618 15.13 -17.47 40.23
C THR B 1618 14.08 -17.26 39.15
N VAL B 1619 13.14 -16.34 39.38
CA VAL B 1619 12.09 -16.09 38.40
C VAL B 1619 12.53 -15.32 37.18
N GLY B 1620 12.09 -15.78 36.02
CA GLY B 1620 12.43 -15.13 34.76
C GLY B 1620 11.88 -13.75 34.66
N TRP B 1621 10.65 -13.56 35.11
CA TRP B 1621 10.02 -12.24 35.05
C TRP B 1621 10.73 -11.21 35.92
N ASN B 1622 11.19 -11.65 37.08
CA ASN B 1622 11.88 -10.75 37.99
C ASN B 1622 13.12 -10.21 37.31
N ILE B 1623 13.83 -11.06 36.59
CA ILE B 1623 15.03 -10.62 35.90
C ILE B 1623 14.69 -9.58 34.84
N PHE B 1624 13.61 -9.76 34.12
CA PHE B 1624 13.24 -8.77 33.11
C PHE B 1624 12.95 -7.47 33.81
N ASP B 1625 12.24 -7.55 34.94
CA ASP B 1625 11.88 -6.39 35.72
C ASP B 1625 13.12 -5.68 36.25
N PHE B 1626 14.10 -6.46 36.70
CA PHE B 1626 15.33 -5.90 37.22
C PHE B 1626 16.11 -5.20 36.12
N VAL B 1627 16.17 -5.83 34.96
CA VAL B 1627 16.88 -5.27 33.81
C VAL B 1627 16.26 -3.96 33.35
N VAL B 1628 14.93 -3.88 33.38
CA VAL B 1628 14.25 -2.66 32.94
C VAL B 1628 14.64 -1.47 33.79
N VAL B 1629 14.76 -1.68 35.09
CA VAL B 1629 15.14 -0.60 35.99
C VAL B 1629 16.53 -0.08 35.69
N ILE B 1630 17.47 -0.97 35.41
CA ILE B 1630 18.83 -0.57 35.11
C ILE B 1630 18.85 0.26 33.84
N ILE B 1631 18.10 -0.16 32.83
CA ILE B 1631 18.03 0.57 31.58
C ILE B 1631 17.41 1.94 31.75
N SER B 1632 16.34 1.99 32.57
CA SER B 1632 15.61 3.23 32.81
C SER B 1632 16.40 4.34 33.51
N ILE B 1633 17.15 3.95 34.55
CA ILE B 1633 18.04 4.83 35.30
C ILE B 1633 19.22 5.23 34.43
N VAL B 1634 19.81 4.24 33.77
CA VAL B 1634 20.95 4.44 32.90
C VAL B 1634 20.58 5.32 31.72
N GLY B 1635 19.39 5.08 31.19
CA GLY B 1635 18.91 5.87 30.08
C GLY B 1635 18.78 7.28 30.58
N MET B 1636 18.35 7.41 31.82
CA MET B 1636 18.18 8.71 32.45
C MET B 1636 19.49 9.49 32.60
N PHE B 1637 20.52 8.83 33.12
CA PHE B 1637 21.79 9.50 33.31
C PHE B 1637 22.38 9.92 31.98
N LEU B 1638 22.30 9.01 31.01
CA LEU B 1638 22.83 9.25 29.68
C LEU B 1638 22.16 10.41 29.01
N ALA B 1639 20.84 10.53 29.18
CA ALA B 1639 20.14 11.63 28.56
C ALA B 1639 20.69 12.91 29.18
N ASP B 1640 20.83 12.90 30.49
CA ASP B 1640 21.35 14.05 31.23
C ASP B 1640 22.78 14.36 30.85
N LEU B 1641 23.60 13.31 30.74
CA LEU B 1641 25.00 13.48 30.40
C LEU B 1641 25.15 14.09 29.03
N ILE B 1642 24.31 13.66 28.11
CA ILE B 1642 24.37 14.18 26.74
C ILE B 1642 24.10 15.67 26.74
N GLU B 1643 23.14 16.13 27.52
CA GLU B 1643 22.82 17.55 27.52
C GLU B 1643 23.94 18.47 27.99
N THR B 1644 24.63 18.10 29.05
CA THR B 1644 25.72 18.93 29.54
C THR B 1644 26.88 19.03 28.56
N TYR B 1645 27.23 17.94 27.89
CA TYR B 1645 28.36 17.98 26.97
C TYR B 1645 28.12 17.85 25.46
N PHE B 1646 26.94 17.39 25.05
CA PHE B 1646 26.68 17.22 23.62
C PHE B 1646 25.33 17.72 23.19
N VAL B 1647 25.17 17.96 21.89
CA VAL B 1647 23.89 18.43 21.39
C VAL B 1647 23.42 17.61 20.19
N SER B 1648 22.99 16.38 20.45
CA SER B 1648 22.52 15.50 19.38
C SER B 1648 21.04 15.22 19.59
N PRO B 1649 20.18 15.89 18.81
CA PRO B 1649 18.75 15.65 18.95
C PRO B 1649 18.36 14.22 18.60
N THR B 1650 18.90 13.73 17.50
CA THR B 1650 18.59 12.39 17.04
C THR B 1650 19.05 11.36 18.06
N LEU B 1651 20.21 11.56 18.64
CA LEU B 1651 20.75 10.65 19.64
C LEU B 1651 19.91 10.63 20.90
N PHE B 1652 19.43 11.81 21.29
CA PHE B 1652 18.62 11.95 22.49
C PHE B 1652 17.29 11.20 22.44
N ARG B 1653 16.62 11.25 21.30
CA ARG B 1653 15.35 10.57 21.16
C ARG B 1653 15.50 9.06 21.30
N VAL B 1654 16.56 8.51 20.73
CA VAL B 1654 16.80 7.08 20.82
C VAL B 1654 17.04 6.64 22.26
N ILE B 1655 17.75 7.47 23.02
CA ILE B 1655 18.05 7.16 24.42
C ILE B 1655 16.80 7.07 25.31
N ARG B 1656 15.86 7.97 25.08
CA ARG B 1656 14.61 8.03 25.85
C ARG B 1656 13.74 6.83 25.53
N LEU B 1657 14.10 6.14 24.47
CA LEU B 1657 13.38 4.97 24.03
C LEU B 1657 13.49 3.88 25.06
N ALA B 1658 14.46 4.00 25.95
CA ALA B 1658 14.67 2.98 26.98
C ALA B 1658 13.47 2.76 27.88
N ARG B 1659 12.75 3.83 28.20
CA ARG B 1659 11.60 3.68 29.09
C ARG B 1659 10.51 2.78 28.52
N ILE B 1660 10.17 2.92 27.24
CA ILE B 1660 9.11 2.07 26.76
C ILE B 1660 9.28 0.69 27.38
N GLY B 1661 10.45 0.39 27.89
CA GLY B 1661 10.67 -0.92 28.48
C GLY B 1661 9.73 -1.22 29.64
N ARG B 1662 9.46 -0.24 30.48
CA ARG B 1662 8.58 -0.47 31.63
C ARG B 1662 7.16 -0.88 31.21
N ILE B 1663 6.68 -0.28 30.14
CA ILE B 1663 5.35 -0.53 29.64
C ILE B 1663 5.20 -2.00 29.32
N LEU B 1664 6.27 -2.60 28.87
CA LEU B 1664 6.26 -4.00 28.51
C LEU B 1664 5.92 -4.88 29.69
N ARG B 1665 6.12 -4.36 30.90
CA ARG B 1665 5.83 -5.12 32.12
C ARG B 1665 4.34 -5.41 32.28
N LEU B 1666 3.51 -4.64 31.59
CA LEU B 1666 2.07 -4.79 31.65
C LEU B 1666 1.69 -6.17 31.18
N VAL B 1667 2.55 -6.74 30.35
CA VAL B 1667 2.34 -8.06 29.79
C VAL B 1667 2.25 -9.15 30.85
N LYS B 1668 3.03 -9.05 31.91
CA LYS B 1668 3.00 -10.09 32.93
C LYS B 1668 1.62 -10.24 33.55
N GLY B 1669 0.96 -9.13 33.82
CA GLY B 1669 -0.35 -9.17 34.43
C GLY B 1669 -1.45 -9.84 33.62
N ALA B 1670 -1.48 -9.60 32.31
CA ALA B 1670 -2.53 -10.18 31.48
C ALA B 1670 -2.19 -11.55 30.93
N LYS B 1671 -2.83 -12.56 31.49
CA LYS B 1671 -2.63 -13.94 31.07
C LYS B 1671 -3.11 -14.18 29.66
N GLY B 1672 -4.20 -13.54 29.26
CA GLY B 1672 -4.73 -13.77 27.92
C GLY B 1672 -3.75 -13.40 26.83
N ILE B 1673 -3.17 -12.21 26.94
CA ILE B 1673 -2.18 -11.72 25.98
C ILE B 1673 -0.89 -12.52 26.06
N ARG B 1674 -0.51 -12.94 27.26
CA ARG B 1674 0.72 -13.68 27.43
C ARG B 1674 0.71 -14.95 26.62
N THR B 1675 -0.42 -15.65 26.59
CA THR B 1675 -0.49 -16.86 25.80
C THR B 1675 -0.34 -16.54 24.32
N LEU B 1676 -0.98 -15.47 23.85
CA LEU B 1676 -0.88 -15.13 22.45
C LEU B 1676 0.54 -14.75 22.07
N LEU B 1677 1.21 -13.99 22.92
CA LEU B 1677 2.58 -13.57 22.66
C LEU B 1677 3.53 -14.75 22.63
N PHE B 1678 3.31 -15.69 23.54
CA PHE B 1678 4.15 -16.86 23.65
C PHE B 1678 4.09 -17.68 22.39
N ALA B 1679 2.92 -17.74 21.76
CA ALA B 1679 2.78 -18.51 20.55
C ALA B 1679 3.69 -17.95 19.45
N LEU B 1680 3.79 -16.64 19.35
CA LEU B 1680 4.64 -16.04 18.34
C LEU B 1680 6.05 -16.51 18.58
N MET B 1681 6.46 -16.53 19.83
CA MET B 1681 7.81 -16.97 20.14
C MET B 1681 8.10 -18.37 19.61
N MET B 1682 7.12 -19.25 19.67
CA MET B 1682 7.27 -20.62 19.21
C MET B 1682 7.56 -20.71 17.72
N SER B 1683 6.94 -19.84 16.95
CA SER B 1683 7.09 -19.85 15.50
C SER B 1683 8.28 -19.06 14.98
N LEU B 1684 9.08 -18.48 15.86
CA LEU B 1684 10.21 -17.70 15.41
C LEU B 1684 11.21 -18.55 14.65
N PRO B 1685 11.44 -19.83 15.15
CA PRO B 1685 12.40 -20.62 14.36
C PRO B 1685 11.92 -20.86 12.93
N ALA B 1686 10.66 -21.20 12.74
CA ALA B 1686 10.12 -21.43 11.39
C ALA B 1686 10.12 -20.18 10.54
N LEU B 1687 9.74 -19.06 11.15
CA LEU B 1687 9.69 -17.78 10.47
C LEU B 1687 11.07 -17.35 10.03
N PHE B 1688 12.08 -17.66 10.83
CA PHE B 1688 13.44 -17.27 10.49
C PHE B 1688 13.91 -17.92 9.20
N ASN B 1689 13.63 -19.21 9.02
CA ASN B 1689 14.06 -19.88 7.81
C ASN B 1689 13.44 -19.27 6.58
N ILE B 1690 12.15 -18.99 6.66
CA ILE B 1690 11.42 -18.38 5.56
C ILE B 1690 11.98 -16.99 5.31
N GLY B 1691 12.31 -16.30 6.39
CA GLY B 1691 12.86 -14.97 6.28
C GLY B 1691 14.20 -15.01 5.57
N LEU B 1692 15.01 -16.00 5.87
CA LEU B 1692 16.30 -16.11 5.23
C LEU B 1692 16.14 -16.36 3.73
N LEU B 1693 15.22 -17.25 3.38
CA LEU B 1693 14.95 -17.59 2.00
C LEU B 1693 14.40 -16.39 1.27
N LEU B 1694 13.52 -15.65 1.94
CA LEU B 1694 12.92 -14.46 1.36
C LEU B 1694 13.96 -13.41 1.11
N PHE B 1695 14.91 -13.28 2.03
CA PHE B 1695 15.98 -12.29 1.90
C PHE B 1695 16.87 -12.56 0.71
N LEU B 1696 17.20 -13.83 0.48
CA LEU B 1696 18.05 -14.20 -0.64
C LEU B 1696 17.37 -13.91 -1.97
N VAL B 1697 16.08 -14.20 -2.07
CA VAL B 1697 15.33 -13.93 -3.29
C VAL B 1697 15.26 -12.44 -3.54
N MET B 1698 15.10 -11.68 -2.49
CA MET B 1698 15.05 -10.24 -2.59
C MET B 1698 16.38 -9.76 -3.07
N PHE B 1699 17.45 -10.37 -2.56
CA PHE B 1699 18.80 -9.98 -2.96
C PHE B 1699 19.11 -10.24 -4.42
N ILE B 1700 18.71 -11.38 -4.96
CA ILE B 1700 18.95 -11.69 -6.36
C ILE B 1700 18.22 -10.69 -7.25
N TYR B 1701 17.01 -10.36 -6.86
CA TYR B 1701 16.19 -9.41 -7.59
C TYR B 1701 16.75 -8.01 -7.57
N ALA B 1702 17.32 -7.60 -6.45
CA ALA B 1702 17.89 -6.27 -6.32
C ALA B 1702 19.02 -6.11 -7.31
N ILE B 1703 19.84 -7.15 -7.43
CA ILE B 1703 20.96 -7.11 -8.37
C ILE B 1703 20.50 -7.03 -9.81
N PHE B 1704 19.48 -7.79 -10.15
CA PHE B 1704 18.95 -7.80 -11.50
C PHE B 1704 18.40 -6.42 -11.77
N GLY B 1705 17.76 -5.86 -10.77
CA GLY B 1705 17.19 -4.54 -10.88
C GLY B 1705 18.18 -3.43 -11.06
N MET B 1706 19.29 -3.49 -10.34
CA MET B 1706 20.28 -2.42 -10.45
C MET B 1706 20.83 -2.28 -11.84
N SER B 1707 21.20 -3.39 -12.45
CA SER B 1707 21.74 -3.34 -13.80
C SER B 1707 20.70 -2.98 -14.84
N ASN B 1708 19.56 -3.67 -14.77
CA ASN B 1708 18.46 -3.47 -15.69
C ASN B 1708 17.67 -2.18 -15.64
N PHE B 1709 17.30 -1.73 -14.44
CA PHE B 1709 16.45 -0.54 -14.31
C PHE B 1709 17.02 0.80 -13.94
N ALA B 1710 18.31 0.89 -13.67
CA ALA B 1710 18.89 2.18 -13.36
C ALA B 1710 18.82 2.82 -14.71
N TYR B 1711 18.70 4.13 -14.75
CA TYR B 1711 18.63 4.88 -16.01
C TYR B 1711 17.24 5.00 -16.62
N VAL B 1712 16.22 4.36 -16.04
CA VAL B 1712 14.88 4.50 -16.59
C VAL B 1712 14.45 5.89 -16.23
N LYS B 1713 13.59 6.49 -17.04
CA LYS B 1713 13.11 7.84 -16.79
C LYS B 1713 12.35 7.83 -15.48
N LYS B 1714 12.48 8.88 -14.67
CA LYS B 1714 11.75 8.92 -13.41
C LYS B 1714 10.36 9.48 -13.61
N GLU B 1715 9.34 8.66 -13.36
CA GLU B 1715 7.96 9.09 -13.54
C GLU B 1715 7.09 8.96 -12.29
N ASP B 1716 6.51 7.79 -12.10
CA ASP B 1716 5.68 7.55 -10.93
C ASP B 1716 6.15 6.37 -10.15
N GLY B 1717 6.51 6.61 -8.89
CA GLY B 1717 7.01 5.57 -8.03
C GLY B 1717 8.51 5.47 -8.12
N ILE B 1718 9.09 6.17 -9.10
CA ILE B 1718 10.53 6.21 -9.26
C ILE B 1718 10.91 7.68 -9.29
N ASN B 1719 11.74 8.10 -8.34
CA ASN B 1719 12.16 9.48 -8.19
C ASN B 1719 13.44 9.39 -7.41
N ASP B 1720 14.07 10.53 -7.04
CA ASP B 1720 15.30 10.42 -6.25
C ASP B 1720 14.87 9.74 -4.97
N MET B 1721 15.54 8.64 -4.59
CA MET B 1721 15.25 7.81 -3.42
C MET B 1721 14.24 6.85 -3.99
N PHE B 1722 14.12 5.64 -3.45
CA PHE B 1722 13.12 4.72 -3.98
C PHE B 1722 13.28 4.59 -5.48
N ASN B 1723 14.51 4.37 -5.91
CA ASN B 1723 14.87 4.19 -7.31
C ASN B 1723 15.84 3.05 -7.37
N PHE B 1724 16.18 2.55 -8.55
CA PHE B 1724 17.10 1.43 -8.65
C PHE B 1724 18.56 1.82 -8.88
N GLU B 1725 18.88 3.09 -8.68
CA GLU B 1725 20.23 3.56 -8.93
C GLU B 1725 21.32 2.88 -8.12
N THR B 1726 21.09 2.56 -6.86
CA THR B 1726 22.10 1.89 -6.04
C THR B 1726 21.54 0.73 -5.23
N PHE B 1727 22.40 -0.14 -4.68
CA PHE B 1727 21.93 -1.28 -3.92
C PHE B 1727 21.12 -0.95 -2.69
N GLY B 1728 21.47 0.11 -1.97
CA GLY B 1728 20.71 0.47 -0.80
C GLY B 1728 19.31 0.83 -1.23
N ASN B 1729 19.20 1.58 -2.31
CA ASN B 1729 17.92 2.02 -2.88
C ASN B 1729 17.05 0.90 -3.38
N SER B 1730 17.66 -0.05 -4.07
CA SER B 1730 16.93 -1.16 -4.63
C SER B 1730 16.30 -2.00 -3.56
N MET B 1731 17.01 -2.17 -2.46
CA MET B 1731 16.52 -2.93 -1.33
C MET B 1731 15.29 -2.28 -0.72
N ILE B 1732 15.29 -0.97 -0.64
CA ILE B 1732 14.17 -0.23 -0.07
C ILE B 1732 12.91 -0.46 -0.89
N CYS B 1733 13.01 -0.42 -2.21
CA CYS B 1733 11.88 -0.65 -3.09
C CYS B 1733 11.36 -2.07 -3.04
N LEU B 1734 12.26 -3.03 -3.11
CA LEU B 1734 11.87 -4.42 -3.12
C LEU B 1734 11.11 -4.74 -1.87
N PHE B 1735 11.50 -4.15 -0.76
CA PHE B 1735 10.77 -4.41 0.49
C PHE B 1735 9.34 -3.91 0.42
N GLN B 1736 9.14 -2.75 -0.18
CA GLN B 1736 7.80 -2.22 -0.28
C GLN B 1736 6.90 -3.12 -1.10
N ILE B 1737 7.44 -3.58 -2.22
CA ILE B 1737 6.74 -4.43 -3.18
C ILE B 1737 6.52 -5.85 -2.67
N THR B 1738 7.17 -6.21 -1.58
CA THR B 1738 6.99 -7.54 -1.04
C THR B 1738 5.55 -7.71 -0.60
N THR B 1739 4.99 -6.68 0.00
CA THR B 1739 3.60 -6.69 0.42
C THR B 1739 2.71 -6.61 -0.82
N SER B 1740 3.32 -6.28 -1.94
CA SER B 1740 2.67 -6.14 -3.25
C SER B 1740 2.11 -4.77 -3.43
N ALA B 1741 2.38 -3.91 -2.47
CA ALA B 1741 1.91 -2.53 -2.51
C ALA B 1741 2.56 -1.68 -3.57
N GLY B 1742 1.79 -0.82 -4.19
CA GLY B 1742 2.32 0.10 -5.17
C GLY B 1742 3.19 -0.56 -6.21
N TRP B 1743 2.97 -1.84 -6.47
CA TRP B 1743 3.77 -2.55 -7.47
C TRP B 1743 3.51 -1.96 -8.84
N ASP B 1744 2.28 -1.56 -9.08
CA ASP B 1744 1.92 -0.99 -10.37
C ASP B 1744 2.72 0.28 -10.61
N GLY B 1745 2.94 1.06 -9.56
CA GLY B 1745 3.66 2.31 -9.69
C GLY B 1745 5.08 2.17 -10.20
N LEU B 1746 5.83 1.19 -9.71
CA LEU B 1746 7.20 0.96 -10.15
C LEU B 1746 7.26 0.56 -11.61
N LEU B 1747 6.34 -0.33 -12.01
CA LEU B 1747 6.24 -0.86 -13.36
C LEU B 1747 5.90 0.18 -14.40
N ALA B 1748 5.25 1.25 -14.01
CA ALA B 1748 4.86 2.27 -14.96
C ALA B 1748 6.00 2.92 -15.73
N PRO B 1749 7.13 3.25 -15.11
CA PRO B 1749 8.21 3.89 -15.89
C PRO B 1749 8.89 2.90 -16.84
N ILE B 1750 9.03 1.65 -16.41
CA ILE B 1750 9.66 0.58 -17.19
C ILE B 1750 8.92 0.32 -18.50
N LEU B 1751 7.60 0.41 -18.48
CA LEU B 1751 6.78 0.15 -19.66
C LEU B 1751 6.99 1.07 -20.84
N ASN B 1752 7.16 2.37 -20.63
CA ASN B 1752 7.32 3.27 -21.77
C ASN B 1752 8.58 3.08 -22.61
N SER B 1753 8.39 2.99 -23.92
CA SER B 1753 9.51 2.81 -24.85
C SER B 1753 9.27 3.57 -26.15
N LYS B 1754 10.29 4.30 -26.59
CA LYS B 1754 10.24 5.05 -27.85
C LYS B 1754 9.65 6.45 -27.66
N PRO B 1755 10.06 7.40 -28.59
CA PRO B 1755 9.46 8.73 -28.40
C PRO B 1755 7.97 8.68 -28.65
N PRO B 1756 7.09 9.55 -28.00
CA PRO B 1756 7.70 10.55 -27.11
C PRO B 1756 7.69 10.17 -25.64
N ASP B 1757 7.41 8.91 -25.35
CA ASP B 1757 7.36 8.45 -23.96
C ASP B 1757 8.74 8.63 -23.32
N CYS B 1758 9.78 8.37 -24.07
CA CYS B 1758 11.14 8.51 -23.55
C CYS B 1758 12.14 8.74 -24.67
N ASP B 1759 13.36 9.13 -24.32
CA ASP B 1759 14.39 9.36 -25.32
C ASP B 1759 15.27 8.14 -25.36
N PRO B 1760 15.35 7.50 -26.53
CA PRO B 1760 16.13 6.29 -26.75
C PRO B 1760 17.63 6.47 -26.52
N LYS B 1761 18.20 7.60 -26.90
CA LYS B 1761 19.61 7.82 -26.66
C LYS B 1761 19.75 9.03 -25.73
N LYS B 1762 20.28 8.81 -24.54
CA LYS B 1762 20.45 9.86 -23.55
C LYS B 1762 21.89 9.89 -23.07
N VAL B 1763 22.42 11.07 -22.83
CA VAL B 1763 23.80 11.19 -22.41
C VAL B 1763 24.16 10.53 -21.08
N HIS B 1764 23.33 10.65 -20.05
CA HIS B 1764 23.68 10.03 -18.77
C HIS B 1764 25.08 10.50 -18.34
N PRO B 1765 25.20 11.85 -17.99
CA PRO B 1765 26.58 12.25 -17.63
C PRO B 1765 27.17 11.44 -16.51
N GLY B 1766 28.47 11.19 -16.61
CA GLY B 1766 29.19 10.41 -15.63
C GLY B 1766 29.19 8.96 -16.02
N SER B 1767 28.58 8.62 -17.15
CA SER B 1767 28.55 7.21 -17.56
C SER B 1767 28.44 6.88 -19.05
N SER B 1768 28.94 5.69 -19.39
CA SER B 1768 28.95 5.13 -20.74
C SER B 1768 27.63 4.75 -21.41
N VAL B 1769 26.71 4.17 -20.65
CA VAL B 1769 25.43 3.71 -21.20
C VAL B 1769 24.51 4.81 -21.74
N GLU B 1770 23.74 4.47 -22.76
CA GLU B 1770 22.82 5.42 -23.37
C GLU B 1770 21.38 4.92 -23.30
N GLY B 1771 20.47 5.84 -23.03
CA GLY B 1771 19.04 5.56 -22.95
C GLY B 1771 18.51 5.18 -21.60
N ASP B 1772 17.27 5.56 -21.34
CA ASP B 1772 16.59 5.30 -20.08
C ASP B 1772 15.29 4.56 -20.32
N CYS B 1773 15.21 3.90 -21.45
CA CYS B 1773 14.01 3.21 -21.89
C CYS B 1773 13.89 1.89 -21.17
N GLY B 1774 12.72 1.64 -20.59
CA GLY B 1774 12.50 0.40 -19.88
C GLY B 1774 12.29 -0.67 -20.92
N ASN B 1775 12.53 -1.92 -20.59
CA ASN B 1775 12.29 -2.99 -21.53
C ASN B 1775 10.89 -3.43 -21.16
N PRO B 1776 9.92 -3.26 -22.04
CA PRO B 1776 8.57 -3.66 -21.66
C PRO B 1776 8.48 -5.14 -21.38
N SER B 1777 9.08 -5.98 -22.21
CA SER B 1777 9.02 -7.43 -21.99
C SER B 1777 9.77 -7.90 -20.74
N VAL B 1778 10.98 -7.41 -20.57
CA VAL B 1778 11.81 -7.76 -19.43
C VAL B 1778 11.25 -7.20 -18.13
N GLY B 1779 10.73 -5.99 -18.19
CA GLY B 1779 10.16 -5.35 -17.03
C GLY B 1779 8.92 -6.06 -16.52
N ILE B 1780 8.04 -6.47 -17.43
CA ILE B 1780 6.82 -7.16 -17.05
C ILE B 1780 7.10 -8.50 -16.40
N PHE B 1781 8.04 -9.25 -16.93
CA PHE B 1781 8.37 -10.55 -16.36
C PHE B 1781 8.93 -10.40 -14.96
N TYR B 1782 9.78 -9.40 -14.79
CA TYR B 1782 10.42 -9.13 -13.51
C TYR B 1782 9.47 -8.74 -12.39
N PHE B 1783 8.61 -7.76 -12.60
CA PHE B 1783 7.67 -7.36 -11.56
C PHE B 1783 6.62 -8.41 -11.27
N VAL B 1784 6.10 -9.01 -12.31
CA VAL B 1784 5.08 -10.05 -12.16
C VAL B 1784 5.58 -11.29 -11.45
N SER B 1785 6.79 -11.72 -11.81
CA SER B 1785 7.40 -12.88 -11.21
C SER B 1785 7.64 -12.66 -9.71
N TYR B 1786 8.08 -11.45 -9.37
CA TYR B 1786 8.34 -11.10 -7.99
C TYR B 1786 7.08 -11.06 -7.17
N ILE B 1787 6.02 -10.52 -7.74
CA ILE B 1787 4.77 -10.42 -7.01
C ILE B 1787 4.28 -11.82 -6.69
N ILE B 1788 4.32 -12.71 -7.66
CA ILE B 1788 3.90 -14.08 -7.46
C ILE B 1788 4.78 -14.85 -6.48
N ILE B 1789 6.10 -14.71 -6.59
CA ILE B 1789 7.00 -15.43 -5.70
C ILE B 1789 6.89 -15.00 -4.24
N SER B 1790 6.79 -13.71 -4.01
CA SER B 1790 6.68 -13.19 -2.66
C SER B 1790 5.38 -13.65 -2.05
N PHE B 1791 4.33 -13.67 -2.85
CA PHE B 1791 3.01 -14.10 -2.41
C PHE B 1791 3.06 -15.56 -2.00
N LEU B 1792 3.79 -16.38 -2.74
CA LEU B 1792 3.89 -17.78 -2.39
C LEU B 1792 4.55 -17.97 -1.02
N VAL B 1793 5.63 -17.24 -0.76
CA VAL B 1793 6.32 -17.33 0.52
C VAL B 1793 5.46 -16.81 1.67
N VAL B 1794 4.74 -15.72 1.43
CA VAL B 1794 3.85 -15.13 2.42
C VAL B 1794 2.73 -16.10 2.80
N VAL B 1795 2.32 -16.94 1.87
CA VAL B 1795 1.30 -17.94 2.16
C VAL B 1795 1.91 -18.82 3.24
N ASN B 1796 3.23 -19.01 3.17
CA ASN B 1796 3.95 -19.82 4.14
C ASN B 1796 3.88 -19.24 5.55
N MET B 1797 4.00 -17.93 5.68
CA MET B 1797 3.93 -17.30 6.99
C MET B 1797 2.54 -17.55 7.54
N TYR B 1798 1.55 -17.43 6.68
CA TYR B 1798 0.17 -17.64 7.08
C TYR B 1798 0.08 -19.07 7.59
N ILE B 1799 0.69 -20.01 6.88
CA ILE B 1799 0.66 -21.41 7.31
C ILE B 1799 1.43 -21.72 8.60
N ALA B 1800 2.61 -21.14 8.75
CA ALA B 1800 3.41 -21.37 9.96
C ALA B 1800 2.78 -20.82 11.21
N VAL B 1801 2.19 -19.62 11.12
CA VAL B 1801 1.54 -19.00 12.26
C VAL B 1801 0.32 -19.77 12.72
N ILE B 1802 -0.47 -20.26 11.76
CA ILE B 1802 -1.67 -21.01 12.09
C ILE B 1802 -1.38 -22.32 12.82
N LEU B 1803 -0.38 -23.04 12.37
CA LEU B 1803 -0.02 -24.31 12.99
C LEU B 1803 0.35 -24.13 14.45
N GLU B 1804 1.24 -23.19 14.73
CA GLU B 1804 1.68 -22.93 16.09
C GLU B 1804 0.55 -22.43 16.96
N ASN B 1805 -0.28 -21.57 16.39
CA ASN B 1805 -1.40 -21.00 17.13
C ASN B 1805 -2.38 -22.06 17.59
N PHE B 1806 -2.68 -23.02 16.73
CA PHE B 1806 -3.61 -24.07 17.11
C PHE B 1806 -3.01 -24.89 18.26
N SER B 1807 -1.71 -25.16 18.19
CA SER B 1807 -1.07 -25.94 19.25
C SER B 1807 -1.07 -25.24 20.61
N VAL B 1808 -0.73 -23.96 20.65
CA VAL B 1808 -0.70 -23.25 21.93
C VAL B 1808 -2.09 -23.08 22.54
N ALA B 1809 -3.05 -22.71 21.71
CA ALA B 1809 -4.43 -22.55 22.17
C ALA B 1809 -4.97 -23.89 22.62
N THR B 1810 -4.62 -24.92 21.86
CA THR B 1810 -5.08 -26.27 22.13
C THR B 1810 -4.62 -26.76 23.50
N GLU B 1811 -3.38 -26.44 23.86
CA GLU B 1811 -2.88 -26.89 25.15
C GLU B 1811 -3.75 -26.36 26.28
N GLY C 20 21.12 8.28 -13.62
CA GLY C 20 21.22 9.68 -13.98
C GLY C 20 22.62 10.23 -13.79
N CYS C 21 22.71 11.53 -13.49
CA CYS C 21 24.01 12.17 -13.29
C CYS C 21 24.73 11.67 -12.05
N VAL C 22 26.05 11.45 -12.21
CA VAL C 22 26.92 10.99 -11.15
C VAL C 22 28.16 11.86 -11.22
N GLU C 23 28.81 12.12 -10.10
CA GLU C 23 30.00 12.96 -10.13
C GLU C 23 31.23 12.08 -10.07
N VAL C 24 32.06 12.19 -11.09
CA VAL C 24 33.28 11.40 -11.15
C VAL C 24 34.49 12.32 -11.34
N ASP C 25 35.53 12.11 -10.54
CA ASP C 25 36.74 12.92 -10.64
C ASP C 25 37.55 12.61 -11.88
N SER C 26 38.18 13.62 -12.46
CA SER C 26 38.99 13.47 -13.67
C SER C 26 40.34 12.78 -13.47
N GLU C 27 40.86 12.20 -14.54
CA GLU C 27 42.16 11.53 -14.50
C GLU C 27 43.26 12.57 -14.31
N THR C 28 44.28 12.23 -13.54
CA THR C 28 45.37 13.17 -13.29
C THR C 28 46.69 12.98 -14.06
N GLU C 29 46.80 11.92 -14.86
CA GLU C 29 48.02 11.66 -15.63
C GLU C 29 47.73 11.60 -17.12
N ALA C 30 48.43 12.41 -17.91
CA ALA C 30 48.22 12.45 -19.35
C ALA C 30 49.46 12.11 -20.15
N VAL C 31 49.32 11.25 -21.15
CA VAL C 31 50.46 10.86 -21.98
C VAL C 31 50.73 11.93 -23.03
N TYR C 32 51.99 12.29 -23.19
CA TYR C 32 52.41 13.31 -24.15
C TYR C 32 52.09 12.92 -25.58
N GLY C 33 51.67 13.89 -26.40
CA GLY C 33 51.39 13.61 -27.79
C GLY C 33 50.12 12.85 -28.05
N MET C 34 49.27 12.72 -27.04
CA MET C 34 48.02 11.98 -27.18
C MET C 34 46.84 12.80 -26.66
N THR C 35 45.65 12.50 -27.16
CA THR C 35 44.46 13.22 -26.72
C THR C 35 44.08 12.88 -25.29
N PHE C 36 43.66 13.89 -24.54
CA PHE C 36 43.25 13.72 -23.15
C PHE C 36 41.90 14.37 -22.92
N LYS C 37 41.09 13.79 -22.04
CA LYS C 37 39.77 14.34 -21.72
C LYS C 37 39.73 14.70 -20.26
N ILE C 38 39.33 15.94 -19.96
CA ILE C 38 39.25 16.41 -18.58
C ILE C 38 37.79 16.38 -18.17
N LEU C 39 37.50 15.79 -17.03
CA LEU C 39 36.12 15.67 -16.59
C LEU C 39 35.72 16.55 -15.43
N CYS C 40 34.71 17.37 -15.63
CA CYS C 40 34.19 18.22 -14.58
C CYS C 40 32.71 17.91 -14.64
N ILE C 41 32.14 17.29 -13.63
CA ILE C 41 30.72 16.98 -13.66
C ILE C 41 30.04 17.55 -12.44
N SER C 42 28.99 18.34 -12.60
CA SER C 42 28.29 18.88 -11.46
C SER C 42 26.84 18.45 -11.52
N CYS C 43 26.33 17.86 -10.45
CA CYS C 43 24.95 17.38 -10.46
C CYS C 43 24.01 18.17 -9.56
N LYS C 44 22.86 18.52 -10.10
CA LYS C 44 21.85 19.27 -9.36
C LYS C 44 21.32 18.40 -8.25
N ARG C 45 20.93 19.02 -7.15
CA ARG C 45 20.41 18.27 -6.01
C ARG C 45 19.15 17.53 -6.38
N ARG C 46 18.29 18.17 -7.17
CA ARG C 46 17.07 17.52 -7.59
C ARG C 46 17.03 17.48 -9.11
N SER C 47 16.84 16.29 -9.67
CA SER C 47 16.80 16.10 -11.11
C SER C 47 15.61 16.77 -11.80
N GLU C 48 14.47 16.79 -11.13
CA GLU C 48 13.25 17.36 -11.67
C GLU C 48 13.32 18.85 -12.01
N THR C 49 14.01 19.61 -11.18
CA THR C 49 14.12 21.06 -11.35
C THR C 49 14.85 21.40 -12.63
N ASN C 50 14.43 22.47 -13.31
CA ASN C 50 15.10 22.84 -14.55
C ASN C 50 15.78 24.19 -14.47
N ALA C 51 17.07 24.23 -14.81
CA ALA C 51 17.86 25.45 -14.76
C ALA C 51 18.77 25.61 -15.97
N GLU C 52 19.24 26.82 -16.22
CA GLU C 52 20.12 27.11 -17.33
C GLU C 52 21.55 27.31 -16.85
N THR C 53 22.49 26.59 -17.46
CA THR C 53 23.89 26.67 -17.05
C THR C 53 24.87 27.19 -18.09
N PHE C 54 26.00 27.68 -17.60
CA PHE C 54 27.10 28.17 -18.43
C PHE C 54 28.38 27.90 -17.64
N THR C 55 29.51 27.74 -18.31
CA THR C 55 30.76 27.41 -17.61
C THR C 55 31.97 28.20 -18.01
N GLU C 56 32.93 28.27 -17.09
CA GLU C 56 34.19 28.94 -17.33
C GLU C 56 35.29 28.03 -16.85
N TRP C 57 36.36 27.88 -17.62
CA TRP C 57 37.47 27.05 -17.22
C TRP C 57 38.65 27.96 -17.22
N THR C 58 39.42 28.00 -16.15
CA THR C 58 40.59 28.84 -16.14
C THR C 58 41.77 27.97 -15.82
N PHE C 59 42.88 28.12 -16.54
CA PHE C 59 44.06 27.30 -16.25
C PHE C 59 45.34 28.11 -16.03
N ARG C 60 46.08 27.74 -14.99
CA ARG C 60 47.37 28.37 -14.71
C ARG C 60 48.42 27.31 -14.93
N GLN C 61 49.41 27.60 -15.75
CA GLN C 61 50.46 26.63 -16.04
C GLN C 61 51.24 26.30 -14.77
N LYS C 62 51.73 25.07 -14.70
CA LYS C 62 52.49 24.62 -13.54
C LYS C 62 53.73 25.47 -13.34
N GLY C 63 54.06 25.75 -12.10
CA GLY C 63 55.21 26.57 -11.79
C GLY C 63 54.90 28.03 -11.94
N THR C 64 53.61 28.36 -12.09
CA THR C 64 53.16 29.73 -12.24
C THR C 64 52.00 30.04 -11.29
N GLU C 65 51.79 31.32 -11.01
CA GLU C 65 50.75 31.76 -10.09
C GLU C 65 49.63 32.50 -10.80
N GLU C 66 48.44 32.51 -10.20
CA GLU C 66 47.26 33.17 -10.75
C GLU C 66 46.57 32.24 -11.74
N PHE C 67 45.52 32.71 -12.41
CA PHE C 67 44.78 31.92 -13.38
C PHE C 67 44.42 32.78 -14.59
N VAL C 68 44.28 32.15 -15.75
CA VAL C 68 43.88 32.85 -16.96
C VAL C 68 42.69 32.06 -17.47
N LYS C 69 41.63 32.74 -17.85
CA LYS C 69 40.47 32.00 -18.33
C LYS C 69 40.79 31.55 -19.72
N ILE C 70 40.53 30.29 -20.01
CA ILE C 70 40.80 29.76 -21.34
C ILE C 70 39.55 29.64 -22.22
N LEU C 71 38.41 29.28 -21.63
CA LEU C 71 37.20 29.13 -22.41
C LEU C 71 35.91 29.42 -21.65
N ARG C 72 34.88 29.83 -22.38
CA ARG C 72 33.57 30.11 -21.81
C ARG C 72 32.55 29.44 -22.71
N TYR C 73 31.61 28.73 -22.10
CA TYR C 73 30.59 28.04 -22.86
C TYR C 73 29.23 28.44 -22.34
N GLU C 74 28.52 29.22 -23.16
CA GLU C 74 27.18 29.69 -22.80
C GLU C 74 26.30 29.47 -24.02
N ASN C 75 25.02 29.26 -23.78
CA ASN C 75 24.09 28.96 -24.87
C ASN C 75 24.59 27.69 -25.53
N GLU C 76 24.75 27.68 -26.85
CA GLU C 76 25.20 26.47 -27.55
C GLU C 76 26.61 26.51 -28.11
N VAL C 77 27.11 27.71 -28.39
CA VAL C 77 28.44 27.94 -28.92
C VAL C 77 29.48 27.97 -27.83
N LEU C 78 30.69 27.53 -28.14
CA LEU C 78 31.78 27.53 -27.17
C LEU C 78 32.76 28.62 -27.53
N GLN C 79 33.12 29.45 -26.56
CA GLN C 79 34.08 30.51 -26.83
C GLN C 79 35.36 30.15 -26.12
N LEU C 80 36.45 30.04 -26.87
CA LEU C 80 37.73 29.68 -26.28
C LEU C 80 38.70 30.84 -26.37
N GLU C 81 39.38 31.11 -25.26
CA GLU C 81 40.37 32.17 -25.19
C GLU C 81 41.36 32.03 -26.34
N GLU C 82 41.78 33.17 -26.87
CA GLU C 82 42.72 33.25 -27.98
C GLU C 82 44.19 32.89 -27.74
N ASP C 83 44.63 32.78 -26.50
CA ASP C 83 46.05 32.47 -26.25
C ASP C 83 46.49 31.16 -26.90
N GLU C 84 47.72 31.19 -27.42
CA GLU C 84 48.35 30.07 -28.15
C GLU C 84 48.58 28.77 -27.40
N ARG C 85 48.77 28.84 -26.09
CA ARG C 85 49.03 27.63 -25.35
C ARG C 85 47.86 26.69 -25.54
N PHE C 86 46.64 27.21 -25.44
CA PHE C 86 45.46 26.38 -25.64
C PHE C 86 44.80 26.59 -26.97
N GLU C 87 45.36 27.45 -27.79
CA GLU C 87 44.73 27.72 -29.06
C GLU C 87 44.73 26.56 -30.03
N GLY C 88 43.56 26.32 -30.61
CA GLY C 88 43.36 25.31 -31.64
C GLY C 88 43.34 23.82 -31.34
N ARG C 89 43.55 23.41 -30.10
CA ARG C 89 43.56 21.99 -29.74
C ARG C 89 42.51 21.54 -28.71
N VAL C 90 41.43 22.28 -28.56
CA VAL C 90 40.42 21.95 -27.56
C VAL C 90 39.05 21.69 -28.16
N VAL C 91 38.33 20.74 -27.58
CA VAL C 91 37.00 20.39 -28.04
C VAL C 91 36.09 20.24 -26.83
N TRP C 92 34.79 20.38 -27.04
CA TRP C 92 33.86 20.26 -25.94
C TRP C 92 33.22 18.90 -25.87
N ASN C 93 33.22 18.31 -24.69
CA ASN C 93 32.57 17.04 -24.47
C ASN C 93 31.39 17.21 -23.52
N GLY C 94 30.96 18.44 -23.30
CA GLY C 94 29.87 18.66 -22.38
C GLY C 94 28.53 18.20 -22.93
N SER C 95 27.48 18.35 -22.14
CA SER C 95 26.15 17.94 -22.56
C SER C 95 25.80 18.74 -23.81
N ARG C 96 25.15 18.11 -24.77
CA ARG C 96 24.81 18.79 -26.01
C ARG C 96 23.35 19.07 -26.25
N GLY C 97 23.03 20.33 -26.45
CA GLY C 97 21.68 20.78 -26.76
C GLY C 97 20.75 20.92 -25.58
N THR C 98 21.20 20.48 -24.42
CA THR C 98 20.37 20.56 -23.22
C THR C 98 20.09 21.98 -22.77
N LYS C 99 21.12 22.81 -22.81
CA LYS C 99 21.01 24.20 -22.37
C LYS C 99 21.06 24.26 -20.86
N ASP C 100 21.08 23.08 -20.24
CA ASP C 100 21.16 22.86 -18.81
C ASP C 100 22.20 21.77 -18.79
N LEU C 101 23.47 22.16 -18.88
CA LEU C 101 24.55 21.21 -19.04
C LEU C 101 24.81 20.11 -18.03
N GLN C 102 24.87 20.39 -16.75
CA GLN C 102 25.09 19.29 -15.82
C GLN C 102 26.49 18.72 -15.91
N ASP C 103 26.89 18.29 -17.09
CA ASP C 103 28.22 17.74 -17.28
C ASP C 103 29.02 18.65 -18.18
N LEU C 104 30.14 19.15 -17.67
CA LEU C 104 31.00 20.00 -18.46
C LEU C 104 32.32 19.29 -18.53
N SER C 105 32.81 19.04 -19.75
CA SER C 105 34.08 18.36 -19.90
C SER C 105 34.79 18.97 -21.06
N ILE C 106 36.11 18.98 -21.00
CA ILE C 106 36.90 19.55 -22.06
C ILE C 106 37.80 18.44 -22.58
N PHE C 107 37.93 18.36 -23.90
CA PHE C 107 38.77 17.34 -24.54
C PHE C 107 39.81 18.08 -25.35
N ILE C 108 41.05 17.67 -25.17
CA ILE C 108 42.19 18.26 -25.83
C ILE C 108 42.78 17.26 -26.78
N THR C 109 43.08 17.69 -27.99
CA THR C 109 43.68 16.82 -28.99
C THR C 109 45.15 17.22 -29.02
N ASN C 110 46.03 16.28 -29.33
CA ASN C 110 47.45 16.64 -29.37
C ASN C 110 47.93 17.28 -28.07
N VAL C 111 47.83 16.53 -26.96
CA VAL C 111 48.27 17.01 -25.66
C VAL C 111 49.73 17.38 -25.72
N THR C 112 50.12 18.43 -25.03
CA THR C 112 51.49 18.90 -25.02
C THR C 112 51.92 19.25 -23.62
N TYR C 113 53.23 19.42 -23.44
CA TYR C 113 53.79 19.76 -22.15
C TYR C 113 53.24 21.09 -21.66
N ASN C 114 53.00 22.00 -22.60
CA ASN C 114 52.48 23.28 -22.23
C ASN C 114 51.14 23.10 -21.54
N HIS C 115 50.36 22.07 -21.88
CA HIS C 115 49.11 21.88 -21.16
C HIS C 115 49.29 21.12 -19.82
N SER C 116 49.95 21.73 -18.85
CA SER C 116 50.13 21.09 -17.55
C SER C 116 49.96 22.07 -16.39
N GLY C 117 49.38 21.65 -15.27
CA GLY C 117 49.18 22.58 -14.16
C GLY C 117 47.87 22.38 -13.41
N ASP C 118 47.28 23.47 -12.96
CA ASP C 118 46.01 23.47 -12.23
C ASP C 118 44.91 24.03 -13.13
N TYR C 119 43.77 23.34 -13.12
CA TYR C 119 42.61 23.72 -13.90
C TYR C 119 41.48 23.95 -12.94
N GLU C 120 40.84 25.10 -13.03
CA GLU C 120 39.72 25.40 -12.15
C GLU C 120 38.50 25.64 -13.04
N CYS C 121 37.42 24.91 -12.78
CA CYS C 121 36.22 25.09 -13.58
C CYS C 121 35.06 25.55 -12.71
N HIS C 122 34.49 26.71 -13.02
CA HIS C 122 33.39 27.27 -12.25
C HIS C 122 32.12 27.14 -13.04
N VAL C 123 31.02 26.84 -12.37
CA VAL C 123 29.73 26.67 -13.03
C VAL C 123 28.70 27.70 -12.59
N TYR C 124 27.98 28.28 -13.53
CA TYR C 124 26.93 29.24 -13.20
C TYR C 124 25.62 28.68 -13.73
N ARG C 125 24.66 28.56 -12.84
CA ARG C 125 23.34 27.96 -13.01
C ARG C 125 22.13 28.81 -12.66
N LEU C 126 21.18 28.98 -13.59
CA LEU C 126 19.99 29.74 -13.30
C LEU C 126 18.88 28.73 -13.13
N LEU C 127 18.35 28.68 -11.92
CA LEU C 127 17.33 27.73 -11.55
C LEU C 127 16.00 28.44 -11.52
N PHE C 128 15.01 27.91 -12.21
CA PHE C 128 13.73 28.54 -12.23
C PHE C 128 12.78 27.77 -11.35
N PHE C 129 12.22 28.47 -10.39
CA PHE C 129 11.31 27.93 -9.41
C PHE C 129 9.97 28.60 -9.63
N GLU C 130 8.99 28.37 -8.76
CA GLU C 130 7.68 28.97 -8.99
C GLU C 130 7.70 30.50 -9.01
N ASN C 131 8.32 31.11 -8.01
CA ASN C 131 8.43 32.57 -7.98
C ASN C 131 9.81 32.97 -7.52
N TYR C 132 10.70 31.99 -7.50
CA TYR C 132 12.06 32.12 -7.03
C TYR C 132 13.00 31.84 -8.17
N GLU C 133 13.99 32.69 -8.37
CA GLU C 133 14.98 32.48 -9.41
C GLU C 133 16.27 32.42 -8.63
N HIS C 134 17.03 31.34 -8.72
CA HIS C 134 18.26 31.21 -7.95
C HIS C 134 19.52 31.13 -8.77
N ASN C 135 20.55 31.90 -8.41
CA ASN C 135 21.81 31.87 -9.11
C ASN C 135 22.83 31.23 -8.20
N THR C 136 23.51 30.19 -8.67
CA THR C 136 24.47 29.48 -7.84
C THR C 136 25.82 29.29 -8.51
N SER C 137 26.85 29.12 -7.69
CA SER C 137 28.20 28.90 -8.19
C SER C 137 28.83 27.72 -7.47
N VAL C 138 29.41 26.80 -8.22
CA VAL C 138 30.10 25.65 -7.63
C VAL C 138 31.44 25.58 -8.34
N VAL C 139 32.52 25.31 -7.62
CA VAL C 139 33.83 25.24 -8.25
C VAL C 139 34.49 23.87 -8.14
N LYS C 140 35.00 23.38 -9.26
CA LYS C 140 35.67 22.08 -9.29
C LYS C 140 37.10 22.26 -9.74
N LYS C 141 38.05 21.71 -8.98
CA LYS C 141 39.46 21.86 -9.32
C LYS C 141 40.13 20.56 -9.70
N ILE C 142 40.77 20.56 -10.86
CA ILE C 142 41.48 19.40 -11.37
C ILE C 142 42.91 19.80 -11.68
N HIS C 143 43.85 19.00 -11.18
CA HIS C 143 45.27 19.25 -11.41
C HIS C 143 45.82 18.11 -12.25
N ILE C 144 46.46 18.45 -13.37
CA ILE C 144 47.00 17.43 -14.27
C ILE C 144 48.48 17.62 -14.61
N GLU C 145 49.24 16.53 -14.54
CA GLU C 145 50.65 16.58 -14.87
C GLU C 145 50.90 15.63 -16.03
N VAL C 146 51.52 16.15 -17.09
CA VAL C 146 51.82 15.35 -18.26
C VAL C 146 52.97 14.39 -18.03
N VAL C 147 52.95 13.25 -18.72
CA VAL C 147 54.04 12.30 -18.59
C VAL C 147 54.32 11.68 -19.95
N ASP C 148 55.58 11.31 -20.15
CA ASP C 148 56.08 10.68 -21.38
C ASP C 148 55.50 9.30 -21.69
N LYS C 149 55.37 8.46 -20.67
CA LYS C 149 54.82 7.13 -20.86
C LYS C 149 53.77 6.83 -19.81
N ALA C 150 52.62 6.33 -20.24
CA ALA C 150 51.56 6.02 -19.30
C ALA C 150 52.01 4.90 -18.37
N ASN C 151 51.67 5.02 -17.09
CA ASN C 151 52.05 4.00 -16.11
C ASN C 151 50.85 3.43 -15.36
N ARG C 152 50.84 2.12 -15.17
CA ARG C 152 49.74 1.46 -14.48
C ARG C 152 49.62 1.97 -13.05
N ASP C 153 48.39 2.17 -12.60
CA ASP C 153 48.13 2.69 -11.26
C ASP C 153 48.59 1.68 -10.21
N MET C 154 48.91 2.17 -9.02
CA MET C 154 49.40 1.31 -7.96
C MET C 154 48.40 0.23 -7.60
N ALA C 155 47.12 0.60 -7.51
CA ALA C 155 46.10 -0.38 -7.18
C ALA C 155 45.99 -1.44 -8.26
N SER C 156 46.04 -1.01 -9.52
CA SER C 156 45.92 -1.96 -10.62
C SER C 156 47.07 -2.94 -10.69
N ILE C 157 48.29 -2.45 -10.57
CA ILE C 157 49.46 -3.31 -10.62
C ILE C 157 49.57 -4.24 -9.44
N VAL C 158 49.30 -3.70 -8.26
CA VAL C 158 49.40 -4.46 -7.03
C VAL C 158 48.34 -5.55 -7.01
N SER C 159 47.14 -5.20 -7.51
CA SER C 159 46.05 -6.16 -7.52
C SER C 159 46.39 -7.37 -8.39
N GLU C 160 47.01 -7.13 -9.53
CA GLU C 160 47.40 -8.18 -10.45
C GLU C 160 48.43 -9.10 -9.83
N ILE C 161 49.39 -8.53 -9.13
CA ILE C 161 50.43 -9.30 -8.49
C ILE C 161 49.84 -10.07 -7.32
N MET C 162 48.96 -9.38 -6.60
CA MET C 162 48.31 -9.98 -5.45
C MET C 162 47.43 -11.15 -5.85
N MET C 163 46.76 -11.04 -7.00
CA MET C 163 45.89 -12.11 -7.45
C MET C 163 46.63 -13.42 -7.70
N TYR C 164 47.79 -13.34 -8.33
CA TYR C 164 48.55 -14.55 -8.63
C TYR C 164 49.01 -15.26 -7.37
N VAL C 165 49.48 -14.48 -6.39
CA VAL C 165 49.95 -15.06 -5.16
C VAL C 165 48.83 -15.86 -4.52
N LEU C 166 47.62 -15.33 -4.55
CA LEU C 166 46.49 -16.02 -3.97
C LEU C 166 46.21 -17.32 -4.71
N ILE C 167 46.28 -17.28 -6.03
CA ILE C 167 46.04 -18.47 -6.84
C ILE C 167 47.09 -19.52 -6.54
N VAL C 168 48.35 -19.11 -6.44
CA VAL C 168 49.42 -20.06 -6.17
C VAL C 168 49.25 -20.70 -4.79
N VAL C 169 48.89 -19.92 -3.79
CA VAL C 169 48.73 -20.48 -2.46
C VAL C 169 47.62 -21.51 -2.39
N LEU C 170 46.49 -21.21 -3.02
CA LEU C 170 45.38 -22.14 -3.00
C LEU C 170 45.75 -23.42 -3.73
N THR C 171 46.40 -23.28 -4.87
CA THR C 171 46.82 -24.44 -5.64
C THR C 171 47.84 -25.22 -4.83
N ILE C 172 48.73 -24.49 -4.18
CA ILE C 172 49.75 -25.10 -3.35
C ILE C 172 49.09 -25.78 -2.16
N TRP C 173 48.09 -25.11 -1.59
CA TRP C 173 47.37 -25.64 -0.44
C TRP C 173 46.63 -26.91 -0.80
N LEU C 174 46.04 -26.96 -1.99
CA LEU C 174 45.33 -28.16 -2.40
C LEU C 174 46.27 -29.33 -2.64
N VAL C 175 47.38 -29.07 -3.30
CA VAL C 175 48.37 -30.10 -3.57
C VAL C 175 48.99 -30.62 -2.29
N ALA C 176 49.28 -29.72 -1.37
CA ALA C 176 49.85 -30.10 -0.10
C ALA C 176 48.80 -30.93 0.61
N GLU C 177 47.55 -30.50 0.48
CA GLU C 177 46.44 -31.18 1.12
C GLU C 177 46.28 -32.60 0.58
N MET C 178 46.44 -32.76 -0.72
CA MET C 178 46.31 -34.06 -1.35
C MET C 178 47.47 -34.96 -0.95
N ILE C 179 48.66 -34.39 -0.92
CA ILE C 179 49.84 -35.17 -0.58
C ILE C 179 49.74 -35.73 0.83
N TYR C 180 49.28 -34.93 1.77
CA TYR C 180 49.16 -35.41 3.13
C TYR C 180 48.07 -36.47 3.15
N CYS C 181 46.99 -36.18 2.45
CA CYS C 181 45.86 -37.10 2.37
C CYS C 181 46.21 -38.40 1.67
N TYR C 182 46.96 -38.31 0.57
CA TYR C 182 47.29 -39.51 -0.17
C TYR C 182 48.14 -40.53 0.60
N LYS C 183 49.14 -40.06 1.33
CA LYS C 183 49.99 -40.95 2.08
C LYS C 183 49.20 -41.67 3.15
N LYS C 184 48.33 -40.93 3.82
CA LYS C 184 47.50 -41.53 4.87
C LYS C 184 46.55 -42.58 4.32
N ILE C 185 45.91 -42.29 3.19
CA ILE C 185 44.97 -43.22 2.58
C ILE C 185 45.68 -44.49 2.14
N ALA C 186 46.87 -44.33 1.54
CA ALA C 186 47.64 -45.47 1.06
C ALA C 186 48.07 -46.38 2.20
N ALA C 187 48.45 -45.78 3.32
CA ALA C 187 48.91 -46.52 4.49
C ALA C 187 47.81 -47.39 5.06
N ALA C 188 46.58 -46.88 5.04
CA ALA C 188 45.44 -47.61 5.57
C ALA C 188 45.22 -48.91 4.80
N THR C 189 45.43 -48.86 3.49
CA THR C 189 45.25 -50.01 2.62
C THR C 189 46.16 -51.18 3.01
N GLU C 190 47.39 -50.88 3.38
CA GLU C 190 48.35 -51.90 3.75
C GLU C 190 48.00 -52.77 4.98
N THR C 191 47.45 -52.16 6.02
CA THR C 191 47.13 -52.88 7.26
C THR C 191 46.10 -54.03 7.24
N ALA C 192 44.98 -53.85 6.54
CA ALA C 192 43.96 -54.89 6.47
C ALA C 192 44.26 -55.83 5.31
C1 NAG D . -2.43 23.36 -21.83
C2 NAG D . -3.05 24.52 -22.59
C3 NAG D . -2.39 25.87 -22.28
C4 NAG D . -2.02 26.05 -20.83
C5 NAG D . -1.37 24.79 -20.30
C6 NAG D . -0.94 24.92 -18.85
C7 NAG D . -3.85 24.68 -24.85
C8 NAG D . -3.53 24.50 -26.30
N2 NAG D . -2.94 24.26 -24.00
O3 NAG D . -3.28 26.91 -22.66
O4 NAG D . -1.06 27.10 -20.74
O5 NAG D . -2.27 23.70 -20.46
O6 NAG D . -1.89 25.71 -18.14
O7 NAG D . -4.89 25.18 -24.47
C1 NAG D . -1.61 28.31 -20.18
C2 NAG D . -0.46 29.05 -19.49
C3 NAG D . -0.90 30.42 -19.02
C4 NAG D . -1.40 31.20 -20.20
C5 NAG D . -2.55 30.45 -20.84
C6 NAG D . -3.04 31.19 -22.08
C7 NAG D . 1.43 28.21 -18.30
C8 NAG D . 2.01 28.18 -16.92
N2 NAG D . 0.12 28.33 -18.38
O3 NAG D . 0.25 31.07 -18.47
O4 NAG D . -1.84 32.49 -19.77
O5 NAG D . -2.13 29.13 -21.24
O6 NAG D . -2.47 30.58 -23.23
O7 NAG D . 2.12 28.13 -19.30
C1 NAG E . -15.28 14.16 -35.78
C2 NAG E . -16.54 13.81 -36.54
C3 NAG E . -16.71 14.79 -37.69
C4 NAG E . -16.68 16.23 -37.23
C5 NAG E . -15.54 16.47 -36.26
C6 NAG E . -15.68 17.83 -35.59
C7 NAG E . -15.54 11.98 -37.81
C8 NAG E . -14.69 12.97 -38.55
N2 NAG E . -16.51 12.45 -37.05
O3 NAG E . -17.95 14.51 -38.37
O4 NAG E . -16.41 16.99 -38.40
O5 NAG E . -15.49 15.46 -35.24
O6 NAG E . -17.05 18.15 -35.37
O7 NAG E . -15.34 10.77 -37.91
C1 NAG E . -17.11 18.25 -38.48
C2 NAG E . -18.61 18.22 -38.67
C3 NAG E . -19.07 19.56 -39.24
C4 NAG E . -18.49 20.74 -38.48
C5 NAG E . -16.99 20.54 -38.23
C6 NAG E . -16.40 21.70 -37.44
C7 NAG E . -20.20 17.08 -40.06
C8 NAG E . -20.40 16.10 -41.20
N2 NAG E . -18.97 17.15 -39.57
O3 NAG E . -20.50 19.62 -39.21
O4 NAG E . -18.66 21.92 -39.25
O5 NAG E . -16.77 19.28 -37.58
O6 NAG E . -15.11 22.00 -37.99
O7 NAG E . -21.10 17.78 -39.62
C1 NAG F . -23.30 45.46 1.66
C2 NAG F . -22.23 44.59 1.01
C3 NAG F . -22.74 43.97 -0.29
C4 NAG F . -24.09 43.29 -0.09
C5 NAG F . -25.06 44.28 0.56
C6 NAG F . -26.42 43.69 0.85
C7 NAG F . -19.79 44.84 0.88
C8 NAG F . -18.66 45.77 0.60
N2 NAG F . -21.02 45.36 0.77
O3 NAG F . -21.80 43.03 -0.77
O4 NAG F . -24.61 42.87 -1.34
O5 NAG F . -24.51 44.72 1.80
O6 NAG F . -27.43 44.42 0.19
O7 NAG F . -19.61 43.67 1.18
C1 NAG G . -1.22 20.03 -41.16
C2 NAG G . -1.32 18.57 -41.64
C3 NAG G . -0.74 18.43 -43.06
C4 NAG G . -1.35 19.45 -44.00
C5 NAG G . -1.18 20.85 -43.41
C6 NAG G . -1.80 21.94 -44.24
C7 NAG G . -1.04 16.45 -40.44
C8 NAG G . -0.21 15.68 -39.47
N2 NAG G . -0.62 17.69 -40.72
O3 NAG G . -1.00 17.11 -43.54
O4 NAG G . -0.69 19.39 -45.27
O5 NAG G . -1.83 20.90 -42.13
O6 NAG G . -0.82 22.91 -44.61
O7 NAG G . -2.04 15.98 -40.97
C1 NAG H . 12.62 46.60 6.11
C2 NAG H . 11.33 46.59 6.93
C3 NAG H . 10.73 47.99 7.03
C4 NAG H . 11.78 48.99 7.50
C5 NAG H . 13.01 48.91 6.61
C6 NAG H . 14.13 49.83 7.02
C7 NAG H . 9.51 44.95 7.06
C8 NAG H . 8.60 44.05 6.29
N2 NAG H . 10.36 45.68 6.34
O3 NAG H . 9.64 47.98 7.94
O4 NAG H . 11.24 50.32 7.45
O5 NAG H . 13.53 47.57 6.65
O6 NAG H . 14.47 50.71 5.96
O7 NAG H . 9.48 45.01 8.28
N12 9SR I . -4.17 3.22 -3.26
C13 9SR I . -3.64 2.04 -2.62
C15 9SR I . -2.07 1.72 -4.63
C17 9SR I . -2.23 3.19 -4.80
C21 9SR I . -1.46 5.41 -7.86
C02 9SR I . -3.28 5.49 -6.11
C03 9SR I . -1.92 5.00 -6.35
C05 9SR I . -1.89 3.56 -6.25
C07 9SR I . -4.21 3.42 -6.90
C09 9SR I . -4.67 3.01 -5.59
C11 9SR I . -3.69 3.62 -4.52
C19 9SR I . -3.73 5.15 -4.69
N14 9SR I . -2.57 1.25 -3.28
N18 9SR I . -4.15 1.64 -1.32
O01 9SR I . -4.22 4.89 -6.95
O04 9SR I . -1.04 5.57 -5.46
O06 9SR I . -2.88 2.92 -7.03
O08 9SR I . -5.05 2.87 -7.84
O10 9SR I . -4.59 1.62 -5.60
O16 9SR I . -0.71 1.45 -4.72
O20 9SR I . -5.01 5.55 -4.52
O22 9SR I . -2.38 4.87 -8.75
C1 NAG J . 34.22 14.98 -27.53
C2 NAG J . 32.75 14.63 -27.81
C3 NAG J . 32.60 14.04 -29.22
C4 NAG J . 33.26 14.95 -30.26
C5 NAG J . 34.71 15.22 -29.86
C6 NAG J . 35.43 16.14 -30.80
C7 NAG J . 31.01 13.71 -26.36
C8 NAG J . 30.67 12.67 -25.33
N2 NAG J . 32.26 13.69 -26.82
O3 NAG J . 31.22 13.89 -29.52
O4 NAG J . 33.22 14.30 -31.53
O5 NAG J . 34.72 15.84 -28.57
O6 NAG J . 36.58 15.51 -31.33
O7 NAG J . 30.18 14.51 -26.77
C1 NAG K . 50.46 16.84 -32.86
C2 NAG K . 49.95 16.40 -34.24
C3 NAG K . 51.06 16.50 -35.29
C4 NAG K . 51.73 17.87 -35.25
C5 NAG K . 52.20 18.18 -33.83
C6 NAG K . 52.81 19.56 -33.69
C7 NAG K . 48.49 14.58 -35.01
C8 NAG K . 48.07 13.16 -34.79
N2 NAG K . 49.43 15.05 -34.18
O3 NAG K . 50.51 16.29 -36.58
O4 NAG K . 52.84 17.92 -36.14
O5 NAG K . 51.07 18.13 -32.95
O6 NAG K . 53.72 19.61 -32.61
O7 NAG K . 48.02 15.27 -35.90
C1 NAG L . 55.05 26.13 -25.31
C2 NAG L . 54.79 27.19 -26.39
C3 NAG L . 55.99 28.14 -26.49
C4 NAG L . 56.35 28.72 -25.12
C5 NAG L . 56.54 27.59 -24.10
C6 NAG L . 56.77 28.11 -22.69
C7 NAG L . 53.71 27.14 -28.58
C8 NAG L . 53.50 26.38 -29.85
N2 NAG L . 54.50 26.58 -27.67
O3 NAG L . 55.69 29.20 -27.38
O4 NAG L . 57.54 29.49 -25.21
O5 NAG L . 55.37 26.76 -24.06
O6 NAG L . 55.70 27.76 -21.83
O7 NAG L . 53.18 28.24 -28.40
C1 NAG M . 23.63 35.48 -12.20
C2 NAG M . 25.14 35.34 -12.51
C3 NAG M . 25.70 36.66 -13.05
C4 NAG M . 24.85 37.20 -14.19
C5 NAG M . 23.40 37.29 -13.74
C6 NAG M . 22.46 37.76 -14.83
C7 NAG M . 26.91 34.11 -11.37
C8 NAG M . 27.55 33.76 -10.06
N2 NAG M . 25.86 34.92 -11.33
O3 NAG M . 27.03 36.46 -13.49
O4 NAG M . 25.32 38.49 -14.56
O5 NAG M . 22.95 35.98 -13.35
O6 NAG M . 21.76 38.94 -14.42
O7 NAG M . 27.35 33.68 -12.44
#